data_5KLL
#
_entry.id   5KLL
#
_cell.length_a   88.364
_cell.length_b   143.055
_cell.length_c   174.076
_cell.angle_alpha   90.000
_cell.angle_beta   90.000
_cell.angle_gamma   90.000
#
_symmetry.space_group_name_H-M   'P 21 21 21'
#
loop_
_entity.id
_entity.type
_entity.pdbx_description
1 polymer '2-aminomuconate 6-semialdehyde dehydrogenase'
2 non-polymer '(3~{E},5~{E})-6-oxidanyl-2-oxidanylidene-hexa-3,5-dienoic acid'
3 non-polymer 'SODIUM ION'
4 water water
#
_entity_poly.entity_id   1
_entity_poly.type   'polypeptide(L)'
_entity_poly.pdbx_seq_one_letter_code
;MGSSHHHHHHSSGLVPRGSHMNTLPSQVWRTNIGSAPSQLLNYIDGNFVTSASSFANINPVNGKLISDVFEADAKQVNEA
VVAAQNALKGPWGKLSVQDRAALIHKIADGIQARFEEFVAAEVADTGRPVHQARTLDIPRAIANFRTFADLAKTSHTDLF
EMSTSDGSGALNYTVRKPLGVIGVISPWDLPLLLFTWKVAPALACGNTVVAKPSEESPSSATLLAEVMHDAGVPPGVFNL
IHGFGKDSAGEFLTQHPGISALTFTGESKTGSTIMKAVADGVKEVSFELGGKNAAVVFADADLDAAIEGVLRSSFTNSGQ
VCLCSERVYVHRSIFDEFVSGLKVEAERLVVGYPDQDGVNMGPLISHGHRDKVLSYYRLAVDEGATVVTGGGVPKFNDER
DQGAYVQPTIWTGLSDKARCVTEEIFGPVCHISPFDDEDEVINRVNDSNYGLACAIWTTNLSRAHRVSRQIHVGLVWVNT
WYLRDLRTPFGGVKLSGLGREGGRFSMDFYSDIANICIKI
;
_entity_poly.pdbx_strand_id   A,B,C,D
#
# COMPACT_ATOMS: atom_id res chain seq x y z
N SER A 38 -45.67 -15.62 -8.67
CA SER A 38 -46.58 -15.74 -7.55
C SER A 38 -45.96 -16.43 -6.31
N GLN A 39 -44.86 -17.15 -6.48
CA GLN A 39 -44.21 -17.81 -5.34
C GLN A 39 -42.68 -17.63 -5.31
N LEU A 40 -42.15 -17.27 -4.16
CA LEU A 40 -40.70 -17.12 -3.99
C LEU A 40 -40.16 -18.15 -3.00
N LEU A 41 -39.30 -19.04 -3.49
CA LEU A 41 -38.75 -20.10 -2.64
C LEU A 41 -37.41 -19.71 -2.03
N ASN A 42 -37.08 -20.40 -0.94
CA ASN A 42 -35.74 -20.39 -0.38
C ASN A 42 -34.79 -21.19 -1.27
N TYR A 43 -33.49 -20.92 -1.14
CA TYR A 43 -32.49 -21.66 -1.90
C TYR A 43 -31.41 -22.14 -0.94
N ILE A 44 -31.43 -23.44 -0.69
CA ILE A 44 -30.63 -24.06 0.35
C ILE A 44 -29.93 -25.28 -0.23
N ASP A 45 -28.60 -25.31 -0.13
CA ASP A 45 -27.78 -26.44 -0.58
C ASP A 45 -28.04 -26.84 -2.03
N GLY A 46 -28.11 -25.86 -2.92
CA GLY A 46 -28.31 -26.12 -4.34
C GLY A 46 -29.74 -26.39 -4.81
N ASN A 47 -30.70 -26.28 -3.91
CA ASN A 47 -32.10 -26.56 -4.26
C ASN A 47 -33.07 -25.46 -3.81
N PHE A 48 -34.02 -25.14 -4.68
CA PHE A 48 -35.15 -24.31 -4.28
C PHE A 48 -36.11 -25.14 -3.43
N VAL A 49 -36.39 -24.67 -2.22
CA VAL A 49 -37.27 -25.38 -1.31
C VAL A 49 -38.36 -24.46 -0.78
N THR A 50 -39.52 -25.03 -0.54
CA THR A 50 -40.64 -24.29 0.04
C THR A 50 -40.51 -24.33 1.56
N SER A 51 -41.54 -23.86 2.24
CA SER A 51 -41.60 -23.85 3.70
C SER A 51 -43.02 -24.17 4.14
N ALA A 52 -43.21 -24.36 5.44
CA ALA A 52 -44.53 -24.65 5.99
C ALA A 52 -45.41 -23.40 5.99
N SER A 53 -44.82 -22.25 6.28
CA SER A 53 -45.52 -20.96 6.24
C SER A 53 -45.11 -20.12 5.03
N SER A 54 -45.98 -19.22 4.62
CA SER A 54 -45.68 -18.24 3.60
C SER A 54 -46.19 -16.88 4.06
N PHE A 55 -45.71 -15.82 3.40
CA PHE A 55 -46.19 -14.46 3.70
C PHE A 55 -46.37 -13.62 2.43
N ALA A 56 -47.16 -12.56 2.56
CA ALA A 56 -47.51 -11.76 1.41
C ALA A 56 -46.42 -10.76 1.04
N ASN A 57 -46.14 -10.71 -0.26
CA ASN A 57 -45.33 -9.70 -0.93
C ASN A 57 -46.32 -8.78 -1.65
N ILE A 58 -46.47 -7.55 -1.17
CA ILE A 58 -47.49 -6.61 -1.65
C ILE A 58 -46.92 -5.45 -2.48
N ASN A 59 -47.49 -5.16 -3.65
CA ASN A 59 -47.04 -4.03 -4.48
C ASN A 59 -47.47 -2.68 -3.88
N PRO A 60 -46.50 -1.85 -3.47
CA PRO A 60 -46.88 -0.58 -2.82
C PRO A 60 -47.56 0.44 -3.76
N VAL A 61 -47.57 0.17 -5.06
CA VAL A 61 -48.19 1.10 -6.00
C VAL A 61 -49.72 1.05 -5.89
N ASN A 62 -50.25 -0.14 -5.64
CA ASN A 62 -51.69 -0.34 -5.67
C ASN A 62 -52.21 -1.26 -4.59
N GLY A 63 -51.34 -1.67 -3.66
CA GLY A 63 -51.74 -2.57 -2.58
C GLY A 63 -52.05 -4.01 -2.97
N LYS A 64 -51.76 -4.40 -4.21
CA LYS A 64 -52.09 -5.75 -4.67
C LYS A 64 -51.02 -6.80 -4.32
N LEU A 65 -51.45 -8.05 -4.24
CA LEU A 65 -50.57 -9.18 -3.96
C LEU A 65 -49.71 -9.51 -5.17
N ILE A 66 -48.39 -9.54 -5.00
CA ILE A 66 -47.46 -9.89 -6.07
C ILE A 66 -47.15 -11.39 -6.01
N SER A 67 -46.78 -11.87 -4.83
CA SER A 67 -46.35 -13.24 -4.67
C SER A 67 -46.50 -13.69 -3.23
N ASP A 68 -46.42 -15.00 -3.04
CA ASP A 68 -46.30 -15.59 -1.71
C ASP A 68 -44.84 -16.02 -1.53
N VAL A 69 -44.32 -15.77 -0.34
CA VAL A 69 -42.91 -15.99 -0.06
C VAL A 69 -42.80 -16.99 1.07
N PHE A 70 -42.15 -18.11 0.81
CA PHE A 70 -41.97 -19.12 1.85
C PHE A 70 -40.96 -18.73 2.93
N GLU A 71 -41.40 -18.76 4.17
CA GLU A 71 -40.61 -18.26 5.29
C GLU A 71 -39.74 -19.37 5.87
N ALA A 72 -38.43 -19.19 5.86
CA ALA A 72 -37.54 -20.18 6.44
C ALA A 72 -37.72 -20.30 7.97
N ASP A 73 -37.84 -21.53 8.46
CA ASP A 73 -37.91 -21.75 9.91
C ASP A 73 -36.52 -22.03 10.47
N ALA A 74 -36.44 -22.24 11.78
CA ALA A 74 -35.15 -22.41 12.43
C ALA A 74 -34.38 -23.61 11.87
N LYS A 75 -35.11 -24.66 11.54
CA LYS A 75 -34.52 -25.87 10.96
C LYS A 75 -33.88 -25.59 9.60
N GLN A 76 -34.59 -24.86 8.75
CA GLN A 76 -34.08 -24.54 7.42
C GLN A 76 -32.88 -23.60 7.48
N VAL A 77 -32.91 -22.64 8.39
CA VAL A 77 -31.77 -21.75 8.60
C VAL A 77 -30.56 -22.57 9.05
N ASN A 78 -30.77 -23.49 9.99
CA ASN A 78 -29.69 -24.39 10.39
C ASN A 78 -29.14 -25.20 9.22
N GLU A 79 -30.03 -25.77 8.43
CA GLU A 79 -29.62 -26.50 7.23
C GLU A 79 -28.78 -25.63 6.28
N ALA A 80 -29.19 -24.38 6.10
CA ALA A 80 -28.44 -23.48 5.22
C ALA A 80 -27.02 -23.24 5.75
N VAL A 81 -26.92 -22.96 7.04
CA VAL A 81 -25.63 -22.71 7.69
C VAL A 81 -24.71 -23.94 7.61
N VAL A 82 -25.24 -25.12 7.95
CA VAL A 82 -24.45 -26.35 7.85
C VAL A 82 -23.99 -26.57 6.41
N ALA A 83 -24.89 -26.38 5.44
CA ALA A 83 -24.53 -26.53 4.03
C ALA A 83 -23.42 -25.55 3.63
N ALA A 84 -23.46 -24.35 4.18
CA ALA A 84 -22.44 -23.35 3.91
C ALA A 84 -21.09 -23.76 4.52
N GLN A 85 -21.12 -24.26 5.75
CA GLN A 85 -19.94 -24.81 6.40
C GLN A 85 -19.31 -25.91 5.56
N ASN A 86 -20.15 -26.83 5.09
CA ASN A 86 -19.66 -27.94 4.29
C ASN A 86 -19.13 -27.53 2.92
N ALA A 87 -19.73 -26.51 2.32
CA ALA A 87 -19.30 -26.08 0.98
C ALA A 87 -17.87 -25.53 0.99
N LEU A 88 -17.47 -25.01 2.14
CA LEU A 88 -16.10 -24.54 2.36
C LEU A 88 -15.04 -25.65 2.19
N LYS A 89 -15.44 -26.90 2.42
CA LYS A 89 -14.55 -28.05 2.27
C LYS A 89 -14.77 -28.77 0.94
N GLY A 90 -15.63 -28.21 0.10
CA GLY A 90 -15.91 -28.82 -1.19
C GLY A 90 -15.14 -28.16 -2.31
N PRO A 91 -15.62 -28.33 -3.55
CA PRO A 91 -15.02 -27.75 -4.75
C PRO A 91 -14.77 -26.23 -4.65
N TRP A 92 -15.65 -25.50 -3.97
CA TRP A 92 -15.54 -24.06 -3.86
C TRP A 92 -14.24 -23.70 -3.14
N GLY A 93 -13.94 -24.45 -2.09
CA GLY A 93 -12.70 -24.26 -1.35
C GLY A 93 -11.44 -24.59 -2.14
N LYS A 94 -11.57 -25.30 -3.26
CA LYS A 94 -10.39 -25.71 -4.04
C LYS A 94 -10.09 -24.80 -5.24
N LEU A 95 -11.05 -23.96 -5.63
CA LEU A 95 -10.85 -23.06 -6.75
C LEU A 95 -9.70 -22.11 -6.51
N SER A 96 -8.88 -21.88 -7.53
CA SER A 96 -7.89 -20.83 -7.48
C SER A 96 -8.60 -19.47 -7.39
N VAL A 97 -7.87 -18.45 -6.96
CA VAL A 97 -8.41 -17.09 -6.95
C VAL A 97 -8.89 -16.67 -8.35
N GLN A 98 -8.12 -17.00 -9.39
CA GLN A 98 -8.53 -16.65 -10.76
C GLN A 98 -9.81 -17.38 -11.21
N ASP A 99 -9.95 -18.63 -10.82
CA ASP A 99 -11.15 -19.41 -11.19
C ASP A 99 -12.38 -18.93 -10.42
N ARG A 100 -12.19 -18.57 -9.15
CA ARG A 100 -13.27 -18.03 -8.34
C ARG A 100 -13.73 -16.69 -8.92
N ALA A 101 -12.79 -15.81 -9.25
CA ALA A 101 -13.11 -14.55 -9.88
C ALA A 101 -13.84 -14.72 -11.21
N ALA A 102 -13.43 -15.72 -11.99
CA ALA A 102 -14.06 -15.94 -13.30
C ALA A 102 -15.50 -16.36 -13.14
N LEU A 103 -15.77 -17.19 -12.13
CA LEU A 103 -17.12 -17.62 -11.83
C LEU A 103 -17.99 -16.46 -11.33
N ILE A 104 -17.41 -15.59 -10.52
CA ILE A 104 -18.15 -14.42 -10.04
C ILE A 104 -18.47 -13.47 -11.19
N HIS A 105 -17.54 -13.32 -12.13
CA HIS A 105 -17.84 -12.63 -13.38
C HIS A 105 -19.00 -13.27 -14.14
N LYS A 106 -19.13 -14.59 -14.06
CA LYS A 106 -20.24 -15.29 -14.70
C LYS A 106 -21.58 -14.99 -14.04
N ILE A 107 -21.58 -14.84 -12.71
CA ILE A 107 -22.76 -14.41 -12.00
C ILE A 107 -23.23 -13.04 -12.52
N ALA A 108 -22.28 -12.11 -12.61
CA ALA A 108 -22.53 -10.79 -13.17
C ALA A 108 -23.12 -10.87 -14.60
N ASP A 109 -22.55 -11.75 -15.43
CA ASP A 109 -23.01 -11.92 -16.80
C ASP A 109 -24.45 -12.41 -16.84
N GLY A 110 -24.79 -13.34 -15.95
CA GLY A 110 -26.12 -13.91 -15.88
C GLY A 110 -27.18 -12.91 -15.40
N ILE A 111 -26.78 -11.98 -14.54
CA ILE A 111 -27.70 -10.90 -14.17
C ILE A 111 -27.90 -10.04 -15.39
N GLN A 112 -26.80 -9.71 -16.08
CA GLN A 112 -26.86 -8.86 -17.26
C GLN A 112 -27.76 -9.45 -18.35
N ALA A 113 -27.75 -10.78 -18.46
CA ALA A 113 -28.47 -11.47 -19.51
C ALA A 113 -29.96 -11.49 -19.19
N ARG A 114 -30.29 -11.21 -17.93
CA ARG A 114 -31.68 -11.18 -17.49
C ARG A 114 -31.99 -9.79 -16.93
N PHE A 115 -31.32 -8.79 -17.50
CA PHE A 115 -31.37 -7.44 -16.99
C PHE A 115 -32.79 -6.92 -16.74
N GLU A 116 -33.66 -7.04 -17.74
CA GLU A 116 -35.00 -6.49 -17.65
C GLU A 116 -35.89 -7.26 -16.65
N GLU A 117 -35.64 -8.55 -16.48
CA GLU A 117 -36.31 -9.31 -15.43
C GLU A 117 -35.95 -8.81 -14.04
N PHE A 118 -34.67 -8.51 -13.82
CA PHE A 118 -34.25 -7.97 -12.54
C PHE A 118 -34.87 -6.59 -12.32
N VAL A 119 -34.95 -5.80 -13.40
CA VAL A 119 -35.57 -4.48 -13.30
C VAL A 119 -37.03 -4.60 -12.86
N ALA A 120 -37.79 -5.47 -13.53
CA ALA A 120 -39.20 -5.68 -13.23
C ALA A 120 -39.43 -6.23 -11.83
N ALA A 121 -38.53 -7.09 -11.36
CA ALA A 121 -38.61 -7.61 -10.00
C ALA A 121 -38.44 -6.52 -8.94
N GLU A 122 -37.42 -5.67 -9.11
CA GLU A 122 -37.13 -4.63 -8.12
C GLU A 122 -38.25 -3.58 -8.12
N VAL A 123 -38.77 -3.28 -9.31
CA VAL A 123 -39.87 -2.33 -9.44
C VAL A 123 -41.17 -2.85 -8.82
N ALA A 124 -41.51 -4.11 -9.08
CA ALA A 124 -42.76 -4.65 -8.55
C ALA A 124 -42.78 -4.60 -7.03
N ASP A 125 -41.68 -5.02 -6.42
CA ASP A 125 -41.57 -5.02 -4.96
C ASP A 125 -41.65 -3.63 -4.34
N THR A 126 -41.09 -2.61 -4.97
CA THR A 126 -40.84 -1.40 -4.21
C THR A 126 -41.51 -0.16 -4.73
N GLY A 127 -42.05 -0.24 -5.92
CA GLY A 127 -42.62 0.93 -6.58
C GLY A 127 -41.62 1.91 -7.14
N ARG A 128 -40.33 1.58 -7.15
CA ARG A 128 -39.33 2.55 -7.62
C ARG A 128 -39.53 2.79 -9.12
N PRO A 129 -39.26 4.01 -9.59
CA PRO A 129 -39.38 4.30 -11.02
C PRO A 129 -38.49 3.35 -11.81
N VAL A 130 -38.99 2.92 -12.97
CA VAL A 130 -38.25 2.03 -13.84
C VAL A 130 -36.88 2.58 -14.21
N HIS A 131 -36.80 3.88 -14.49
N HIS A 131 -36.81 3.88 -14.47
CA HIS A 131 -35.53 4.48 -14.89
CA HIS A 131 -35.56 4.50 -14.89
C HIS A 131 -34.47 4.33 -13.80
C HIS A 131 -34.46 4.43 -13.82
N GLN A 132 -34.86 4.57 -12.55
CA GLN A 132 -33.93 4.38 -11.42
C GLN A 132 -33.43 2.93 -11.37
N ALA A 133 -34.32 1.96 -11.55
CA ALA A 133 -33.95 0.54 -11.56
C ALA A 133 -33.01 0.22 -12.71
N ARG A 134 -33.25 0.86 -13.85
CA ARG A 134 -32.41 0.64 -15.04
C ARG A 134 -31.03 1.30 -14.95
N THR A 135 -30.93 2.40 -14.21
CA THR A 135 -29.71 3.18 -14.21
C THR A 135 -28.89 3.05 -12.92
N LEU A 136 -29.57 2.87 -11.79
CA LEU A 136 -28.90 2.75 -10.51
C LEU A 136 -28.85 1.30 -9.99
N ASP A 137 -30.03 0.78 -9.67
CA ASP A 137 -30.15 -0.45 -8.90
C ASP A 137 -29.53 -1.69 -9.54
N ILE A 138 -29.93 -2.01 -10.75
CA ILE A 138 -29.42 -3.22 -11.38
C ILE A 138 -27.98 -3.11 -11.87
N PRO A 139 -27.63 -1.98 -12.53
CA PRO A 139 -26.21 -1.93 -12.93
C PRO A 139 -25.24 -1.95 -11.75
N ARG A 140 -25.60 -1.36 -10.61
CA ARG A 140 -24.70 -1.37 -9.45
C ARG A 140 -24.54 -2.79 -8.92
N ALA A 141 -25.60 -3.59 -9.03
CA ALA A 141 -25.55 -4.97 -8.58
C ALA A 141 -24.59 -5.80 -9.45
N ILE A 142 -24.62 -5.55 -10.76
CA ILE A 142 -23.67 -6.17 -11.67
C ILE A 142 -22.25 -5.69 -11.35
N ALA A 143 -22.11 -4.38 -11.19
CA ALA A 143 -20.82 -3.76 -10.91
C ALA A 143 -20.23 -4.22 -9.56
N ASN A 144 -21.09 -4.45 -8.57
CA ASN A 144 -20.62 -4.99 -7.29
C ASN A 144 -19.86 -6.32 -7.48
N PHE A 145 -20.47 -7.26 -8.18
CA PHE A 145 -19.77 -8.52 -8.48
C PHE A 145 -18.44 -8.34 -9.25
N ARG A 146 -18.47 -7.56 -10.34
CA ARG A 146 -17.28 -7.35 -11.16
C ARG A 146 -16.16 -6.69 -10.36
N THR A 147 -16.50 -5.67 -9.58
CA THR A 147 -15.51 -4.92 -8.83
C THR A 147 -14.75 -5.79 -7.82
N PHE A 148 -15.48 -6.55 -7.01
CA PHE A 148 -14.85 -7.41 -6.03
C PHE A 148 -14.17 -8.65 -6.63
N ALA A 149 -14.66 -9.12 -7.77
CA ALA A 149 -13.98 -10.20 -8.48
C ALA A 149 -12.58 -9.74 -8.87
N ASP A 150 -12.49 -8.51 -9.39
CA ASP A 150 -11.24 -7.95 -9.88
C ASP A 150 -10.29 -7.70 -8.73
N LEU A 151 -10.84 -7.10 -7.67
CA LEU A 151 -10.10 -6.83 -6.45
C LEU A 151 -9.49 -8.11 -5.90
N ALA A 152 -10.21 -9.22 -6.04
CA ALA A 152 -9.72 -10.50 -5.53
C ALA A 152 -8.54 -11.00 -6.34
N LYS A 153 -8.54 -10.72 -7.63
CA LYS A 153 -7.44 -11.11 -8.49
C LYS A 153 -6.16 -10.30 -8.23
N THR A 154 -6.32 -9.06 -7.81
CA THR A 154 -5.17 -8.15 -7.73
C THR A 154 -4.60 -8.01 -6.32
N SER A 155 -5.40 -8.32 -5.31
CA SER A 155 -4.99 -8.11 -3.93
C SER A 155 -3.86 -9.05 -3.52
N HIS A 156 -2.94 -8.53 -2.71
CA HIS A 156 -1.90 -9.36 -2.15
C HIS A 156 -1.80 -9.01 -0.67
N THR A 157 -0.80 -9.61 0.00
CA THR A 157 -0.61 -9.38 1.43
C THR A 157 0.83 -8.92 1.68
N ASP A 158 1.27 -9.04 2.93
CA ASP A 158 2.49 -8.37 3.38
C ASP A 158 3.67 -9.28 3.76
N LEU A 159 4.87 -8.77 3.54
CA LEU A 159 6.11 -9.44 3.96
C LEU A 159 6.90 -8.51 4.91
N PHE A 160 7.15 -8.99 6.13
CA PHE A 160 7.95 -8.24 7.10
C PHE A 160 9.23 -9.01 7.47
N GLU A 161 10.38 -8.38 7.26
CA GLU A 161 11.66 -8.95 7.67
C GLU A 161 12.08 -8.39 9.03
N MET A 162 12.72 -9.23 9.86
CA MET A 162 13.24 -8.77 11.15
C MET A 162 14.54 -9.44 11.53
N SER A 163 15.30 -8.75 12.39
CA SER A 163 16.49 -9.30 12.99
C SER A 163 16.15 -10.06 14.26
N THR A 164 16.97 -11.05 14.59
CA THR A 164 16.86 -11.77 15.86
C THR A 164 18.20 -11.73 16.60
N SER A 165 18.16 -12.07 17.89
CA SER A 165 19.37 -12.17 18.73
C SER A 165 20.48 -12.99 18.09
N ASP A 166 20.15 -14.21 17.64
CA ASP A 166 21.17 -15.09 17.07
C ASP A 166 21.73 -14.64 15.72
N GLY A 167 21.20 -13.54 15.18
CA GLY A 167 21.68 -13.00 13.91
C GLY A 167 21.20 -13.70 12.65
N SER A 168 20.29 -14.67 12.79
CA SER A 168 19.77 -15.41 11.63
C SER A 168 18.54 -14.75 11.02
N GLY A 169 17.81 -14.00 11.84
CA GLY A 169 16.61 -13.31 11.39
C GLY A 169 15.34 -14.13 11.36
N ALA A 170 14.25 -13.48 10.98
CA ALA A 170 12.96 -14.14 10.85
C ALA A 170 12.15 -13.49 9.73
N LEU A 171 11.16 -14.21 9.22
CA LEU A 171 10.21 -13.67 8.25
C LEU A 171 8.82 -13.74 8.84
N ASN A 172 8.07 -12.65 8.70
CA ASN A 172 6.65 -12.68 8.95
C ASN A 172 5.95 -12.38 7.63
N TYR A 173 5.07 -13.29 7.21
CA TYR A 173 4.23 -12.99 6.07
C TYR A 173 2.75 -13.20 6.40
N THR A 174 1.88 -12.47 5.72
CA THR A 174 0.47 -12.61 5.97
C THR A 174 -0.20 -13.28 4.79
N VAL A 175 -1.25 -14.03 5.09
CA VAL A 175 -2.06 -14.66 4.06
C VAL A 175 -3.53 -14.32 4.29
N ARG A 176 -4.28 -14.38 3.20
CA ARG A 176 -5.68 -14.02 3.19
C ARG A 176 -6.51 -15.29 3.05
N LYS A 177 -7.30 -15.61 4.08
CA LYS A 177 -8.13 -16.80 4.08
C LYS A 177 -9.59 -16.38 4.13
N PRO A 178 -10.50 -17.25 3.68
CA PRO A 178 -11.93 -16.97 3.92
C PRO A 178 -12.20 -16.93 5.42
N LEU A 179 -13.03 -15.99 5.85
CA LEU A 179 -13.42 -15.88 7.25
C LEU A 179 -14.27 -17.08 7.67
N GLY A 180 -15.13 -17.56 6.75
CA GLY A 180 -15.99 -18.70 7.02
C GLY A 180 -17.35 -18.58 6.36
N VAL A 181 -18.42 -18.72 7.15
CA VAL A 181 -19.78 -18.48 6.65
C VAL A 181 -20.20 -17.07 7.03
N ILE A 182 -20.58 -16.27 6.03
CA ILE A 182 -20.99 -14.89 6.29
C ILE A 182 -22.51 -14.84 6.33
N GLY A 183 -23.06 -14.38 7.43
CA GLY A 183 -24.48 -14.12 7.50
C GLY A 183 -24.76 -12.72 6.97
N VAL A 184 -25.67 -12.64 5.99
CA VAL A 184 -26.04 -11.35 5.41
C VAL A 184 -27.51 -11.02 5.67
N ILE A 185 -27.76 -9.85 6.25
CA ILE A 185 -29.12 -9.36 6.44
C ILE A 185 -29.24 -7.98 5.81
N SER A 186 -30.10 -7.85 4.80
CA SER A 186 -30.16 -6.63 3.99
C SER A 186 -31.53 -5.94 4.02
N PRO A 187 -31.58 -4.63 3.74
CA PRO A 187 -32.80 -3.85 3.87
C PRO A 187 -33.56 -3.69 2.55
N TRP A 188 -34.62 -2.88 2.56
CA TRP A 188 -35.52 -2.78 1.41
C TRP A 188 -35.37 -1.48 0.60
N ASP A 189 -34.48 -0.59 1.00
CA ASP A 189 -34.37 0.69 0.29
C ASP A 189 -33.68 0.59 -1.09
N LEU A 190 -32.59 -0.15 -1.17
CA LEU A 190 -31.95 -0.48 -2.45
C LEU A 190 -31.65 -1.96 -2.35
N PRO A 191 -32.66 -2.78 -2.62
CA PRO A 191 -32.65 -4.21 -2.26
C PRO A 191 -31.50 -5.01 -2.92
N LEU A 192 -31.45 -5.06 -4.24
CA LEU A 192 -30.41 -5.83 -4.90
C LEU A 192 -29.03 -5.18 -4.77
N LEU A 193 -28.98 -3.85 -4.84
CA LEU A 193 -27.72 -3.14 -4.69
C LEU A 193 -27.07 -3.45 -3.34
N LEU A 194 -27.82 -3.33 -2.24
CA LEU A 194 -27.26 -3.59 -0.91
C LEU A 194 -27.04 -5.08 -0.63
N PHE A 195 -27.88 -5.93 -1.19
CA PHE A 195 -27.73 -7.37 -1.07
C PHE A 195 -26.42 -7.83 -1.70
N THR A 196 -26.15 -7.37 -2.93
CA THR A 196 -24.94 -7.76 -3.65
C THR A 196 -23.71 -7.02 -3.14
N TRP A 197 -23.93 -5.87 -2.50
CA TRP A 197 -22.84 -5.11 -1.90
C TRP A 197 -22.15 -5.94 -0.81
N LYS A 198 -22.92 -6.84 -0.20
CA LYS A 198 -22.43 -7.69 0.88
C LYS A 198 -22.05 -9.05 0.32
N VAL A 199 -22.88 -9.57 -0.57
CA VAL A 199 -22.67 -10.89 -1.11
C VAL A 199 -21.44 -10.95 -2.03
N ALA A 200 -21.23 -9.92 -2.85
CA ALA A 200 -20.10 -9.93 -3.79
C ALA A 200 -18.70 -10.06 -3.13
N PRO A 201 -18.39 -9.19 -2.15
CA PRO A 201 -17.10 -9.35 -1.49
C PRO A 201 -17.02 -10.61 -0.61
N ALA A 202 -18.15 -11.05 -0.05
CA ALA A 202 -18.13 -12.31 0.71
C ALA A 202 -17.67 -13.47 -0.18
N LEU A 203 -18.24 -13.58 -1.37
CA LEU A 203 -17.87 -14.67 -2.27
C LEU A 203 -16.47 -14.49 -2.88
N ALA A 204 -16.13 -13.24 -3.21
CA ALA A 204 -14.83 -12.92 -3.80
C ALA A 204 -13.69 -13.28 -2.87
N CYS A 205 -13.97 -13.26 -1.57
CA CYS A 205 -12.99 -13.61 -0.56
C CYS A 205 -13.02 -15.09 -0.20
N GLY A 206 -13.85 -15.86 -0.91
CA GLY A 206 -13.84 -17.30 -0.75
C GLY A 206 -14.72 -17.81 0.38
N ASN A 207 -15.50 -16.91 0.97
CA ASN A 207 -16.49 -17.31 1.96
C ASN A 207 -17.68 -18.01 1.31
N THR A 208 -18.49 -18.64 2.15
CA THR A 208 -19.79 -19.12 1.73
C THR A 208 -20.82 -18.27 2.47
N VAL A 209 -22.05 -18.27 1.98
CA VAL A 209 -23.03 -17.25 2.37
C VAL A 209 -24.42 -17.79 2.73
N VAL A 210 -24.99 -17.27 3.81
CA VAL A 210 -26.42 -17.43 4.07
C VAL A 210 -27.02 -16.04 4.17
N ALA A 211 -27.87 -15.69 3.23
CA ALA A 211 -28.37 -14.32 3.15
C ALA A 211 -29.89 -14.23 3.23
N LYS A 212 -30.34 -13.25 3.99
CA LYS A 212 -31.75 -13.03 4.30
C LYS A 212 -32.15 -11.62 3.83
N PRO A 213 -32.82 -11.52 2.68
CA PRO A 213 -33.20 -10.16 2.25
C PRO A 213 -34.45 -9.67 2.97
N SER A 214 -34.78 -8.39 2.81
CA SER A 214 -35.96 -7.83 3.45
C SER A 214 -37.24 -8.55 2.99
N GLU A 215 -38.10 -8.85 3.95
CA GLU A 215 -39.45 -9.35 3.65
C GLU A 215 -40.23 -8.38 2.73
N GLU A 216 -39.86 -7.11 2.71
CA GLU A 216 -40.51 -6.15 1.81
C GLU A 216 -39.96 -6.22 0.38
N SER A 217 -38.86 -6.90 0.15
CA SER A 217 -38.31 -6.86 -1.21
C SER A 217 -37.51 -8.11 -1.54
N PRO A 218 -38.20 -9.25 -1.62
CA PRO A 218 -37.51 -10.53 -1.75
C PRO A 218 -37.29 -11.00 -3.20
N SER A 219 -37.88 -10.32 -4.19
CA SER A 219 -37.94 -10.85 -5.55
C SER A 219 -36.59 -10.91 -6.26
N SER A 220 -35.87 -9.80 -6.27
CA SER A 220 -34.62 -9.75 -7.04
C SER A 220 -33.57 -10.71 -6.43
N ALA A 221 -33.61 -10.86 -5.11
CA ALA A 221 -32.72 -11.79 -4.43
C ALA A 221 -32.99 -13.24 -4.85
N THR A 222 -34.27 -13.57 -4.98
CA THR A 222 -34.66 -14.90 -5.43
C THR A 222 -34.21 -15.12 -6.87
N LEU A 223 -34.31 -14.08 -7.68
CA LEU A 223 -33.77 -14.12 -9.04
C LEU A 223 -32.25 -14.34 -9.07
N LEU A 224 -31.56 -13.68 -8.15
CA LEU A 224 -30.12 -13.83 -8.05
C LEU A 224 -29.79 -15.30 -7.74
N ALA A 225 -30.58 -15.94 -6.90
CA ALA A 225 -30.34 -17.36 -6.57
C ALA A 225 -30.43 -18.25 -7.81
N GLU A 226 -31.35 -17.95 -8.71
CA GLU A 226 -31.47 -18.63 -10.00
C GLU A 226 -30.22 -18.44 -10.87
N VAL A 227 -29.78 -17.20 -10.98
CA VAL A 227 -28.53 -16.90 -11.70
C VAL A 227 -27.37 -17.72 -11.10
N MET A 228 -27.29 -17.76 -9.77
CA MET A 228 -26.24 -18.49 -9.08
C MET A 228 -26.26 -19.96 -9.46
N HIS A 229 -27.45 -20.55 -9.37
CA HIS A 229 -27.67 -21.93 -9.76
C HIS A 229 -27.28 -22.17 -11.22
N ASP A 230 -27.82 -21.37 -12.12
CA ASP A 230 -27.54 -21.57 -13.54
C ASP A 230 -26.08 -21.36 -13.91
N ALA A 231 -25.36 -20.56 -13.13
CA ALA A 231 -23.95 -20.28 -13.40
C ALA A 231 -23.02 -21.38 -12.91
N GLY A 232 -23.55 -22.35 -12.18
CA GLY A 232 -22.76 -23.45 -11.66
C GLY A 232 -22.07 -23.18 -10.33
N VAL A 233 -22.59 -22.22 -9.56
CA VAL A 233 -22.08 -22.02 -8.21
C VAL A 233 -22.36 -23.29 -7.41
N PRO A 234 -21.33 -23.85 -6.77
CA PRO A 234 -21.54 -25.14 -6.09
C PRO A 234 -22.53 -25.05 -4.93
N PRO A 235 -23.31 -26.11 -4.72
CA PRO A 235 -24.32 -26.20 -3.66
C PRO A 235 -23.77 -25.86 -2.28
N GLY A 236 -24.49 -25.02 -1.54
CA GLY A 236 -24.04 -24.60 -0.23
C GLY A 236 -23.24 -23.29 -0.20
N VAL A 237 -22.67 -22.89 -1.33
CA VAL A 237 -21.88 -21.67 -1.36
C VAL A 237 -22.72 -20.44 -1.10
N PHE A 238 -23.88 -20.38 -1.77
CA PHE A 238 -24.82 -19.30 -1.61
C PHE A 238 -26.17 -19.84 -1.16
N ASN A 239 -26.65 -19.37 -0.02
CA ASN A 239 -27.95 -19.79 0.44
C ASN A 239 -28.84 -18.61 0.71
N LEU A 240 -30.07 -18.69 0.22
CA LEU A 240 -31.05 -17.62 0.40
C LEU A 240 -32.17 -18.09 1.32
N ILE A 241 -32.38 -17.36 2.42
CA ILE A 241 -33.47 -17.65 3.33
C ILE A 241 -34.40 -16.45 3.40
N HIS A 242 -35.69 -16.71 3.30
CA HIS A 242 -36.69 -15.65 3.41
C HIS A 242 -37.32 -15.58 4.81
N GLY A 243 -37.74 -14.38 5.19
CA GLY A 243 -38.43 -14.17 6.44
C GLY A 243 -38.29 -12.80 7.06
N PHE A 244 -38.63 -12.72 8.35
CA PHE A 244 -38.57 -11.48 9.09
C PHE A 244 -37.35 -11.46 10.01
N GLY A 245 -37.38 -10.55 10.98
CA GLY A 245 -36.32 -10.44 11.96
C GLY A 245 -36.64 -11.27 13.18
N LYS A 246 -37.23 -10.63 14.20
CA LYS A 246 -37.56 -11.29 15.46
C LYS A 246 -38.47 -12.51 15.24
N ASP A 247 -38.17 -13.60 15.97
CA ASP A 247 -38.94 -14.85 15.88
C ASP A 247 -39.02 -15.42 14.47
N SER A 248 -38.04 -15.07 13.64
CA SER A 248 -38.03 -15.50 12.25
C SER A 248 -36.60 -15.66 11.73
N ALA A 249 -36.49 -15.90 10.43
CA ALA A 249 -35.23 -16.25 9.77
C ALA A 249 -34.07 -15.33 10.15
N GLY A 250 -34.33 -14.02 10.21
CA GLY A 250 -33.29 -13.05 10.55
C GLY A 250 -32.68 -13.28 11.92
N GLU A 251 -33.53 -13.54 12.91
CA GLU A 251 -33.06 -13.76 14.26
C GLU A 251 -32.30 -15.08 14.36
N PHE A 252 -32.87 -16.13 13.77
CA PHE A 252 -32.25 -17.45 13.76
C PHE A 252 -30.85 -17.40 13.17
N LEU A 253 -30.68 -16.56 12.15
CA LEU A 253 -29.39 -16.42 11.50
C LEU A 253 -28.37 -15.82 12.45
N THR A 254 -28.73 -14.69 13.08
CA THR A 254 -27.82 -13.98 13.97
C THR A 254 -27.45 -14.81 15.20
N GLN A 255 -28.32 -15.76 15.56
CA GLN A 255 -28.08 -16.56 16.75
C GLN A 255 -27.35 -17.87 16.46
N HIS A 256 -27.20 -18.21 15.19
CA HIS A 256 -26.58 -19.49 14.85
C HIS A 256 -25.08 -19.45 15.13
N PRO A 257 -24.56 -20.47 15.85
CA PRO A 257 -23.14 -20.51 16.18
C PRO A 257 -22.24 -20.78 14.97
N GLY A 258 -22.81 -21.31 13.90
CA GLY A 258 -22.05 -21.69 12.72
C GLY A 258 -21.58 -20.58 11.81
N ILE A 259 -22.06 -19.35 12.00
CA ILE A 259 -21.60 -18.24 11.16
C ILE A 259 -20.32 -17.63 11.75
N SER A 260 -19.45 -17.09 10.90
CA SER A 260 -18.22 -16.47 11.36
C SER A 260 -18.35 -14.94 11.44
N ALA A 261 -19.31 -14.38 10.70
CA ALA A 261 -19.55 -12.94 10.72
C ALA A 261 -20.99 -12.61 10.34
N LEU A 262 -21.41 -11.40 10.69
CA LEU A 262 -22.72 -10.87 10.34
C LEU A 262 -22.54 -9.47 9.79
N THR A 263 -22.88 -9.28 8.51
CA THR A 263 -22.87 -7.94 7.94
C THR A 263 -24.31 -7.50 7.71
N PHE A 264 -24.59 -6.25 8.05
CA PHE A 264 -25.96 -5.78 8.13
C PHE A 264 -26.06 -4.30 7.78
N THR A 265 -27.08 -3.97 6.97
CA THR A 265 -27.47 -2.60 6.72
C THR A 265 -28.95 -2.45 7.10
N GLY A 266 -29.28 -1.37 7.80
CA GLY A 266 -30.65 -1.14 8.25
C GLY A 266 -30.76 -0.16 9.41
N GLU A 267 -31.79 -0.34 10.21
CA GLU A 267 -32.06 0.56 11.34
C GLU A 267 -30.99 0.49 12.42
N SER A 268 -30.70 1.64 13.03
CA SER A 268 -29.66 1.72 14.06
C SER A 268 -29.93 0.82 15.28
N LYS A 269 -31.16 0.87 15.80
CA LYS A 269 -31.58 0.01 16.92
C LYS A 269 -31.50 -1.48 16.59
N THR A 270 -31.70 -1.82 15.32
CA THR A 270 -31.57 -3.21 14.90
C THR A 270 -30.10 -3.63 14.95
N GLY A 271 -29.20 -2.71 14.59
CA GLY A 271 -27.77 -2.94 14.69
C GLY A 271 -27.38 -3.33 16.12
N SER A 272 -27.89 -2.56 17.07
CA SER A 272 -27.65 -2.84 18.49
C SER A 272 -28.13 -4.23 18.92
N THR A 273 -29.29 -4.63 18.41
CA THR A 273 -29.88 -5.93 18.74
C THR A 273 -29.01 -7.08 18.22
N ILE A 274 -28.48 -6.90 17.02
CA ILE A 274 -27.66 -7.93 16.38
C ILE A 274 -26.30 -8.05 17.05
N MET A 275 -25.76 -6.91 17.48
CA MET A 275 -24.49 -6.87 18.19
C MET A 275 -24.61 -7.66 19.50
N LYS A 276 -25.72 -7.46 20.20
CA LYS A 276 -25.99 -8.23 21.42
C LYS A 276 -26.13 -9.72 21.11
N ALA A 277 -26.74 -10.03 19.97
CA ALA A 277 -27.08 -11.40 19.61
C ALA A 277 -25.89 -12.27 19.19
N VAL A 278 -24.81 -11.64 18.71
CA VAL A 278 -23.65 -12.40 18.30
C VAL A 278 -22.50 -12.27 19.32
N ALA A 279 -22.74 -11.49 20.37
CA ALA A 279 -21.71 -11.23 21.37
C ALA A 279 -21.18 -12.51 22.07
N ASP A 280 -22.07 -13.45 22.39
CA ASP A 280 -21.63 -14.72 23.01
C ASP A 280 -20.65 -15.53 22.13
N GLY A 281 -20.78 -15.41 20.81
CA GLY A 281 -19.86 -16.07 19.88
C GLY A 281 -18.71 -15.17 19.43
N VAL A 282 -18.66 -13.95 19.97
CA VAL A 282 -17.71 -12.89 19.55
C VAL A 282 -17.55 -12.79 18.04
N LYS A 283 -18.66 -12.74 17.31
CA LYS A 283 -18.61 -12.77 15.84
C LYS A 283 -18.14 -11.42 15.31
N GLU A 284 -17.46 -11.41 14.18
CA GLU A 284 -17.15 -10.15 13.49
C GLU A 284 -18.47 -9.52 13.03
N VAL A 285 -18.60 -8.21 13.19
CA VAL A 285 -19.77 -7.50 12.68
C VAL A 285 -19.40 -6.28 11.81
N SER A 286 -20.24 -6.00 10.82
CA SER A 286 -20.07 -4.83 9.96
C SER A 286 -21.41 -4.14 9.79
N PHE A 287 -21.53 -2.89 10.24
CA PHE A 287 -22.83 -2.21 10.25
C PHE A 287 -22.86 -0.91 9.45
N GLU A 288 -23.87 -0.77 8.60
CA GLU A 288 -24.23 0.52 8.00
C GLU A 288 -25.64 0.83 8.50
N LEU A 289 -25.78 1.89 9.29
CA LEU A 289 -27.01 2.10 10.03
C LEU A 289 -27.79 3.33 9.56
N GLY A 290 -28.53 3.96 10.46
CA GLY A 290 -29.30 5.11 10.06
C GLY A 290 -28.46 6.34 9.73
N GLY A 291 -29.14 7.43 9.44
CA GLY A 291 -28.49 8.73 9.40
C GLY A 291 -29.54 9.81 9.53
N LYS A 292 -29.12 10.99 9.94
CA LYS A 292 -29.96 12.16 9.81
C LYS A 292 -29.08 13.17 9.08
N ASN A 293 -28.93 12.96 7.78
CA ASN A 293 -27.92 13.67 7.01
C ASN A 293 -28.29 15.11 6.66
N ALA A 294 -27.27 15.96 6.67
CA ALA A 294 -27.44 17.37 6.37
C ALA A 294 -26.91 17.72 4.97
N ALA A 295 -27.48 18.77 4.40
CA ALA A 295 -26.87 19.43 3.27
C ALA A 295 -26.62 20.87 3.71
N VAL A 296 -25.49 21.43 3.29
CA VAL A 296 -25.13 22.79 3.63
C VAL A 296 -24.94 23.56 2.32
N VAL A 297 -25.62 24.70 2.18
CA VAL A 297 -25.46 25.54 1.00
C VAL A 297 -24.87 26.88 1.40
N PHE A 298 -23.64 27.12 0.98
CA PHE A 298 -22.97 28.38 1.31
C PHE A 298 -23.38 29.50 0.37
N ALA A 299 -23.12 30.74 0.77
CA ALA A 299 -23.50 31.90 -0.04
C ALA A 299 -22.84 31.86 -1.42
N ASP A 300 -21.64 31.31 -1.50
CA ASP A 300 -20.95 31.25 -2.80
C ASP A 300 -21.28 30.00 -3.65
N ALA A 301 -22.27 29.22 -3.24
CA ALA A 301 -22.73 28.09 -4.06
C ALA A 301 -23.28 28.54 -5.42
N ASP A 302 -23.21 27.65 -6.41
CA ASP A 302 -24.00 27.78 -7.62
C ASP A 302 -25.42 27.43 -7.15
N LEU A 303 -26.25 28.46 -7.01
CA LEU A 303 -27.56 28.34 -6.38
C LEU A 303 -28.53 27.41 -7.10
N ASP A 304 -28.60 27.55 -8.42
CA ASP A 304 -29.49 26.71 -9.21
C ASP A 304 -29.06 25.25 -9.15
N ALA A 305 -27.74 25.00 -9.17
CA ALA A 305 -27.25 23.62 -9.05
C ALA A 305 -27.48 23.03 -7.64
N ALA A 306 -27.34 23.86 -6.62
CA ALA A 306 -27.58 23.42 -5.24
C ALA A 306 -29.06 23.11 -5.02
N ILE A 307 -29.95 23.93 -5.59
CA ILE A 307 -31.38 23.63 -5.51
C ILE A 307 -31.69 22.26 -6.11
N GLU A 308 -31.23 22.06 -7.34
CA GLU A 308 -31.38 20.79 -8.02
C GLU A 308 -30.71 19.67 -7.25
N GLY A 309 -29.56 19.98 -6.64
CA GLY A 309 -28.82 18.99 -5.87
C GLY A 309 -29.57 18.51 -4.63
N VAL A 310 -30.13 19.45 -3.89
CA VAL A 310 -30.85 19.14 -2.66
C VAL A 310 -32.20 18.46 -2.95
N LEU A 311 -32.81 18.85 -4.07
CA LEU A 311 -33.99 18.17 -4.57
C LEU A 311 -33.68 16.68 -4.75
N ARG A 312 -32.56 16.41 -5.39
CA ARG A 312 -32.18 15.04 -5.66
C ARG A 312 -31.81 14.32 -4.34
N SER A 313 -31.07 14.99 -3.46
CA SER A 313 -30.66 14.35 -2.20
C SER A 313 -31.82 14.11 -1.21
N SER A 314 -32.88 14.89 -1.31
CA SER A 314 -34.02 14.75 -0.40
C SER A 314 -35.11 13.78 -0.89
N PHE A 315 -35.31 13.72 -2.20
CA PHE A 315 -36.47 12.99 -2.76
C PHE A 315 -36.18 11.74 -3.63
N THR A 316 -34.91 11.45 -3.88
CA THR A 316 -34.56 10.22 -4.61
C THR A 316 -35.09 8.99 -3.87
N ASN A 317 -35.66 8.04 -4.62
CA ASN A 317 -36.30 6.85 -4.04
C ASN A 317 -37.35 7.24 -2.99
N SER A 318 -38.01 8.37 -3.23
CA SER A 318 -38.98 8.94 -2.28
C SER A 318 -38.42 9.15 -0.89
N GLY A 319 -37.17 9.59 -0.84
CA GLY A 319 -36.48 9.88 0.40
C GLY A 319 -36.06 8.64 1.18
N GLN A 320 -36.24 7.47 0.58
CA GLN A 320 -35.97 6.23 1.29
C GLN A 320 -34.56 5.71 0.98
N VAL A 321 -33.56 6.51 1.31
CA VAL A 321 -32.19 6.07 1.27
C VAL A 321 -31.56 6.54 2.56
N CYS A 322 -30.67 5.73 3.13
CA CYS A 322 -29.93 6.11 4.33
CA CYS A 322 -29.98 6.14 4.34
C CYS A 322 -29.14 7.40 4.10
N LEU A 323 -28.70 7.61 2.85
CA LEU A 323 -27.91 8.78 2.47
C LEU A 323 -28.68 10.08 2.23
N CYS A 324 -30.01 10.02 2.22
CA CYS A 324 -30.80 11.23 1.91
C CYS A 324 -30.62 12.36 2.91
N SER A 325 -30.77 13.59 2.41
CA SER A 325 -30.68 14.76 3.26
C SER A 325 -32.06 15.10 3.83
N GLU A 326 -32.20 15.04 5.15
CA GLU A 326 -33.44 15.48 5.79
C GLU A 326 -33.27 16.79 6.57
N ARG A 327 -32.02 17.25 6.73
CA ARG A 327 -31.74 18.55 7.33
C ARG A 327 -30.95 19.32 6.29
N VAL A 328 -31.31 20.59 6.11
CA VAL A 328 -30.67 21.43 5.11
C VAL A 328 -30.39 22.79 5.74
N TYR A 329 -29.14 23.23 5.65
CA TYR A 329 -28.72 24.53 6.16
C TYR A 329 -28.30 25.42 5.01
N VAL A 330 -28.85 26.63 4.97
CA VAL A 330 -28.68 27.52 3.83
C VAL A 330 -28.28 28.89 4.33
N HIS A 331 -27.27 29.49 3.72
CA HIS A 331 -26.80 30.77 4.21
C HIS A 331 -27.96 31.79 4.21
N ARG A 332 -28.00 32.64 5.22
CA ARG A 332 -29.12 33.55 5.44
C ARG A 332 -29.40 34.41 4.21
N SER A 333 -28.34 34.86 3.55
CA SER A 333 -28.45 35.76 2.41
C SER A 333 -29.16 35.12 1.20
N ILE A 334 -29.18 33.80 1.13
CA ILE A 334 -29.83 33.15 -0.01
C ILE A 334 -30.97 32.24 0.42
N PHE A 335 -31.33 32.28 1.69
CA PHE A 335 -32.27 31.32 2.25
C PHE A 335 -33.65 31.38 1.58
N ASP A 336 -34.21 32.59 1.50
CA ASP A 336 -35.55 32.79 0.94
C ASP A 336 -35.63 32.36 -0.52
N GLU A 337 -34.63 32.75 -1.30
CA GLU A 337 -34.51 32.34 -2.68
C GLU A 337 -34.34 30.82 -2.81
N PHE A 338 -33.54 30.21 -1.93
CA PHE A 338 -33.34 28.76 -1.98
C PHE A 338 -34.67 28.02 -1.74
N VAL A 339 -35.37 28.41 -0.67
CA VAL A 339 -36.63 27.80 -0.30
C VAL A 339 -37.67 27.94 -1.41
N SER A 340 -37.75 29.14 -2.01
CA SER A 340 -38.69 29.38 -3.11
C SER A 340 -38.35 28.54 -4.31
N GLY A 341 -37.08 28.56 -4.69
CA GLY A 341 -36.59 27.73 -5.78
C GLY A 341 -36.88 26.25 -5.56
N LEU A 342 -36.65 25.77 -4.34
CA LEU A 342 -36.82 24.35 -4.05
C LEU A 342 -38.30 23.95 -4.03
N LYS A 343 -39.16 24.86 -3.58
CA LYS A 343 -40.60 24.61 -3.56
C LYS A 343 -41.13 24.39 -4.97
N VAL A 344 -40.74 25.27 -5.89
CA VAL A 344 -41.15 25.17 -7.28
C VAL A 344 -40.73 23.82 -7.88
N GLU A 345 -39.48 23.44 -7.63
CA GLU A 345 -38.97 22.18 -8.16
C GLU A 345 -39.64 20.97 -7.54
N ALA A 346 -39.91 21.02 -6.24
CA ALA A 346 -40.56 19.89 -5.57
C ALA A 346 -41.98 19.68 -6.10
N GLU A 347 -42.66 20.78 -6.41
CA GLU A 347 -44.03 20.70 -6.90
C GLU A 347 -44.08 20.27 -8.37
N ARG A 348 -42.97 20.42 -9.07
CA ARG A 348 -42.81 19.86 -10.41
C ARG A 348 -42.64 18.34 -10.45
N LEU A 349 -42.12 17.75 -9.37
CA LEU A 349 -41.91 16.31 -9.32
C LEU A 349 -43.18 15.54 -9.65
N VAL A 350 -43.06 14.57 -10.56
CA VAL A 350 -44.19 13.72 -10.90
C VAL A 350 -44.19 12.50 -10.00
N VAL A 351 -45.27 12.36 -9.24
CA VAL A 351 -45.45 11.25 -8.30
C VAL A 351 -46.48 10.32 -8.91
N GLY A 352 -46.09 9.09 -9.24
CA GLY A 352 -46.99 8.20 -9.96
C GLY A 352 -46.50 6.80 -10.22
N TYR A 353 -46.90 6.23 -11.36
CA TYR A 353 -46.54 4.85 -11.67
C TYR A 353 -45.07 4.77 -12.01
N PRO A 354 -44.43 3.65 -11.69
CA PRO A 354 -43.02 3.39 -12.03
C PRO A 354 -42.66 3.60 -13.50
N ASP A 355 -43.56 3.28 -14.43
CA ASP A 355 -43.28 3.51 -15.85
C ASP A 355 -44.09 4.65 -16.49
N GLN A 356 -44.74 5.47 -15.65
CA GLN A 356 -45.44 6.65 -16.14
C GLN A 356 -44.45 7.66 -16.73
N ASP A 357 -44.86 8.35 -17.79
CA ASP A 357 -44.03 9.37 -18.43
C ASP A 357 -43.53 10.46 -17.48
N GLY A 358 -42.22 10.66 -17.47
CA GLY A 358 -41.62 11.70 -16.65
C GLY A 358 -41.71 11.47 -15.14
N VAL A 359 -42.04 10.25 -14.70
CA VAL A 359 -42.15 9.98 -13.27
C VAL A 359 -40.83 10.24 -12.50
N ASN A 360 -40.93 10.90 -11.36
CA ASN A 360 -39.78 11.12 -10.49
C ASN A 360 -39.83 10.31 -9.20
N MET A 361 -41.04 10.10 -8.67
CA MET A 361 -41.24 9.44 -7.39
C MET A 361 -42.34 8.37 -7.44
N GLY A 362 -42.03 7.19 -6.91
CA GLY A 362 -43.04 6.19 -6.63
C GLY A 362 -43.52 6.31 -5.19
N PRO A 363 -44.26 5.29 -4.71
CA PRO A 363 -44.76 5.28 -3.33
C PRO A 363 -43.65 4.96 -2.35
N LEU A 364 -44.00 4.95 -1.06
CA LEU A 364 -43.14 4.38 -0.02
C LEU A 364 -43.20 2.87 -0.13
N ILE A 365 -42.33 2.19 0.61
CA ILE A 365 -42.20 0.75 0.51
C ILE A 365 -43.47 0.00 0.92
N SER A 366 -44.23 0.54 1.88
CA SER A 366 -45.35 -0.20 2.46
C SER A 366 -46.28 0.73 3.21
N HIS A 367 -47.49 0.24 3.50
CA HIS A 367 -48.45 1.00 4.29
C HIS A 367 -47.93 1.26 5.68
N GLY A 368 -47.29 0.25 6.26
CA GLY A 368 -46.69 0.38 7.58
C GLY A 368 -45.64 1.47 7.61
N HIS A 369 -44.82 1.56 6.58
CA HIS A 369 -43.83 2.62 6.54
C HIS A 369 -44.51 3.97 6.35
N ARG A 370 -45.54 4.01 5.52
CA ARG A 370 -46.28 5.25 5.36
C ARG A 370 -46.89 5.74 6.69
N ASP A 371 -47.43 4.82 7.48
CA ASP A 371 -47.97 5.20 8.80
C ASP A 371 -46.90 5.89 9.66
N LYS A 372 -45.69 5.36 9.61
CA LYS A 372 -44.57 5.98 10.31
C LYS A 372 -44.33 7.39 9.77
N VAL A 373 -44.18 7.50 8.46
CA VAL A 373 -43.86 8.79 7.88
C VAL A 373 -44.93 9.85 8.16
N LEU A 374 -46.21 9.48 7.99
CA LEU A 374 -47.31 10.39 8.23
C LEU A 374 -47.35 10.81 9.69
N SER A 375 -47.00 9.87 10.57
CA SER A 375 -46.86 10.18 11.99
C SER A 375 -45.87 11.34 12.21
N TYR A 376 -44.74 11.33 11.49
CA TYR A 376 -43.81 12.46 11.58
C TYR A 376 -44.36 13.73 10.92
N TYR A 377 -45.13 13.57 9.84
CA TYR A 377 -45.73 14.72 9.19
C TYR A 377 -46.63 15.47 10.18
N ARG A 378 -47.40 14.71 10.97
CA ARG A 378 -48.24 15.29 12.01
C ARG A 378 -47.42 15.89 13.14
N LEU A 379 -46.40 15.17 13.59
CA LEU A 379 -45.54 15.67 14.64
C LEU A 379 -44.91 17.02 14.28
N ALA A 380 -44.55 17.20 13.02
CA ALA A 380 -43.90 18.45 12.58
C ALA A 380 -44.81 19.68 12.72
N VAL A 381 -46.06 19.53 12.29
CA VAL A 381 -47.05 20.59 12.49
C VAL A 381 -47.18 20.90 13.99
N ASP A 382 -47.31 19.84 14.80
CA ASP A 382 -47.38 19.97 16.26
C ASP A 382 -46.18 20.70 16.86
N GLU A 383 -44.99 20.48 16.30
CA GLU A 383 -43.77 21.12 16.81
C GLU A 383 -43.61 22.53 16.23
N GLY A 384 -44.60 23.00 15.49
CA GLY A 384 -44.61 24.36 14.98
C GLY A 384 -43.98 24.61 13.61
N ALA A 385 -43.86 23.56 12.79
CA ALA A 385 -43.29 23.72 11.46
C ALA A 385 -44.21 24.51 10.53
N THR A 386 -43.62 25.28 9.63
CA THR A 386 -44.35 25.76 8.46
C THR A 386 -44.23 24.69 7.39
N VAL A 387 -45.35 24.29 6.78
CA VAL A 387 -45.30 23.37 5.66
C VAL A 387 -45.17 24.16 4.38
N VAL A 388 -43.96 24.19 3.84
CA VAL A 388 -43.72 24.91 2.61
C VAL A 388 -44.41 24.23 1.44
N THR A 389 -44.41 22.90 1.44
CA THR A 389 -45.14 22.12 0.46
C THR A 389 -45.31 20.69 0.95
N GLY A 390 -46.25 19.96 0.36
CA GLY A 390 -46.51 18.59 0.75
C GLY A 390 -47.20 18.48 2.10
N GLY A 391 -46.79 17.51 2.88
CA GLY A 391 -47.33 17.36 4.22
C GLY A 391 -48.44 16.33 4.35
N GLY A 392 -48.86 15.74 3.23
CA GLY A 392 -49.92 14.74 3.26
C GLY A 392 -49.74 13.63 2.22
N VAL A 393 -50.86 13.12 1.72
CA VAL A 393 -50.81 12.13 0.66
C VAL A 393 -51.54 12.66 -0.59
N PRO A 394 -50.98 12.38 -1.78
CA PRO A 394 -51.64 12.84 -3.00
C PRO A 394 -52.94 12.06 -3.21
N LYS A 395 -53.91 12.65 -3.90
CA LYS A 395 -55.13 11.94 -4.20
C LYS A 395 -55.17 11.63 -5.69
N PHE A 396 -55.20 10.35 -6.02
CA PHE A 396 -55.12 9.93 -7.43
C PHE A 396 -56.48 9.68 -8.05
N ASN A 397 -57.44 9.25 -7.22
CA ASN A 397 -58.75 8.81 -7.68
C ASN A 397 -58.65 7.66 -8.68
N ASP A 398 -57.74 6.74 -8.39
CA ASP A 398 -57.63 5.48 -9.10
C ASP A 398 -57.01 4.48 -8.13
N GLU A 399 -56.57 3.33 -8.63
CA GLU A 399 -56.09 2.25 -7.79
C GLU A 399 -54.88 2.64 -6.92
N ARG A 400 -54.17 3.70 -7.31
CA ARG A 400 -52.98 4.10 -6.56
C ARG A 400 -53.35 4.57 -5.16
N ASP A 401 -54.60 4.98 -4.98
CA ASP A 401 -55.09 5.34 -3.65
C ASP A 401 -55.04 4.17 -2.66
N GLN A 402 -55.01 2.95 -3.17
CA GLN A 402 -54.83 1.77 -2.30
C GLN A 402 -53.35 1.45 -2.04
N GLY A 403 -52.45 2.16 -2.73
CA GLY A 403 -51.01 2.01 -2.50
C GLY A 403 -50.51 2.81 -1.30
N ALA A 404 -49.21 3.08 -1.28
CA ALA A 404 -48.58 3.72 -0.12
C ALA A 404 -47.83 5.04 -0.44
N TYR A 405 -48.45 5.89 -1.26
CA TYR A 405 -47.87 7.18 -1.63
C TYR A 405 -47.94 8.26 -0.53
N VAL A 406 -46.94 9.12 -0.51
CA VAL A 406 -47.00 10.37 0.24
C VAL A 406 -46.42 11.48 -0.64
N GLN A 407 -46.66 12.73 -0.27
CA GLN A 407 -46.16 13.89 -1.01
C GLN A 407 -44.74 14.23 -0.59
N PRO A 408 -43.92 14.71 -1.55
CA PRO A 408 -42.63 15.29 -1.16
C PRO A 408 -42.91 16.51 -0.28
N THR A 409 -42.13 16.68 0.79
CA THR A 409 -42.49 17.62 1.85
C THR A 409 -41.29 18.47 2.27
N ILE A 410 -41.52 19.77 2.39
CA ILE A 410 -40.51 20.71 2.87
C ILE A 410 -41.04 21.46 4.09
N TRP A 411 -40.25 21.48 5.17
CA TRP A 411 -40.59 22.25 6.35
C TRP A 411 -39.60 23.39 6.56
N THR A 412 -40.05 24.49 7.15
CA THR A 412 -39.16 25.47 7.76
C THR A 412 -39.65 25.76 9.17
N GLY A 413 -38.83 26.50 9.93
CA GLY A 413 -39.26 27.05 11.21
C GLY A 413 -39.04 26.24 12.48
N LEU A 414 -38.47 25.04 12.37
CA LEU A 414 -38.25 24.21 13.55
C LEU A 414 -36.91 24.51 14.21
N SER A 415 -36.88 24.35 15.54
CA SER A 415 -35.66 24.42 16.31
C SER A 415 -34.75 23.22 16.04
N ASP A 416 -33.46 23.37 16.30
CA ASP A 416 -32.50 22.28 16.17
C ASP A 416 -32.79 21.12 17.14
N LYS A 417 -33.62 21.37 18.13
CA LYS A 417 -33.93 20.35 19.13
C LYS A 417 -35.20 19.57 18.78
N ALA A 418 -35.99 20.07 17.85
CA ALA A 418 -37.23 19.40 17.44
C ALA A 418 -36.98 17.93 17.03
N ARG A 419 -37.91 17.07 17.38
CA ARG A 419 -37.80 15.65 17.04
C ARG A 419 -37.75 15.43 15.51
N CYS A 420 -38.44 16.26 14.75
CA CYS A 420 -38.51 16.06 13.30
C CYS A 420 -37.22 16.47 12.60
N VAL A 421 -36.37 17.17 13.35
CA VAL A 421 -35.13 17.67 12.84
C VAL A 421 -33.99 16.75 13.31
N THR A 422 -34.29 15.89 14.29
CA THR A 422 -33.26 15.08 14.90
C THR A 422 -33.42 13.59 14.63
N GLU A 423 -34.64 13.16 14.39
CA GLU A 423 -34.93 11.75 14.20
C GLU A 423 -35.06 11.39 12.71
N GLU A 424 -34.48 10.25 12.33
CA GLU A 424 -34.55 9.78 10.96
C GLU A 424 -35.99 9.40 10.61
N ILE A 425 -36.51 10.02 9.57
CA ILE A 425 -37.88 9.76 9.14
C ILE A 425 -37.91 8.71 8.02
N PHE A 426 -36.96 8.80 7.09
CA PHE A 426 -36.85 7.88 5.95
C PHE A 426 -38.04 8.05 4.98
N GLY A 427 -38.43 9.30 4.76
CA GLY A 427 -39.42 9.61 3.73
C GLY A 427 -38.93 10.80 2.91
N PRO A 428 -39.76 11.26 1.96
CA PRO A 428 -39.37 12.37 1.07
C PRO A 428 -39.60 13.72 1.73
N VAL A 429 -38.68 14.08 2.61
CA VAL A 429 -38.86 15.29 3.37
C VAL A 429 -37.51 15.91 3.73
N CYS A 430 -37.49 17.23 3.81
CA CYS A 430 -36.37 17.94 4.38
C CYS A 430 -36.84 19.19 5.10
N HIS A 431 -36.16 19.49 6.20
CA HIS A 431 -36.33 20.75 6.89
C HIS A 431 -35.18 21.66 6.47
N ILE A 432 -35.49 22.93 6.23
CA ILE A 432 -34.51 23.90 5.80
C ILE A 432 -34.40 25.03 6.83
N SER A 433 -33.17 25.32 7.25
CA SER A 433 -32.89 26.28 8.30
C SER A 433 -31.78 27.24 7.82
N PRO A 434 -31.87 28.53 8.20
CA PRO A 434 -30.78 29.43 7.80
C PRO A 434 -29.57 29.37 8.74
N PHE A 435 -28.40 29.75 8.25
CA PHE A 435 -27.22 29.95 9.11
C PHE A 435 -26.45 31.21 8.70
N ASP A 436 -25.61 31.72 9.60
CA ASP A 436 -24.84 32.92 9.33
C ASP A 436 -23.36 32.62 9.17
N ASP A 437 -22.88 31.66 9.93
CA ASP A 437 -21.45 31.53 10.17
C ASP A 437 -20.97 30.11 9.90
N GLU A 438 -19.77 30.00 9.30
CA GLU A 438 -19.23 28.70 8.91
C GLU A 438 -19.00 27.76 10.10
N ASP A 439 -18.35 28.26 11.14
CA ASP A 439 -18.14 27.44 12.34
C ASP A 439 -19.47 27.06 13.01
N GLU A 440 -20.41 28.00 13.06
CA GLU A 440 -21.75 27.73 13.59
C GLU A 440 -22.40 26.56 12.87
N VAL A 441 -22.38 26.61 11.53
CA VAL A 441 -23.05 25.57 10.77
C VAL A 441 -22.34 24.21 10.91
N ILE A 442 -21.02 24.22 11.08
CA ILE A 442 -20.32 22.94 11.24
C ILE A 442 -20.74 22.27 12.55
N ASN A 443 -20.85 23.08 13.60
CA ASN A 443 -21.33 22.60 14.90
C ASN A 443 -22.77 22.04 14.83
N ARG A 444 -23.66 22.75 14.12
CA ARG A 444 -25.05 22.29 13.96
C ARG A 444 -25.14 20.99 13.15
N VAL A 445 -24.32 20.85 12.14
CA VAL A 445 -24.26 19.60 11.41
C VAL A 445 -23.79 18.45 12.30
N ASN A 446 -22.74 18.70 13.08
CA ASN A 446 -22.13 17.68 13.92
C ASN A 446 -22.89 17.37 15.20
N ASP A 447 -23.86 18.21 15.53
CA ASP A 447 -24.65 18.03 16.74
C ASP A 447 -25.75 17.01 16.51
N SER A 448 -25.37 15.74 16.55
CA SER A 448 -26.25 14.66 16.13
C SER A 448 -25.64 13.36 16.64
N ASN A 449 -26.48 12.40 17.02
CA ASN A 449 -25.96 11.08 17.40
C ASN A 449 -25.62 10.23 16.19
N TYR A 450 -26.05 10.69 15.01
CA TYR A 450 -25.69 10.06 13.74
C TYR A 450 -24.50 10.75 13.10
N GLY A 451 -23.91 10.07 12.11
CA GLY A 451 -22.88 10.67 11.29
C GLY A 451 -22.58 9.82 10.05
N LEU A 452 -23.54 9.73 9.13
CA LEU A 452 -23.36 8.91 7.93
C LEU A 452 -22.77 9.72 6.78
N ALA A 453 -23.48 10.74 6.34
CA ALA A 453 -23.04 11.49 5.19
C ALA A 453 -23.43 12.95 5.28
N CYS A 454 -22.86 13.75 4.40
CA CYS A 454 -23.18 15.16 4.34
C CYS A 454 -22.85 15.68 2.95
N ALA A 455 -23.61 16.66 2.49
CA ALA A 455 -23.33 17.28 1.21
C ALA A 455 -23.15 18.77 1.41
N ILE A 456 -22.12 19.32 0.78
CA ILE A 456 -21.79 20.71 0.92
C ILE A 456 -21.75 21.38 -0.45
N TRP A 457 -22.32 22.57 -0.56
CA TRP A 457 -22.31 23.32 -1.81
C TRP A 457 -21.55 24.63 -1.66
N THR A 458 -20.46 24.75 -2.40
CA THR A 458 -19.62 25.95 -2.43
C THR A 458 -18.72 25.93 -3.64
N THR A 459 -18.44 27.09 -4.21
CA THR A 459 -17.54 27.19 -5.35
C THR A 459 -16.11 27.54 -4.90
N ASN A 460 -15.93 27.73 -3.60
CA ASN A 460 -14.66 28.22 -3.09
C ASN A 460 -13.70 27.08 -2.74
N LEU A 461 -12.52 27.12 -3.33
CA LEU A 461 -11.53 26.06 -3.16
C LEU A 461 -11.17 25.76 -1.68
N SER A 462 -10.65 26.76 -0.97
CA SER A 462 -10.35 26.60 0.45
C SER A 462 -11.54 26.09 1.27
N ARG A 463 -12.70 26.70 1.08
CA ARG A 463 -13.89 26.32 1.85
C ARG A 463 -14.25 24.86 1.66
N ALA A 464 -14.13 24.34 0.44
CA ALA A 464 -14.56 22.97 0.20
C ALA A 464 -13.72 22.01 1.07
N HIS A 465 -12.40 22.21 1.05
CA HIS A 465 -11.51 21.32 1.78
C HIS A 465 -11.49 21.60 3.29
N ARG A 466 -11.55 22.89 3.67
CA ARG A 466 -11.57 23.29 5.07
C ARG A 466 -12.82 22.78 5.80
N VAL A 467 -13.98 23.00 5.21
CA VAL A 467 -15.22 22.58 5.83
C VAL A 467 -15.41 21.07 5.84
N SER A 468 -15.07 20.41 4.73
CA SER A 468 -15.32 18.98 4.59
C SER A 468 -14.69 18.14 5.68
N ARG A 469 -13.43 18.44 5.97
CA ARG A 469 -12.66 17.63 6.90
C ARG A 469 -13.18 17.81 8.33
N GLN A 470 -13.95 18.86 8.57
CA GLN A 470 -14.50 19.10 9.91
C GLN A 470 -15.87 18.48 10.12
N ILE A 471 -16.44 17.88 9.08
CA ILE A 471 -17.73 17.21 9.24
C ILE A 471 -17.51 15.80 9.75
N HIS A 472 -18.18 15.48 10.85
CA HIS A 472 -17.99 14.19 11.50
C HIS A 472 -18.93 13.12 10.92
N VAL A 473 -18.64 12.68 9.70
CA VAL A 473 -19.46 11.70 8.99
C VAL A 473 -18.53 10.79 8.21
N GLY A 474 -19.05 9.69 7.68
CA GLY A 474 -18.24 8.78 6.88
C GLY A 474 -17.95 9.29 5.47
N LEU A 475 -18.92 9.98 4.88
CA LEU A 475 -18.84 10.47 3.49
C LEU A 475 -19.29 11.92 3.35
N VAL A 476 -18.45 12.75 2.75
CA VAL A 476 -18.86 14.09 2.36
C VAL A 476 -18.84 14.20 0.83
N TRP A 477 -19.86 14.83 0.27
CA TRP A 477 -19.84 15.20 -1.14
C TRP A 477 -19.79 16.71 -1.26
N VAL A 478 -18.94 17.22 -2.14
CA VAL A 478 -18.95 18.65 -2.46
C VAL A 478 -19.49 18.89 -3.88
N ASN A 479 -20.58 19.64 -3.96
CA ASN A 479 -21.27 19.96 -5.22
C ASN A 479 -21.82 18.74 -5.96
N THR A 480 -22.24 17.74 -5.20
CA THR A 480 -22.93 16.58 -5.75
C THR A 480 -23.52 15.80 -4.57
N TRP A 481 -24.04 14.62 -4.83
CA TRP A 481 -24.54 13.76 -3.77
C TRP A 481 -24.59 12.33 -4.28
N TYR A 482 -24.31 11.38 -3.40
CA TYR A 482 -24.33 9.96 -3.76
C TYR A 482 -23.60 9.67 -5.09
N LEU A 483 -22.42 10.26 -5.27
CA LEU A 483 -21.54 9.92 -6.37
C LEU A 483 -20.61 8.84 -5.84
N ARG A 484 -20.64 7.65 -6.44
CA ARG A 484 -19.93 6.51 -5.84
C ARG A 484 -18.71 5.99 -6.61
N ASP A 485 -17.59 5.90 -5.91
CA ASP A 485 -16.44 5.14 -6.39
C ASP A 485 -16.33 3.93 -5.47
N LEU A 486 -16.46 2.74 -6.02
CA LEU A 486 -16.59 1.52 -5.21
C LEU A 486 -15.32 1.13 -4.41
N ARG A 487 -14.18 1.75 -4.73
CA ARG A 487 -12.93 1.51 -3.98
C ARG A 487 -12.84 2.31 -2.68
N THR A 488 -13.65 3.35 -2.55
CA THR A 488 -13.61 4.16 -1.34
C THR A 488 -14.15 3.43 -0.09
N PRO A 489 -13.66 3.81 1.10
CA PRO A 489 -14.32 3.37 2.31
C PRO A 489 -15.74 3.94 2.38
N PHE A 490 -16.67 3.10 2.81
CA PHE A 490 -18.07 3.48 2.87
C PHE A 490 -18.60 3.06 4.23
N GLY A 491 -19.21 4.00 4.95
CA GLY A 491 -19.74 3.67 6.26
C GLY A 491 -20.03 4.94 7.02
N GLY A 492 -20.39 4.79 8.30
CA GLY A 492 -20.71 5.93 9.13
C GLY A 492 -20.06 5.92 10.50
N VAL A 493 -20.11 7.06 11.16
CA VAL A 493 -19.59 7.19 12.51
C VAL A 493 -20.76 7.23 13.50
N LYS A 494 -20.43 7.07 14.79
CA LYS A 494 -21.42 7.18 15.86
C LYS A 494 -22.55 6.15 15.67
N LEU A 495 -23.81 6.55 15.79
CA LEU A 495 -24.92 5.59 15.58
C LEU A 495 -25.11 5.14 14.12
N SER A 496 -24.41 5.77 13.19
CA SER A 496 -24.61 5.48 11.76
C SER A 496 -23.86 4.27 11.25
N GLY A 497 -23.02 3.65 12.09
CA GLY A 497 -22.26 2.51 11.61
C GLY A 497 -21.20 1.95 12.55
N LEU A 498 -20.61 0.86 12.09
CA LEU A 498 -19.51 0.18 12.78
C LEU A 498 -18.65 -0.47 11.69
N GLY A 499 -17.39 -0.05 11.60
CA GLY A 499 -16.50 -0.51 10.56
C GLY A 499 -16.69 0.23 9.23
N ARG A 500 -15.87 -0.13 8.25
CA ARG A 500 -16.02 0.37 6.87
C ARG A 500 -16.03 -0.79 5.88
N GLU A 501 -16.75 -0.60 4.79
CA GLU A 501 -16.66 -1.51 3.65
C GLU A 501 -16.28 -0.71 2.40
N GLY A 502 -16.20 -1.38 1.27
CA GLY A 502 -15.69 -0.77 0.04
C GLY A 502 -14.20 -1.05 -0.11
N GLY A 503 -13.78 -1.36 -1.33
CA GLY A 503 -12.37 -1.57 -1.63
C GLY A 503 -11.65 -2.52 -0.69
N ARG A 504 -10.48 -2.07 -0.21
CA ARG A 504 -9.64 -2.90 0.65
C ARG A 504 -10.30 -3.08 2.03
N PHE A 505 -11.19 -2.17 2.38
CA PHE A 505 -11.94 -2.29 3.64
C PHE A 505 -12.89 -3.48 3.62
N SER A 506 -13.55 -3.73 2.48
CA SER A 506 -14.30 -4.98 2.33
C SER A 506 -13.38 -6.20 2.31
N MET A 507 -12.28 -6.12 1.55
CA MET A 507 -11.32 -7.24 1.47
C MET A 507 -10.77 -7.67 2.85
N ASP A 508 -10.58 -6.71 3.76
CA ASP A 508 -10.18 -7.00 5.13
C ASP A 508 -11.30 -7.63 5.97
N PHE A 509 -12.49 -7.05 5.93
CA PHE A 509 -13.58 -7.57 6.76
C PHE A 509 -13.99 -8.99 6.39
N TYR A 510 -14.17 -9.25 5.10
CA TYR A 510 -14.58 -10.58 4.65
C TYR A 510 -13.42 -11.57 4.57
N SER A 511 -12.21 -11.16 4.99
CA SER A 511 -11.07 -12.07 5.05
C SER A 511 -10.61 -12.33 6.47
N ASP A 512 -10.08 -13.52 6.67
CA ASP A 512 -9.28 -13.78 7.84
C ASP A 512 -7.82 -13.53 7.43
N ILE A 513 -7.22 -12.47 7.97
CA ILE A 513 -5.80 -12.19 7.72
C ILE A 513 -4.92 -12.90 8.75
N ALA A 514 -4.15 -13.88 8.30
CA ALA A 514 -3.35 -14.70 9.22
C ALA A 514 -1.85 -14.39 9.09
N ASN A 515 -1.15 -14.33 10.22
CA ASN A 515 0.29 -14.11 10.24
C ASN A 515 1.09 -15.40 10.45
N ILE A 516 2.07 -15.63 9.59
CA ILE A 516 2.96 -16.77 9.72
C ILE A 516 4.41 -16.28 9.91
N CYS A 517 5.02 -16.74 10.99
CA CYS A 517 6.37 -16.33 11.34
C CYS A 517 7.38 -17.49 11.21
N ILE A 518 8.35 -17.32 10.31
CA ILE A 518 9.38 -18.31 10.10
C ILE A 518 10.68 -17.86 10.78
N LYS A 519 11.12 -18.56 11.81
CA LYS A 519 12.47 -18.35 12.35
C LYS A 519 13.47 -18.96 11.37
N ILE A 520 14.48 -18.20 10.97
CA ILE A 520 15.39 -18.69 9.94
C ILE A 520 16.68 -19.27 10.55
N SER B 38 3.43 -15.27 -48.29
CA SER B 38 3.01 -14.52 -47.10
C SER B 38 3.84 -13.24 -46.95
N GLN B 39 3.18 -12.18 -46.49
CA GLN B 39 3.84 -10.89 -46.31
C GLN B 39 3.45 -10.24 -44.98
N LEU B 40 4.42 -9.57 -44.36
CA LEU B 40 4.17 -8.89 -43.08
C LEU B 40 4.42 -7.38 -43.24
N LEU B 41 3.35 -6.60 -43.12
CA LEU B 41 3.43 -5.15 -43.29
C LEU B 41 3.59 -4.41 -41.96
N ASN B 42 4.07 -3.18 -42.03
CA ASN B 42 4.04 -2.28 -40.88
C ASN B 42 2.60 -1.85 -40.63
N TYR B 43 2.31 -1.41 -39.39
CA TYR B 43 0.99 -0.90 -39.07
C TYR B 43 1.11 0.49 -38.46
N ILE B 44 0.75 1.50 -39.24
CA ILE B 44 1.02 2.89 -38.89
C ILE B 44 -0.23 3.75 -39.05
N ASP B 45 -0.59 4.46 -37.98
CA ASP B 45 -1.73 5.37 -38.00
C ASP B 45 -2.99 4.71 -38.56
N GLY B 46 -3.26 3.50 -38.09
CA GLY B 46 -4.46 2.78 -38.49
C GLY B 46 -4.38 2.00 -39.79
N ASN B 47 -3.24 2.04 -40.47
CA ASN B 47 -3.10 1.41 -41.78
C ASN B 47 -1.93 0.46 -41.91
N PHE B 48 -2.18 -0.70 -42.51
CA PHE B 48 -1.10 -1.59 -42.92
C PHE B 48 -0.38 -1.01 -44.14
N VAL B 49 0.94 -0.89 -44.04
CA VAL B 49 1.71 -0.31 -45.12
C VAL B 49 3.00 -1.08 -45.42
N THR B 50 3.40 -1.04 -46.69
CA THR B 50 4.64 -1.65 -47.13
C THR B 50 5.76 -0.63 -47.07
N SER B 51 6.95 -1.06 -47.49
CA SER B 51 8.14 -0.20 -47.47
C SER B 51 8.97 -0.37 -48.75
N ALA B 52 9.95 0.53 -48.93
CA ALA B 52 10.91 0.43 -50.03
C ALA B 52 11.77 -0.85 -49.97
N SER B 53 12.10 -1.29 -48.76
CA SER B 53 12.94 -2.48 -48.57
C SER B 53 12.21 -3.63 -47.89
N SER B 54 12.70 -4.84 -48.11
CA SER B 54 12.11 -5.99 -47.45
C SER B 54 13.15 -7.07 -47.14
N PHE B 55 12.84 -7.91 -46.15
CA PHE B 55 13.73 -8.99 -45.78
C PHE B 55 12.95 -10.26 -45.54
N ALA B 56 13.69 -11.36 -45.42
CA ALA B 56 13.11 -12.68 -45.34
C ALA B 56 12.89 -13.16 -43.90
N ASN B 57 11.75 -13.80 -43.68
CA ASN B 57 11.43 -14.54 -42.47
C ASN B 57 11.69 -16.03 -42.76
N ILE B 58 12.64 -16.65 -42.05
CA ILE B 58 13.10 -18.00 -42.39
C ILE B 58 12.73 -19.02 -41.32
N ASN B 59 12.04 -20.08 -41.71
CA ASN B 59 11.73 -21.14 -40.74
C ASN B 59 13.00 -21.89 -40.29
N PRO B 60 13.31 -21.84 -38.98
CA PRO B 60 14.54 -22.49 -38.50
C PRO B 60 14.50 -24.02 -38.50
N VAL B 61 13.32 -24.62 -38.67
CA VAL B 61 13.20 -26.06 -38.74
C VAL B 61 13.81 -26.64 -40.03
N ASN B 62 13.62 -25.93 -41.13
CA ASN B 62 14.00 -26.46 -42.45
C ASN B 62 14.69 -25.43 -43.35
N GLY B 63 14.88 -24.21 -42.83
CA GLY B 63 15.51 -23.15 -43.62
C GLY B 63 14.68 -22.55 -44.74
N LYS B 64 13.40 -22.91 -44.82
CA LYS B 64 12.55 -22.39 -45.89
C LYS B 64 12.00 -21.00 -45.57
N LEU B 65 11.72 -20.23 -46.62
CA LEU B 65 11.11 -18.92 -46.47
C LEU B 65 9.68 -19.01 -45.91
N ILE B 66 9.39 -18.26 -44.85
CA ILE B 66 8.02 -18.18 -44.33
C ILE B 66 7.27 -17.00 -44.96
N SER B 67 7.94 -15.85 -45.04
CA SER B 67 7.29 -14.64 -45.52
C SER B 67 8.27 -13.55 -45.87
N ASP B 68 7.77 -12.51 -46.54
CA ASP B 68 8.52 -11.28 -46.72
C ASP B 68 8.07 -10.26 -45.68
N VAL B 69 9.04 -9.53 -45.14
CA VAL B 69 8.80 -8.53 -44.12
C VAL B 69 9.29 -7.18 -44.62
N PHE B 70 8.42 -6.19 -44.64
CA PHE B 70 8.79 -4.83 -45.05
C PHE B 70 9.48 -4.04 -43.97
N GLU B 71 10.68 -3.54 -44.27
CA GLU B 71 11.46 -2.77 -43.30
C GLU B 71 11.11 -1.28 -43.33
N ALA B 72 10.64 -0.76 -42.20
CA ALA B 72 10.31 0.66 -42.09
C ALA B 72 11.57 1.54 -42.17
N ASP B 73 11.52 2.60 -42.98
CA ASP B 73 12.62 3.56 -42.99
C ASP B 73 12.38 4.65 -41.95
N ALA B 74 13.28 5.63 -41.89
CA ALA B 74 13.20 6.72 -40.93
C ALA B 74 11.94 7.58 -41.07
N LYS B 75 11.53 7.79 -42.31
CA LYS B 75 10.32 8.54 -42.62
C LYS B 75 9.10 7.88 -41.97
N GLN B 76 9.02 6.56 -42.09
CA GLN B 76 7.87 5.82 -41.54
C GLN B 76 7.92 5.74 -40.02
N VAL B 77 9.13 5.70 -39.45
CA VAL B 77 9.26 5.70 -38.01
C VAL B 77 8.77 7.04 -37.46
N ASN B 78 9.19 8.14 -38.08
CA ASN B 78 8.66 9.44 -37.72
C ASN B 78 7.14 9.49 -37.80
N GLU B 79 6.60 8.96 -38.90
CA GLU B 79 5.16 8.92 -39.08
C GLU B 79 4.44 8.18 -37.95
N ALA B 80 4.96 7.01 -37.57
CA ALA B 80 4.42 6.27 -36.43
C ALA B 80 4.44 7.09 -35.14
N VAL B 81 5.59 7.70 -34.85
CA VAL B 81 5.73 8.50 -33.64
C VAL B 81 4.79 9.70 -33.61
N VAL B 82 4.69 10.41 -34.73
CA VAL B 82 3.77 11.55 -34.81
C VAL B 82 2.32 11.10 -34.65
N ALA B 83 1.96 10.00 -35.31
CA ALA B 83 0.62 9.47 -35.17
C ALA B 83 0.32 9.12 -33.71
N ALA B 84 1.29 8.50 -33.03
CA ALA B 84 1.10 8.12 -31.62
C ALA B 84 0.93 9.34 -30.71
N GLN B 85 1.70 10.41 -31.01
CA GLN B 85 1.55 11.69 -30.33
C GLN B 85 0.14 12.27 -30.50
N ASN B 86 -0.34 12.30 -31.74
CA ASN B 86 -1.66 12.84 -32.01
C ASN B 86 -2.77 11.98 -31.42
N ALA B 87 -2.54 10.66 -31.37
CA ALA B 87 -3.52 9.74 -30.78
C ALA B 87 -3.80 10.05 -29.30
N LEU B 88 -2.79 10.55 -28.60
CA LEU B 88 -2.97 10.96 -27.21
C LEU B 88 -4.02 12.08 -27.05
N LYS B 89 -4.24 12.83 -28.12
CA LYS B 89 -5.21 13.93 -28.11
C LYS B 89 -6.53 13.54 -28.78
N GLY B 90 -6.62 12.28 -29.23
CA GLY B 90 -7.83 11.79 -29.85
C GLY B 90 -8.75 11.14 -28.83
N PRO B 91 -9.70 10.33 -29.29
CA PRO B 91 -10.68 9.56 -28.51
C PRO B 91 -10.04 8.62 -27.48
N TRP B 92 -8.84 8.13 -27.78
CA TRP B 92 -8.11 7.29 -26.85
C TRP B 92 -7.88 8.03 -25.52
N GLY B 93 -7.47 9.28 -25.62
CA GLY B 93 -7.21 10.11 -24.46
C GLY B 93 -8.45 10.46 -23.64
N LYS B 94 -9.64 10.27 -24.21
CA LYS B 94 -10.87 10.68 -23.56
C LYS B 94 -11.59 9.52 -22.89
N LEU B 95 -11.16 8.30 -23.19
CA LEU B 95 -11.74 7.12 -22.57
C LEU B 95 -11.56 7.14 -21.06
N SER B 96 -12.58 6.73 -20.34
CA SER B 96 -12.46 6.49 -18.92
C SER B 96 -11.54 5.29 -18.72
N VAL B 97 -10.99 5.17 -17.53
CA VAL B 97 -10.15 4.02 -17.23
C VAL B 97 -10.97 2.74 -17.39
N GLN B 98 -12.24 2.79 -17.02
CA GLN B 98 -13.12 1.64 -17.17
C GLN B 98 -13.28 1.23 -18.63
N ASP B 99 -13.49 2.22 -19.49
CA ASP B 99 -13.70 1.98 -20.91
C ASP B 99 -12.42 1.55 -21.60
N ARG B 100 -11.30 2.17 -21.26
CA ARG B 100 -10.01 1.78 -21.81
C ARG B 100 -9.69 0.33 -21.41
N ALA B 101 -9.96 -0.01 -20.16
CA ALA B 101 -9.77 -1.38 -19.69
C ALA B 101 -10.65 -2.38 -20.46
N ALA B 102 -11.88 -1.98 -20.76
CA ALA B 102 -12.81 -2.87 -21.47
C ALA B 102 -12.26 -3.19 -22.84
N LEU B 103 -11.77 -2.15 -23.52
CA LEU B 103 -11.14 -2.26 -24.83
C LEU B 103 -9.91 -3.21 -24.82
N ILE B 104 -9.04 -3.04 -23.84
CA ILE B 104 -7.89 -3.94 -23.68
C ILE B 104 -8.33 -5.39 -23.49
N HIS B 105 -9.40 -5.58 -22.73
CA HIS B 105 -10.02 -6.90 -22.62
C HIS B 105 -10.54 -7.42 -23.99
N LYS B 106 -10.91 -6.53 -24.88
CA LYS B 106 -11.33 -6.94 -26.22
C LYS B 106 -10.15 -7.37 -27.09
N ILE B 107 -9.00 -6.73 -26.91
CA ILE B 107 -7.77 -7.18 -27.55
C ILE B 107 -7.42 -8.61 -27.10
N ALA B 108 -7.49 -8.86 -25.79
CA ALA B 108 -7.23 -10.19 -25.28
C ALA B 108 -8.24 -11.20 -25.83
N ASP B 109 -9.49 -10.76 -25.99
CA ASP B 109 -10.55 -11.60 -26.54
C ASP B 109 -10.23 -11.94 -28.00
N GLY B 110 -9.79 -10.95 -28.75
CA GLY B 110 -9.43 -11.12 -30.14
C GLY B 110 -8.30 -12.10 -30.39
N ILE B 111 -7.30 -12.12 -29.51
CA ILE B 111 -6.22 -13.12 -29.60
C ILE B 111 -6.76 -14.50 -29.26
N GLN B 112 -7.59 -14.59 -28.23
CA GLN B 112 -8.20 -15.85 -27.86
C GLN B 112 -9.04 -16.42 -29.01
N ALA B 113 -9.74 -15.55 -29.72
CA ALA B 113 -10.59 -15.94 -30.85
C ALA B 113 -9.77 -16.46 -32.03
N ARG B 114 -8.48 -16.17 -32.02
CA ARG B 114 -7.60 -16.59 -33.12
C ARG B 114 -6.42 -17.34 -32.54
N PHE B 115 -6.68 -18.03 -31.44
CA PHE B 115 -5.63 -18.69 -30.67
C PHE B 115 -4.66 -19.52 -31.53
N GLU B 116 -5.21 -20.46 -32.30
CA GLU B 116 -4.37 -21.39 -33.07
C GLU B 116 -3.58 -20.71 -34.21
N GLU B 117 -4.13 -19.64 -34.79
CA GLU B 117 -3.38 -18.79 -35.73
C GLU B 117 -2.15 -18.20 -35.06
N PHE B 118 -2.32 -17.76 -33.82
CA PHE B 118 -1.19 -17.20 -33.08
C PHE B 118 -0.16 -18.28 -32.73
N VAL B 119 -0.64 -19.43 -32.28
CA VAL B 119 0.24 -20.57 -32.04
C VAL B 119 1.03 -20.89 -33.32
N ALA B 120 0.32 -20.96 -34.45
CA ALA B 120 0.95 -21.28 -35.74
C ALA B 120 2.04 -20.28 -36.13
N ALA B 121 1.78 -19.00 -35.89
CA ALA B 121 2.75 -17.96 -36.21
C ALA B 121 4.00 -18.01 -35.34
N GLU B 122 3.85 -18.17 -34.01
CA GLU B 122 5.00 -18.26 -33.10
C GLU B 122 5.87 -19.46 -33.46
N VAL B 123 5.23 -20.59 -33.69
CA VAL B 123 5.92 -21.81 -34.04
C VAL B 123 6.67 -21.64 -35.36
N ALA B 124 6.01 -21.07 -36.36
CA ALA B 124 6.64 -20.93 -37.67
C ALA B 124 7.94 -20.12 -37.59
N ASP B 125 7.88 -18.95 -36.98
CA ASP B 125 9.08 -18.12 -36.81
C ASP B 125 10.20 -18.78 -36.01
N THR B 126 9.87 -19.55 -34.98
CA THR B 126 10.92 -19.85 -34.02
C THR B 126 11.29 -21.34 -33.89
N GLY B 127 10.43 -22.22 -34.41
CA GLY B 127 10.62 -23.66 -34.27
C GLY B 127 10.25 -24.21 -32.90
N ARG B 128 9.64 -23.39 -32.04
CA ARG B 128 9.34 -23.83 -30.67
C ARG B 128 8.29 -24.94 -30.70
N PRO B 129 8.37 -25.89 -29.76
CA PRO B 129 7.35 -26.94 -29.71
C PRO B 129 5.94 -26.34 -29.65
N VAL B 130 5.01 -26.97 -30.34
CA VAL B 130 3.64 -26.49 -30.39
C VAL B 130 3.03 -26.48 -28.99
N HIS B 131 3.39 -27.46 -28.17
N HIS B 131 3.39 -27.47 -28.18
CA HIS B 131 2.87 -27.54 -26.81
CA HIS B 131 2.89 -27.54 -26.82
C HIS B 131 3.34 -26.37 -25.94
C HIS B 131 3.30 -26.31 -26.00
N GLN B 132 4.53 -25.85 -26.20
CA GLN B 132 5.07 -24.72 -25.45
C GLN B 132 4.32 -23.46 -25.87
N ALA B 133 4.07 -23.32 -27.16
CA ALA B 133 3.32 -22.21 -27.69
C ALA B 133 1.88 -22.20 -27.16
N ARG B 134 1.26 -23.38 -27.09
CA ARG B 134 -0.12 -23.49 -26.63
C ARG B 134 -0.28 -23.29 -25.13
N THR B 135 0.77 -23.56 -24.36
CA THR B 135 0.60 -23.50 -22.92
C THR B 135 1.33 -22.32 -22.27
N LEU B 136 2.44 -21.90 -22.86
CA LEU B 136 3.19 -20.78 -22.31
C LEU B 136 2.98 -19.53 -23.14
N ASP B 137 3.49 -19.55 -24.38
CA ASP B 137 3.58 -18.34 -25.20
C ASP B 137 2.28 -17.59 -25.41
N ILE B 138 1.31 -18.22 -26.06
CA ILE B 138 0.08 -17.52 -26.39
C ILE B 138 -0.83 -17.19 -25.18
N PRO B 139 -1.01 -18.15 -24.26
CA PRO B 139 -1.79 -17.78 -23.07
C PRO B 139 -1.20 -16.64 -22.26
N ARG B 140 0.14 -16.54 -22.17
CA ARG B 140 0.76 -15.45 -21.41
C ARG B 140 0.49 -14.11 -22.06
N ALA B 141 0.46 -14.07 -23.39
CA ALA B 141 0.18 -12.85 -24.11
C ALA B 141 -1.22 -12.35 -23.80
N ILE B 142 -2.16 -13.29 -23.71
CA ILE B 142 -3.54 -12.94 -23.39
C ILE B 142 -3.62 -12.48 -21.94
N ALA B 143 -2.99 -13.23 -21.03
CA ALA B 143 -2.96 -12.90 -19.61
C ALA B 143 -2.24 -11.58 -19.34
N ASN B 144 -1.28 -11.22 -20.18
CA ASN B 144 -0.59 -9.93 -20.05
C ASN B 144 -1.60 -8.78 -20.19
N PHE B 145 -2.39 -8.80 -21.25
CA PHE B 145 -3.39 -7.77 -21.47
C PHE B 145 -4.44 -7.75 -20.36
N ARG B 146 -4.94 -8.92 -19.99
CA ARG B 146 -5.99 -9.00 -18.97
C ARG B 146 -5.51 -8.51 -17.62
N THR B 147 -4.29 -8.88 -17.23
CA THR B 147 -3.72 -8.52 -15.94
C THR B 147 -3.55 -7.00 -15.79
N PHE B 148 -3.03 -6.34 -16.83
CA PHE B 148 -2.80 -4.92 -16.74
C PHE B 148 -4.06 -4.06 -16.92
N ALA B 149 -5.03 -4.57 -17.67
CA ALA B 149 -6.35 -3.92 -17.74
C ALA B 149 -7.00 -3.91 -16.35
N ASP B 150 -6.93 -5.05 -15.67
CA ASP B 150 -7.48 -5.19 -14.33
C ASP B 150 -6.78 -4.27 -13.34
N LEU B 151 -5.44 -4.26 -13.44
CA LEU B 151 -4.60 -3.44 -12.60
C LEU B 151 -4.94 -1.97 -12.77
N ALA B 152 -5.17 -1.55 -14.01
CA ALA B 152 -5.54 -0.16 -14.31
C ALA B 152 -6.88 0.21 -13.69
N LYS B 153 -7.78 -0.76 -13.65
CA LYS B 153 -9.10 -0.55 -13.06
C LYS B 153 -9.05 -0.39 -11.55
N THR B 154 -8.18 -1.15 -10.90
CA THR B 154 -8.16 -1.13 -9.44
C THR B 154 -7.16 -0.12 -8.84
N SER B 155 -6.16 0.29 -9.61
CA SER B 155 -5.07 1.08 -9.06
C SER B 155 -5.47 2.50 -8.65
N HIS B 156 -4.98 2.94 -7.51
CA HIS B 156 -5.19 4.35 -7.12
C HIS B 156 -3.89 4.98 -6.68
N THR B 157 -3.97 6.25 -6.27
CA THR B 157 -2.81 7.00 -5.84
C THR B 157 -2.95 7.49 -4.39
N ASP B 158 -2.20 8.52 -4.02
CA ASP B 158 -1.96 8.85 -2.62
C ASP B 158 -2.45 10.22 -2.17
N LEU B 159 -2.78 10.33 -0.89
CA LEU B 159 -3.18 11.57 -0.27
C LEU B 159 -2.30 11.77 0.95
N PHE B 160 -1.59 12.89 0.99
CA PHE B 160 -0.74 13.29 2.11
C PHE B 160 -1.29 14.58 2.74
N GLU B 161 -1.64 14.56 4.02
CA GLU B 161 -2.02 15.80 4.69
C GLU B 161 -0.79 16.38 5.38
N MET B 162 -0.72 17.69 5.46
CA MET B 162 0.35 18.34 6.21
C MET B 162 -0.14 19.58 6.94
N SER B 163 0.52 19.90 8.05
CA SER B 163 0.32 21.15 8.76
C SER B 163 1.11 22.29 8.11
N THR B 164 0.66 23.52 8.32
CA THR B 164 1.41 24.69 7.86
C THR B 164 1.49 25.72 8.98
N SER B 165 2.39 26.69 8.84
CA SER B 165 2.57 27.76 9.83
C SER B 165 1.25 28.43 10.23
N ASP B 166 0.43 28.78 9.24
CA ASP B 166 -0.79 29.55 9.53
C ASP B 166 -1.88 28.68 10.17
N GLY B 167 -1.61 27.40 10.34
CA GLY B 167 -2.56 26.51 10.98
C GLY B 167 -3.71 26.03 10.09
N SER B 168 -3.68 26.34 8.80
CA SER B 168 -4.77 25.92 7.91
C SER B 168 -4.48 24.60 7.19
N GLY B 169 -3.21 24.23 7.08
CA GLY B 169 -2.82 22.97 6.49
C GLY B 169 -2.78 22.97 4.96
N ALA B 170 -2.33 21.85 4.40
CA ALA B 170 -2.33 21.65 2.95
C ALA B 170 -2.62 20.21 2.63
N LEU B 171 -3.00 19.96 1.37
CA LEU B 171 -3.18 18.61 0.87
C LEU B 171 -2.23 18.40 -0.29
N ASN B 172 -1.54 17.27 -0.28
CA ASN B 172 -0.82 16.83 -1.45
C ASN B 172 -1.50 15.56 -1.94
N TYR B 173 -1.83 15.53 -3.23
CA TYR B 173 -2.39 14.32 -3.80
C TYR B 173 -1.68 14.03 -5.12
N THR B 174 -1.55 12.76 -5.43
CA THR B 174 -0.94 12.38 -6.69
C THR B 174 -1.98 11.86 -7.63
N VAL B 175 -1.74 12.06 -8.92
CA VAL B 175 -2.57 11.54 -9.99
C VAL B 175 -1.69 10.76 -10.95
N ARG B 176 -2.31 9.82 -11.64
CA ARG B 176 -1.63 8.97 -12.61
C ARG B 176 -2.00 9.48 -14.01
N LYS B 177 -1.00 9.84 -14.80
CA LYS B 177 -1.24 10.24 -16.19
C LYS B 177 -0.48 9.32 -17.14
N PRO B 178 -0.89 9.26 -18.43
CA PRO B 178 -0.03 8.58 -19.40
C PRO B 178 1.32 9.29 -19.46
N LEU B 179 2.39 8.54 -19.65
CA LEU B 179 3.71 9.10 -19.84
C LEU B 179 3.80 9.81 -21.20
N GLY B 180 3.19 9.21 -22.21
CA GLY B 180 3.25 9.74 -23.56
C GLY B 180 3.35 8.59 -24.58
N VAL B 181 4.26 8.72 -25.53
CA VAL B 181 4.51 7.65 -26.48
C VAL B 181 5.60 6.72 -25.97
N ILE B 182 5.29 5.44 -25.89
CA ILE B 182 6.26 4.44 -25.41
C ILE B 182 6.86 3.73 -26.61
N GLY B 183 8.18 3.79 -26.74
CA GLY B 183 8.89 2.97 -27.70
C GLY B 183 9.13 1.58 -27.10
N VAL B 184 8.80 0.55 -27.87
CA VAL B 184 8.94 -0.84 -27.44
C VAL B 184 9.81 -1.59 -28.43
N ILE B 185 10.85 -2.26 -27.94
CA ILE B 185 11.72 -3.07 -28.78
C ILE B 185 11.88 -4.43 -28.11
N SER B 186 11.50 -5.49 -28.82
CA SER B 186 11.46 -6.82 -28.20
C SER B 186 12.38 -7.85 -28.90
N PRO B 187 12.70 -8.97 -28.19
CA PRO B 187 13.64 -9.96 -28.72
C PRO B 187 12.92 -11.20 -29.30
N TRP B 188 13.66 -12.22 -29.69
CA TRP B 188 13.09 -13.34 -30.43
C TRP B 188 12.89 -14.60 -29.59
N ASP B 189 13.37 -14.60 -28.35
CA ASP B 189 13.28 -15.81 -27.52
C ASP B 189 11.83 -16.15 -27.10
N LEU B 190 11.11 -15.18 -26.56
CA LEU B 190 9.69 -15.36 -26.25
C LEU B 190 8.91 -14.23 -26.93
N PRO B 191 8.65 -14.35 -28.24
CA PRO B 191 8.30 -13.18 -29.05
C PRO B 191 7.00 -12.46 -28.65
N LEU B 192 5.86 -13.15 -28.68
CA LEU B 192 4.59 -12.48 -28.34
C LEU B 192 4.48 -12.20 -26.83
N LEU B 193 5.02 -13.11 -26.02
CA LEU B 193 5.01 -12.94 -24.56
C LEU B 193 5.73 -11.66 -24.15
N LEU B 194 6.96 -11.47 -24.65
CA LEU B 194 7.75 -10.33 -24.25
C LEU B 194 7.26 -9.03 -24.87
N PHE B 195 6.71 -9.16 -26.09
CA PHE B 195 6.12 -8.05 -26.83
C PHE B 195 4.90 -7.48 -26.11
N THR B 196 3.99 -8.37 -25.72
CA THR B 196 2.80 -7.96 -25.00
C THR B 196 3.09 -7.62 -23.53
N TRP B 197 4.21 -8.12 -23.02
CA TRP B 197 4.62 -7.80 -21.66
C TRP B 197 4.93 -6.31 -21.53
N LYS B 198 5.35 -5.68 -22.63
CA LYS B 198 5.62 -4.25 -22.65
C LYS B 198 4.40 -3.46 -23.15
N VAL B 199 3.76 -3.95 -24.23
CA VAL B 199 2.65 -3.27 -24.87
C VAL B 199 1.40 -3.18 -23.97
N ALA B 200 1.09 -4.25 -23.25
CA ALA B 200 -0.08 -4.27 -22.37
C ALA B 200 -0.09 -3.20 -21.25
N PRO B 201 0.99 -3.11 -20.44
CA PRO B 201 0.95 -2.07 -19.40
C PRO B 201 1.03 -0.67 -19.99
N ALA B 202 1.68 -0.52 -21.14
CA ALA B 202 1.76 0.77 -21.81
C ALA B 202 0.37 1.29 -22.16
N LEU B 203 -0.41 0.45 -22.82
CA LEU B 203 -1.79 0.79 -23.17
C LEU B 203 -2.71 0.95 -21.94
N ALA B 204 -2.52 0.08 -20.95
CA ALA B 204 -3.31 0.12 -19.73
C ALA B 204 -3.13 1.43 -18.98
N CYS B 205 -1.94 2.02 -19.10
CA CYS B 205 -1.70 3.30 -18.43
C CYS B 205 -2.06 4.48 -19.29
N GLY B 206 -2.72 4.19 -20.42
CA GLY B 206 -3.22 5.25 -21.30
C GLY B 206 -2.20 5.79 -22.30
N ASN B 207 -1.03 5.16 -22.37
CA ASN B 207 -0.02 5.57 -23.34
C ASN B 207 -0.41 5.18 -24.78
N THR B 208 0.35 5.72 -25.73
CA THR B 208 0.35 5.20 -27.09
C THR B 208 1.72 4.56 -27.39
N VAL B 209 1.75 3.70 -28.40
CA VAL B 209 2.90 2.80 -28.59
C VAL B 209 3.44 2.79 -30.01
N VAL B 210 4.76 2.81 -30.13
CA VAL B 210 5.43 2.46 -31.36
C VAL B 210 6.36 1.27 -31.08
N ALA B 211 6.07 0.13 -31.69
CA ALA B 211 6.70 -1.12 -31.27
C ALA B 211 7.43 -1.83 -32.40
N LYS B 212 8.66 -2.23 -32.12
CA LYS B 212 9.51 -2.91 -33.11
C LYS B 212 9.86 -4.32 -32.65
N PRO B 213 9.20 -5.34 -33.21
CA PRO B 213 9.54 -6.71 -32.81
C PRO B 213 10.85 -7.15 -33.45
N SER B 214 11.43 -8.24 -32.97
CA SER B 214 12.64 -8.79 -33.57
C SER B 214 12.43 -9.17 -35.03
N GLU B 215 13.46 -8.91 -35.84
CA GLU B 215 13.45 -9.32 -37.24
C GLU B 215 13.36 -10.84 -37.38
N GLU B 216 13.84 -11.56 -36.36
CA GLU B 216 13.81 -13.01 -36.38
C GLU B 216 12.43 -13.55 -36.02
N SER B 217 11.51 -12.71 -35.56
CA SER B 217 10.22 -13.25 -35.14
C SER B 217 9.08 -12.26 -35.28
N PRO B 218 8.80 -11.82 -36.51
CA PRO B 218 7.88 -10.69 -36.64
C PRO B 218 6.41 -11.07 -36.82
N SER B 219 6.10 -12.37 -36.90
CA SER B 219 4.75 -12.80 -37.28
C SER B 219 3.63 -12.52 -36.28
N SER B 220 3.84 -12.96 -35.04
CA SER B 220 2.79 -12.87 -34.01
C SER B 220 2.45 -11.41 -33.74
N ALA B 221 3.45 -10.53 -33.84
CA ALA B 221 3.22 -9.13 -33.60
C ALA B 221 2.36 -8.51 -34.72
N THR B 222 2.59 -8.96 -35.96
CA THR B 222 1.78 -8.50 -37.08
C THR B 222 0.32 -8.93 -36.92
N LEU B 223 0.10 -10.16 -36.50
CA LEU B 223 -1.23 -10.65 -36.18
C LEU B 223 -1.88 -9.85 -35.05
N LEU B 224 -1.08 -9.48 -34.04
CA LEU B 224 -1.58 -8.65 -32.96
C LEU B 224 -2.10 -7.31 -33.51
N ALA B 225 -1.36 -6.71 -34.45
CA ALA B 225 -1.83 -5.49 -35.12
C ALA B 225 -3.20 -5.67 -35.78
N GLU B 226 -3.43 -6.84 -36.37
CA GLU B 226 -4.75 -7.17 -36.93
C GLU B 226 -5.82 -7.23 -35.84
N VAL B 227 -5.47 -7.80 -34.70
CA VAL B 227 -6.43 -7.90 -33.60
C VAL B 227 -6.80 -6.50 -33.08
N MET B 228 -5.79 -5.64 -32.95
CA MET B 228 -6.00 -4.26 -32.52
C MET B 228 -6.93 -3.55 -33.48
N HIS B 229 -6.64 -3.69 -34.77
CA HIS B 229 -7.43 -3.01 -35.78
C HIS B 229 -8.89 -3.48 -35.73
N ASP B 230 -9.09 -4.78 -35.60
CA ASP B 230 -10.43 -5.34 -35.60
C ASP B 230 -11.19 -5.08 -34.30
N ALA B 231 -10.44 -4.81 -33.22
CA ALA B 231 -11.07 -4.50 -31.94
C ALA B 231 -11.45 -3.03 -31.85
N GLY B 232 -11.14 -2.25 -32.87
CA GLY B 232 -11.50 -0.84 -32.90
C GLY B 232 -10.57 0.06 -32.09
N VAL B 233 -9.33 -0.38 -31.87
CA VAL B 233 -8.32 0.50 -31.26
C VAL B 233 -8.06 1.68 -32.17
N PRO B 234 -8.26 2.91 -31.66
CA PRO B 234 -8.17 4.12 -32.48
C PRO B 234 -6.84 4.25 -33.20
N PRO B 235 -6.88 4.80 -34.42
CA PRO B 235 -5.69 4.99 -35.26
C PRO B 235 -4.57 5.73 -34.54
N GLY B 236 -3.37 5.17 -34.59
CA GLY B 236 -2.20 5.79 -34.00
C GLY B 236 -1.92 5.37 -32.58
N VAL B 237 -2.88 4.71 -31.93
CA VAL B 237 -2.68 4.26 -30.55
C VAL B 237 -1.59 3.19 -30.50
N PHE B 238 -1.71 2.22 -31.40
CA PHE B 238 -0.71 1.16 -31.49
C PHE B 238 -0.08 1.15 -32.89
N ASN B 239 1.23 1.31 -32.96
CA ASN B 239 1.89 1.29 -34.26
C ASN B 239 2.98 0.21 -34.29
N LEU B 240 3.01 -0.55 -35.37
CA LEU B 240 3.97 -1.64 -35.53
C LEU B 240 4.95 -1.33 -36.65
N ILE B 241 6.23 -1.30 -36.34
CA ILE B 241 7.29 -1.11 -37.34
C ILE B 241 8.24 -2.31 -37.36
N HIS B 242 8.63 -2.74 -38.55
CA HIS B 242 9.53 -3.87 -38.71
C HIS B 242 10.92 -3.41 -39.10
N GLY B 243 11.91 -4.25 -38.81
CA GLY B 243 13.27 -3.98 -39.21
C GLY B 243 14.35 -4.48 -38.25
N PHE B 244 15.53 -3.92 -38.40
CA PHE B 244 16.70 -4.34 -37.64
C PHE B 244 17.04 -3.30 -36.57
N GLY B 245 18.26 -3.38 -36.05
CA GLY B 245 18.72 -2.46 -35.02
C GLY B 245 19.42 -1.24 -35.60
N LYS B 246 20.74 -1.33 -35.70
CA LYS B 246 21.59 -0.27 -36.28
C LYS B 246 21.13 0.13 -37.67
N ASP B 247 21.10 1.42 -37.94
CA ASP B 247 20.75 1.95 -39.26
C ASP B 247 19.40 1.46 -39.77
N SER B 248 18.51 1.13 -38.84
CA SER B 248 17.21 0.62 -39.19
C SER B 248 16.20 1.05 -38.14
N ALA B 249 14.98 0.53 -38.28
CA ALA B 249 13.83 0.92 -37.47
C ALA B 249 14.09 0.99 -35.96
N GLY B 250 14.84 0.03 -35.41
CA GLY B 250 15.11 0.00 -33.99
C GLY B 250 15.90 1.22 -33.55
N GLU B 251 16.97 1.53 -34.27
CA GLU B 251 17.78 2.69 -33.97
C GLU B 251 16.98 3.99 -34.18
N PHE B 252 16.26 4.06 -35.29
CA PHE B 252 15.45 5.23 -35.59
C PHE B 252 14.46 5.53 -34.46
N LEU B 253 13.84 4.48 -33.93
CA LEU B 253 12.90 4.64 -32.83
C LEU B 253 13.58 5.26 -31.62
N THR B 254 14.78 4.78 -31.30
CA THR B 254 15.45 5.22 -30.08
C THR B 254 15.94 6.66 -30.18
N GLN B 255 16.19 7.12 -31.40
CA GLN B 255 16.69 8.46 -31.63
C GLN B 255 15.57 9.51 -31.73
N HIS B 256 14.34 9.05 -31.86
CA HIS B 256 13.25 9.98 -32.12
C HIS B 256 12.86 10.73 -30.86
N PRO B 257 12.86 12.08 -30.93
CA PRO B 257 12.59 12.97 -29.79
C PRO B 257 11.14 12.90 -29.33
N GLY B 258 10.30 12.28 -30.14
CA GLY B 258 8.87 12.24 -29.88
C GLY B 258 8.44 11.21 -28.85
N ILE B 259 9.29 10.23 -28.56
CA ILE B 259 8.94 9.21 -27.59
C ILE B 259 9.20 9.72 -26.17
N SER B 260 8.46 9.21 -25.19
CA SER B 260 8.68 9.64 -23.79
C SER B 260 9.47 8.61 -23.01
N ALA B 261 9.48 7.37 -23.51
CA ALA B 261 10.18 6.29 -22.82
C ALA B 261 10.59 5.21 -23.81
N LEU B 262 11.58 4.44 -23.41
CA LEU B 262 12.02 3.32 -24.21
C LEU B 262 12.12 2.10 -23.31
N THR B 263 11.31 1.09 -23.60
CA THR B 263 11.39 -0.18 -22.86
C THR B 263 11.90 -1.29 -23.79
N PHE B 264 12.79 -2.11 -23.25
CA PHE B 264 13.61 -2.99 -24.07
C PHE B 264 14.02 -4.27 -23.35
N THR B 265 13.98 -5.38 -24.08
CA THR B 265 14.48 -6.66 -23.60
C THR B 265 15.40 -7.21 -24.68
N GLY B 266 16.54 -7.75 -24.27
CA GLY B 266 17.54 -8.21 -25.22
C GLY B 266 18.95 -8.25 -24.65
N GLU B 267 19.93 -8.15 -25.54
CA GLU B 267 21.33 -8.24 -25.15
C GLU B 267 21.81 -7.04 -24.32
N SER B 268 22.71 -7.31 -23.39
CA SER B 268 23.23 -6.29 -22.47
C SER B 268 23.90 -5.10 -23.19
N LYS B 269 24.77 -5.40 -24.14
CA LYS B 269 25.47 -4.34 -24.89
C LYS B 269 24.50 -3.43 -25.65
N THR B 270 23.43 -4.03 -26.17
CA THR B 270 22.39 -3.31 -26.88
C THR B 270 21.70 -2.32 -25.94
N GLY B 271 21.41 -2.78 -24.73
CA GLY B 271 20.92 -1.91 -23.67
C GLY B 271 21.78 -0.67 -23.47
N SER B 272 23.10 -0.85 -23.47
CA SER B 272 24.04 0.27 -23.30
C SER B 272 23.95 1.24 -24.47
N THR B 273 23.85 0.67 -25.67
CA THR B 273 23.76 1.47 -26.89
C THR B 273 22.49 2.33 -26.88
N ILE B 274 21.37 1.72 -26.49
CA ILE B 274 20.09 2.40 -26.45
C ILE B 274 20.08 3.47 -25.38
N MET B 275 20.69 3.18 -24.24
CA MET B 275 20.80 4.14 -23.14
C MET B 275 21.54 5.42 -23.58
N LYS B 276 22.61 5.24 -24.36
CA LYS B 276 23.36 6.35 -24.93
C LYS B 276 22.49 7.13 -25.91
N ALA B 277 21.75 6.39 -26.73
CA ALA B 277 20.93 6.97 -27.79
C ALA B 277 19.79 7.89 -27.29
N VAL B 278 19.17 7.55 -26.16
CA VAL B 278 18.07 8.37 -25.63
C VAL B 278 18.54 9.47 -24.67
N ALA B 279 19.85 9.49 -24.39
CA ALA B 279 20.41 10.33 -23.33
C ALA B 279 20.20 11.81 -23.56
N ASP B 280 20.26 12.24 -24.81
CA ASP B 280 20.04 13.67 -25.14
C ASP B 280 18.63 14.13 -24.76
N GLY B 281 17.66 13.21 -24.81
CA GLY B 281 16.29 13.53 -24.41
C GLY B 281 15.97 13.17 -22.96
N VAL B 282 16.99 12.73 -22.22
CA VAL B 282 16.82 12.11 -20.88
C VAL B 282 15.52 11.31 -20.70
N LYS B 283 15.25 10.44 -21.66
CA LYS B 283 14.07 9.58 -21.64
C LYS B 283 14.19 8.50 -20.58
N GLU B 284 13.07 8.16 -19.95
CA GLU B 284 13.00 7.01 -19.05
C GLU B 284 13.30 5.73 -19.83
N VAL B 285 14.04 4.82 -19.21
CA VAL B 285 14.28 3.53 -19.83
C VAL B 285 14.04 2.40 -18.83
N SER B 286 13.61 1.26 -19.35
CA SER B 286 13.38 0.06 -18.56
C SER B 286 13.96 -1.13 -19.34
N PHE B 287 14.93 -1.82 -18.73
CA PHE B 287 15.71 -2.86 -19.42
C PHE B 287 15.68 -4.18 -18.67
N GLU B 288 15.43 -5.26 -19.41
CA GLU B 288 15.68 -6.62 -18.92
C GLU B 288 16.74 -7.17 -19.88
N LEU B 289 17.91 -7.52 -19.34
CA LEU B 289 19.06 -7.83 -20.19
C LEU B 289 19.57 -9.26 -19.98
N GLY B 290 20.81 -9.52 -20.37
CA GLY B 290 21.29 -10.88 -20.31
C GLY B 290 21.33 -11.51 -18.92
N GLY B 291 21.78 -12.76 -18.89
CA GLY B 291 22.12 -13.40 -17.64
C GLY B 291 23.09 -14.55 -17.88
N LYS B 292 23.79 -14.94 -16.83
CA LYS B 292 24.49 -16.21 -16.83
C LYS B 292 24.02 -16.89 -15.57
N ASN B 293 22.83 -17.45 -15.64
CA ASN B 293 22.15 -17.89 -14.44
C ASN B 293 22.64 -19.23 -13.88
N ALA B 294 22.63 -19.32 -12.57
CA ALA B 294 23.06 -20.52 -11.89
C ALA B 294 21.87 -21.32 -11.37
N ALA B 295 22.08 -22.62 -11.23
CA ALA B 295 21.19 -23.45 -10.45
C ALA B 295 22.07 -24.06 -9.37
N VAL B 296 21.53 -24.21 -8.17
CA VAL B 296 22.27 -24.78 -7.07
C VAL B 296 21.50 -25.98 -6.53
N VAL B 297 22.15 -27.13 -6.46
CA VAL B 297 21.52 -28.31 -5.89
C VAL B 297 22.21 -28.72 -4.58
N PHE B 298 21.54 -28.52 -3.46
CA PHE B 298 22.10 -28.89 -2.16
C PHE B 298 21.92 -30.38 -1.88
N ALA B 299 22.70 -30.90 -0.93
CA ALA B 299 22.71 -32.34 -0.66
C ALA B 299 21.34 -32.83 -0.18
N ASP B 300 20.60 -31.96 0.51
CA ASP B 300 19.28 -32.35 1.01
C ASP B 300 18.14 -32.19 0.00
N ALA B 301 18.50 -31.88 -1.25
CA ALA B 301 17.50 -31.72 -2.31
C ALA B 301 16.79 -33.04 -2.58
N ASP B 302 15.58 -32.96 -3.14
CA ASP B 302 14.96 -34.11 -3.78
C ASP B 302 15.72 -34.30 -5.09
N LEU B 303 16.56 -35.34 -5.15
CA LEU B 303 17.49 -35.49 -6.26
C LEU B 303 16.84 -35.69 -7.63
N ASP B 304 15.86 -36.60 -7.71
CA ASP B 304 15.13 -36.83 -8.96
C ASP B 304 14.44 -35.56 -9.47
N ALA B 305 13.81 -34.83 -8.56
CA ALA B 305 13.13 -33.57 -8.91
C ALA B 305 14.15 -32.50 -9.33
N ALA B 306 15.26 -32.43 -8.60
CA ALA B 306 16.34 -31.50 -8.94
C ALA B 306 16.89 -31.79 -10.34
N ILE B 307 17.09 -33.07 -10.66
CA ILE B 307 17.58 -33.47 -11.98
C ILE B 307 16.61 -33.02 -13.08
N GLU B 308 15.34 -33.34 -12.88
CA GLU B 308 14.30 -32.94 -13.81
C GLU B 308 14.16 -31.42 -13.90
N GLY B 309 14.33 -30.73 -12.77
CA GLY B 309 14.25 -29.28 -12.73
C GLY B 309 15.37 -28.61 -13.53
N VAL B 310 16.59 -29.10 -13.33
CA VAL B 310 17.75 -28.56 -14.03
C VAL B 310 17.68 -28.83 -15.53
N LEU B 311 17.22 -30.03 -15.89
CA LEU B 311 16.92 -30.37 -17.27
C LEU B 311 16.00 -29.31 -17.89
N ARG B 312 14.92 -29.01 -17.20
CA ARG B 312 13.96 -28.02 -17.67
C ARG B 312 14.61 -26.65 -17.79
N SER B 313 15.29 -26.19 -16.73
CA SER B 313 15.87 -24.84 -16.74
C SER B 313 17.04 -24.67 -17.71
N SER B 314 17.69 -25.75 -18.12
CA SER B 314 18.81 -25.64 -19.07
C SER B 314 18.39 -25.77 -20.53
N PHE B 315 17.33 -26.53 -20.79
CA PHE B 315 17.02 -26.93 -22.16
C PHE B 315 15.67 -26.46 -22.71
N THR B 316 14.82 -25.89 -21.85
CA THR B 316 13.56 -25.26 -22.28
C THR B 316 13.84 -24.23 -23.38
N ASN B 317 13.01 -24.25 -24.42
CA ASN B 317 13.19 -23.43 -25.62
C ASN B 317 14.59 -23.57 -26.24
N SER B 318 15.15 -24.77 -26.13
CA SER B 318 16.52 -25.06 -26.56
C SER B 318 17.54 -24.13 -25.91
N GLY B 319 17.32 -23.87 -24.63
CA GLY B 319 18.21 -23.03 -23.84
C GLY B 319 18.22 -21.57 -24.24
N GLN B 320 17.24 -21.16 -25.04
CA GLN B 320 17.15 -19.80 -25.52
C GLN B 320 16.13 -19.00 -24.73
N VAL B 321 16.34 -18.90 -23.43
CA VAL B 321 15.56 -17.99 -22.60
C VAL B 321 16.59 -17.32 -21.70
N CYS B 322 16.42 -16.02 -21.47
CA CYS B 322 17.30 -15.25 -20.62
CA CYS B 322 17.37 -15.31 -20.65
C CYS B 322 17.38 -15.85 -19.21
N LEU B 323 16.32 -16.53 -18.83
CA LEU B 323 16.22 -17.14 -17.51
C LEU B 323 16.87 -18.53 -17.38
N CYS B 324 17.33 -19.11 -18.50
CA CYS B 324 17.90 -20.47 -18.44
C CYS B 324 19.17 -20.56 -17.60
N SER B 325 19.36 -21.70 -16.95
CA SER B 325 20.58 -21.92 -16.18
C SER B 325 21.68 -22.47 -17.10
N GLU B 326 22.83 -21.81 -17.13
CA GLU B 326 23.96 -22.33 -17.90
C GLU B 326 25.12 -22.75 -17.00
N ARG B 327 25.06 -22.36 -15.72
CA ARG B 327 26.03 -22.81 -14.70
C ARG B 327 25.25 -23.55 -13.64
N VAL B 328 25.73 -24.72 -13.25
CA VAL B 328 25.07 -25.53 -12.23
C VAL B 328 26.06 -25.95 -11.14
N TYR B 329 25.66 -25.81 -9.88
CA TYR B 329 26.51 -26.19 -8.76
C TYR B 329 25.79 -27.25 -7.94
N VAL B 330 26.48 -28.37 -7.72
CA VAL B 330 25.92 -29.51 -7.02
C VAL B 330 26.84 -29.90 -5.87
N HIS B 331 26.26 -30.21 -4.72
CA HIS B 331 27.09 -30.58 -3.59
C HIS B 331 27.92 -31.83 -3.92
N ARG B 332 29.18 -31.83 -3.45
CA ARG B 332 30.13 -32.90 -3.74
C ARG B 332 29.59 -34.31 -3.45
N SER B 333 28.91 -34.47 -2.31
CA SER B 333 28.36 -35.76 -1.91
C SER B 333 27.36 -36.37 -2.91
N ILE B 334 26.76 -35.53 -3.75
CA ILE B 334 25.79 -36.05 -4.71
C ILE B 334 26.12 -35.68 -6.15
N PHE B 335 27.31 -35.15 -6.36
CA PHE B 335 27.69 -34.63 -7.68
C PHE B 335 27.67 -35.69 -8.77
N ASP B 336 28.40 -36.78 -8.55
CA ASP B 336 28.51 -37.82 -9.59
C ASP B 336 27.15 -38.39 -9.93
N GLU B 337 26.39 -38.70 -8.88
CA GLU B 337 25.05 -39.22 -9.04
C GLU B 337 24.16 -38.22 -9.79
N PHE B 338 24.34 -36.92 -9.52
CA PHE B 338 23.54 -35.91 -10.23
C PHE B 338 23.88 -35.89 -11.71
N VAL B 339 25.17 -35.85 -12.02
CA VAL B 339 25.63 -35.76 -13.40
C VAL B 339 25.21 -36.98 -14.20
N SER B 340 25.27 -38.16 -13.58
CA SER B 340 24.85 -39.38 -14.24
C SER B 340 23.38 -39.32 -14.59
N GLY B 341 22.57 -38.96 -13.60
CA GLY B 341 21.14 -38.80 -13.77
C GLY B 341 20.77 -37.80 -14.85
N LEU B 342 21.45 -36.66 -14.89
CA LEU B 342 21.10 -35.62 -15.86
C LEU B 342 21.45 -36.05 -17.28
N LYS B 343 22.58 -36.74 -17.42
CA LYS B 343 23.02 -37.25 -18.71
C LYS B 343 21.98 -38.19 -19.33
N VAL B 344 21.48 -39.11 -18.52
CA VAL B 344 20.45 -40.05 -18.97
C VAL B 344 19.20 -39.31 -19.43
N GLU B 345 18.73 -38.36 -18.62
CA GLU B 345 17.53 -37.58 -18.97
C GLU B 345 17.73 -36.72 -20.22
N ALA B 346 18.91 -36.16 -20.39
CA ALA B 346 19.17 -35.29 -21.53
C ALA B 346 19.24 -36.10 -22.81
N GLU B 347 19.59 -37.37 -22.66
CA GLU B 347 19.69 -38.25 -23.81
C GLU B 347 18.33 -38.77 -24.29
N ARG B 348 17.34 -38.80 -23.38
CA ARG B 348 15.97 -39.15 -23.74
C ARG B 348 15.18 -37.99 -24.34
N LEU B 349 15.79 -36.81 -24.40
CA LEU B 349 15.10 -35.63 -24.93
C LEU B 349 14.89 -35.79 -26.42
N VAL B 350 13.67 -35.52 -26.88
CA VAL B 350 13.36 -35.58 -28.30
C VAL B 350 13.61 -34.22 -28.97
N VAL B 351 14.52 -34.22 -29.93
CA VAL B 351 14.84 -33.03 -30.72
C VAL B 351 14.26 -33.22 -32.13
N GLY B 352 13.29 -32.38 -32.51
CA GLY B 352 12.68 -32.52 -33.82
C GLY B 352 11.65 -31.48 -34.18
N TYR B 353 10.59 -31.92 -34.85
CA TYR B 353 9.53 -31.03 -35.34
C TYR B 353 8.71 -30.46 -34.18
N PRO B 354 8.23 -29.23 -34.34
CA PRO B 354 7.38 -28.57 -33.32
C PRO B 354 6.15 -29.38 -32.95
N ASP B 355 5.51 -30.03 -33.92
CA ASP B 355 4.35 -30.87 -33.61
C ASP B 355 4.67 -32.38 -33.52
N GLN B 356 5.95 -32.71 -33.39
CA GLN B 356 6.38 -34.11 -33.35
C GLN B 356 6.04 -34.74 -32.00
N ASP B 357 5.70 -36.02 -32.02
CA ASP B 357 5.22 -36.70 -30.82
C ASP B 357 6.26 -36.72 -29.71
N GLY B 358 5.90 -36.12 -28.58
CA GLY B 358 6.78 -36.09 -27.42
C GLY B 358 8.02 -35.23 -27.60
N VAL B 359 8.00 -34.31 -28.56
CA VAL B 359 9.13 -33.41 -28.79
C VAL B 359 9.45 -32.53 -27.58
N ASN B 360 10.74 -32.39 -27.29
CA ASN B 360 11.16 -31.56 -26.17
C ASN B 360 11.84 -30.27 -26.64
N MET B 361 12.56 -30.35 -27.75
CA MET B 361 13.33 -29.22 -28.27
C MET B 361 13.17 -29.08 -29.77
N GLY B 362 12.94 -27.86 -30.22
CA GLY B 362 13.09 -27.51 -31.63
C GLY B 362 14.51 -27.02 -31.91
N PRO B 363 14.70 -26.35 -33.05
CA PRO B 363 16.00 -25.82 -33.48
C PRO B 363 16.33 -24.53 -32.73
N LEU B 364 17.48 -23.94 -33.08
CA LEU B 364 17.81 -22.61 -32.59
C LEU B 364 17.11 -21.64 -33.52
N ILE B 365 17.08 -20.37 -33.14
CA ILE B 365 16.31 -19.35 -33.87
C ILE B 365 16.76 -19.22 -35.33
N SER B 366 18.04 -19.48 -35.58
CA SER B 366 18.65 -19.21 -36.87
C SER B 366 20.01 -19.89 -37.04
N HIS B 367 20.48 -19.94 -38.28
CA HIS B 367 21.79 -20.51 -38.59
C HIS B 367 22.91 -19.66 -37.98
N GLY B 368 22.74 -18.34 -38.06
CA GLY B 368 23.70 -17.41 -37.49
C GLY B 368 23.84 -17.60 -36.00
N HIS B 369 22.71 -17.83 -35.31
CA HIS B 369 22.76 -18.10 -33.88
C HIS B 369 23.43 -19.44 -33.60
N ARG B 370 23.11 -20.46 -34.41
CA ARG B 370 23.76 -21.75 -34.29
C ARG B 370 25.28 -21.67 -34.48
N ASP B 371 25.72 -20.85 -35.43
CA ASP B 371 27.15 -20.60 -35.61
C ASP B 371 27.79 -20.15 -34.31
N LYS B 372 27.15 -19.19 -33.64
CA LYS B 372 27.61 -18.71 -32.34
C LYS B 372 27.64 -19.82 -31.28
N VAL B 373 26.56 -20.60 -31.19
CA VAL B 373 26.49 -21.61 -30.15
C VAL B 373 27.53 -22.72 -30.36
N LEU B 374 27.73 -23.12 -31.61
CA LEU B 374 28.73 -24.13 -31.93
C LEU B 374 30.15 -23.63 -31.64
N SER B 375 30.42 -22.36 -31.92
CA SER B 375 31.72 -21.79 -31.65
C SER B 375 32.03 -21.90 -30.16
N TYR B 376 31.00 -21.71 -29.31
CA TYR B 376 31.16 -21.97 -27.88
C TYR B 376 31.34 -23.45 -27.56
N TYR B 377 30.72 -24.32 -28.36
CA TYR B 377 30.93 -25.76 -28.17
C TYR B 377 32.41 -26.12 -28.37
N ARG B 378 33.02 -25.54 -29.40
CA ARG B 378 34.44 -25.75 -29.66
C ARG B 378 35.28 -25.13 -28.56
N LEU B 379 34.93 -23.91 -28.19
CA LEU B 379 35.67 -23.20 -27.15
C LEU B 379 35.72 -23.98 -25.85
N ALA B 380 34.61 -24.63 -25.50
CA ALA B 380 34.54 -25.40 -24.27
C ALA B 380 35.53 -26.57 -24.29
N VAL B 381 35.60 -27.26 -25.41
CA VAL B 381 36.59 -28.32 -25.60
C VAL B 381 38.01 -27.79 -25.48
N ASP B 382 38.27 -26.63 -26.09
CA ASP B 382 39.56 -25.95 -25.99
C ASP B 382 39.94 -25.56 -24.56
N GLU B 383 38.95 -25.11 -23.79
CA GLU B 383 39.18 -24.78 -22.38
C GLU B 383 39.29 -26.04 -21.50
N GLY B 384 39.18 -27.20 -22.13
CA GLY B 384 39.43 -28.46 -21.44
C GLY B 384 38.21 -29.08 -20.76
N ALA B 385 37.03 -28.77 -21.27
CA ALA B 385 35.81 -29.36 -20.70
C ALA B 385 35.67 -30.81 -21.11
N THR B 386 35.13 -31.61 -20.19
CA THR B 386 34.63 -32.93 -20.53
C THR B 386 33.22 -32.79 -21.09
N VAL B 387 32.98 -33.38 -22.26
CA VAL B 387 31.65 -33.35 -22.85
C VAL B 387 30.85 -34.57 -22.38
N VAL B 388 30.01 -34.35 -21.38
CA VAL B 388 29.23 -35.43 -20.80
C VAL B 388 28.22 -35.98 -21.82
N THR B 389 27.60 -35.08 -22.58
CA THR B 389 26.65 -35.49 -23.59
C THR B 389 26.51 -34.36 -24.59
N GLY B 390 26.02 -34.69 -25.78
CA GLY B 390 25.82 -33.70 -26.82
C GLY B 390 27.13 -33.15 -27.35
N GLY B 391 27.17 -31.83 -27.57
CA GLY B 391 28.37 -31.17 -28.04
C GLY B 391 28.46 -31.07 -29.56
N GLY B 392 27.43 -31.52 -30.25
CA GLY B 392 27.39 -31.41 -31.70
C GLY B 392 26.01 -31.08 -32.23
N VAL B 393 25.75 -31.47 -33.48
CA VAL B 393 24.42 -31.32 -34.05
C VAL B 393 23.85 -32.67 -34.50
N PRO B 394 22.53 -32.85 -34.29
CA PRO B 394 21.92 -34.15 -34.62
C PRO B 394 21.88 -34.37 -36.13
N LYS B 395 21.89 -35.63 -36.55
CA LYS B 395 21.80 -35.97 -37.96
C LYS B 395 20.41 -36.54 -38.21
N PHE B 396 19.61 -35.84 -39.01
CA PHE B 396 18.21 -36.20 -39.19
C PHE B 396 17.95 -37.03 -40.45
N ASN B 397 18.77 -36.80 -41.47
CA ASN B 397 18.55 -37.39 -42.79
C ASN B 397 17.20 -37.00 -43.38
N ASP B 398 16.77 -35.77 -43.12
CA ASP B 398 15.61 -35.20 -43.79
C ASP B 398 15.73 -33.68 -43.83
N GLU B 399 14.63 -33.00 -44.11
CA GLU B 399 14.63 -31.55 -44.23
C GLU B 399 15.17 -30.82 -42.99
N ARG B 400 15.09 -31.45 -41.82
CA ARG B 400 15.62 -30.83 -40.61
C ARG B 400 17.14 -30.61 -40.65
N ASP B 401 17.84 -31.37 -41.49
CA ASP B 401 19.29 -31.17 -41.63
C ASP B 401 19.61 -29.80 -42.27
N GLN B 402 18.61 -29.18 -42.89
CA GLN B 402 18.76 -27.82 -43.42
C GLN B 402 18.34 -26.76 -42.39
N GLY B 403 17.89 -27.22 -41.23
CA GLY B 403 17.50 -26.32 -40.16
C GLY B 403 18.67 -25.88 -39.29
N ALA B 404 18.35 -25.33 -38.12
CA ALA B 404 19.38 -24.83 -37.21
C ALA B 404 19.35 -25.54 -35.88
N TYR B 405 19.30 -26.87 -35.92
CA TYR B 405 19.35 -27.69 -34.71
C TYR B 405 20.76 -27.89 -34.11
N VAL B 406 20.80 -28.01 -32.79
CA VAL B 406 21.99 -28.47 -32.07
C VAL B 406 21.53 -29.45 -30.99
N GLN B 407 22.46 -30.23 -30.48
CA GLN B 407 22.17 -31.19 -29.42
C GLN B 407 22.19 -30.49 -28.07
N PRO B 408 21.32 -30.93 -27.15
CA PRO B 408 21.46 -30.51 -25.75
C PRO B 408 22.83 -30.97 -25.22
N THR B 409 23.52 -30.09 -24.52
CA THR B 409 24.91 -30.33 -24.16
C THR B 409 25.21 -30.10 -22.69
N ILE B 410 26.00 -31.00 -22.11
CA ILE B 410 26.42 -30.89 -20.72
C ILE B 410 27.96 -30.94 -20.63
N TRP B 411 28.55 -30.02 -19.86
CA TRP B 411 29.99 -29.98 -19.61
C TRP B 411 30.34 -30.12 -18.13
N THR B 412 31.49 -30.73 -17.83
CA THR B 412 32.09 -30.68 -16.50
C THR B 412 33.57 -30.33 -16.63
N GLY B 413 34.23 -30.04 -15.51
CA GLY B 413 35.68 -29.87 -15.51
C GLY B 413 36.26 -28.52 -15.86
N LEU B 414 35.40 -27.52 -16.07
CA LEU B 414 35.88 -26.15 -16.28
C LEU B 414 36.01 -25.39 -14.96
N SER B 415 36.99 -24.48 -14.89
CA SER B 415 37.19 -23.61 -13.74
C SER B 415 36.17 -22.47 -13.78
N ASP B 416 35.94 -21.83 -12.64
CA ASP B 416 34.97 -20.74 -12.55
C ASP B 416 35.29 -19.55 -13.45
N LYS B 417 36.52 -19.47 -13.95
CA LYS B 417 36.96 -18.33 -14.75
C LYS B 417 36.87 -18.59 -16.26
N ALA B 418 36.64 -19.83 -16.64
CA ALA B 418 36.51 -20.19 -18.06
C ALA B 418 35.46 -19.34 -18.76
N ARG B 419 35.75 -18.94 -20.00
CA ARG B 419 34.83 -18.11 -20.78
C ARG B 419 33.45 -18.74 -20.89
N CYS B 420 33.40 -20.06 -21.01
CA CYS B 420 32.16 -20.78 -21.26
C CYS B 420 31.31 -20.86 -19.98
N VAL B 421 31.91 -20.51 -18.86
CA VAL B 421 31.25 -20.54 -17.57
C VAL B 421 30.83 -19.11 -17.18
N THR B 422 31.34 -18.12 -17.92
CA THR B 422 31.16 -16.72 -17.55
C THR B 422 30.38 -15.92 -18.60
N GLU B 423 30.44 -16.36 -19.85
CA GLU B 423 29.75 -15.66 -20.95
C GLU B 423 28.43 -16.34 -21.31
N GLU B 424 27.39 -15.54 -21.52
CA GLU B 424 26.08 -16.07 -21.91
C GLU B 424 26.16 -16.70 -23.31
N ILE B 425 25.78 -17.96 -23.39
CA ILE B 425 25.84 -18.71 -24.65
C ILE B 425 24.48 -18.67 -25.35
N PHE B 426 23.42 -18.83 -24.56
CA PHE B 426 22.04 -18.74 -25.09
C PHE B 426 21.70 -19.93 -26.00
N GLY B 427 22.14 -21.11 -25.59
CA GLY B 427 21.77 -22.35 -26.26
C GLY B 427 21.50 -23.43 -25.23
N PRO B 428 21.26 -24.68 -25.69
CA PRO B 428 20.84 -25.75 -24.78
C PRO B 428 22.04 -26.43 -24.13
N VAL B 429 22.65 -25.72 -23.19
CA VAL B 429 23.87 -26.17 -22.59
C VAL B 429 23.95 -25.79 -21.12
N CYS B 430 24.64 -26.62 -20.33
CA CYS B 430 24.97 -26.25 -18.96
C CYS B 430 26.26 -26.91 -18.50
N HIS B 431 27.03 -26.17 -17.71
CA HIS B 431 28.21 -26.71 -17.06
C HIS B 431 27.88 -27.03 -15.61
N ILE B 432 28.37 -28.18 -15.13
CA ILE B 432 28.13 -28.60 -13.76
C ILE B 432 29.45 -28.70 -12.98
N SER B 433 29.43 -28.17 -11.76
CA SER B 433 30.63 -28.10 -10.94
C SER B 433 30.26 -28.43 -9.50
N PRO B 434 31.13 -29.15 -8.77
CA PRO B 434 30.82 -29.46 -7.37
C PRO B 434 31.12 -28.29 -6.42
N PHE B 435 30.51 -28.33 -5.23
CA PHE B 435 30.85 -27.38 -4.18
C PHE B 435 30.80 -28.09 -2.85
N ASP B 436 31.42 -27.49 -1.83
CA ASP B 436 31.47 -28.11 -0.51
C ASP B 436 30.68 -27.32 0.54
N ASP B 437 30.73 -26.00 0.43
CA ASP B 437 30.26 -25.15 1.51
C ASP B 437 29.14 -24.22 1.05
N GLU B 438 28.18 -23.96 1.92
CA GLU B 438 27.07 -23.06 1.58
C GLU B 438 27.54 -21.63 1.25
N ASP B 439 28.37 -21.07 2.13
CA ASP B 439 28.88 -19.73 1.92
C ASP B 439 29.76 -19.68 0.66
N GLU B 440 30.55 -20.72 0.45
CA GLU B 440 31.34 -20.85 -0.79
C GLU B 440 30.48 -20.77 -2.06
N VAL B 441 29.41 -21.55 -2.12
CA VAL B 441 28.58 -21.57 -3.34
C VAL B 441 27.81 -20.25 -3.55
N ILE B 442 27.38 -19.60 -2.46
CA ILE B 442 26.77 -18.27 -2.55
C ILE B 442 27.74 -17.30 -3.23
N ASN B 443 29.00 -17.30 -2.78
CA ASN B 443 30.04 -16.47 -3.36
C ASN B 443 30.27 -16.75 -4.84
N ARG B 444 30.27 -18.02 -5.22
CA ARG B 444 30.48 -18.42 -6.62
C ARG B 444 29.32 -18.01 -7.56
N VAL B 445 28.09 -18.20 -7.10
CA VAL B 445 26.93 -17.69 -7.84
C VAL B 445 27.00 -16.17 -8.05
N ASN B 446 27.34 -15.43 -7.00
CA ASN B 446 27.38 -13.96 -7.07
C ASN B 446 28.62 -13.42 -7.80
N ASP B 447 29.60 -14.28 -8.01
CA ASP B 447 30.82 -13.90 -8.71
C ASP B 447 30.57 -13.79 -10.21
N SER B 448 29.91 -12.71 -10.60
CA SER B 448 29.40 -12.54 -11.95
C SER B 448 29.01 -11.09 -12.19
N ASN B 449 29.17 -10.63 -13.44
CA ASN B 449 28.69 -9.31 -13.82
C ASN B 449 27.21 -9.28 -14.16
N TYR B 450 26.58 -10.46 -14.18
CA TYR B 450 25.14 -10.56 -14.42
C TYR B 450 24.41 -10.86 -13.12
N GLY B 451 23.09 -10.77 -13.15
CA GLY B 451 22.32 -11.04 -11.94
C GLY B 451 20.83 -11.09 -12.19
N LEU B 452 20.42 -11.96 -13.12
CA LEU B 452 19.01 -12.05 -13.48
C LEU B 452 18.26 -13.02 -12.57
N ALA B 453 18.64 -14.29 -12.59
CA ALA B 453 17.87 -15.30 -11.88
C ALA B 453 18.72 -16.45 -11.35
N CYS B 454 18.16 -17.15 -10.38
CA CYS B 454 18.80 -18.33 -9.79
C CYS B 454 17.71 -19.28 -9.32
N ALA B 455 17.99 -20.58 -9.46
CA ALA B 455 17.15 -21.61 -8.90
C ALA B 455 17.96 -22.42 -7.92
N ILE B 456 17.42 -22.64 -6.73
CA ILE B 456 18.09 -23.49 -5.77
C ILE B 456 17.18 -24.66 -5.37
N TRP B 457 17.78 -25.82 -5.11
CA TRP B 457 17.05 -27.03 -4.75
C TRP B 457 17.46 -27.50 -3.36
N THR B 458 16.47 -27.55 -2.48
CA THR B 458 16.69 -27.94 -1.08
C THR B 458 15.34 -28.22 -0.42
N THR B 459 15.33 -29.20 0.47
CA THR B 459 14.14 -29.53 1.24
C THR B 459 14.19 -28.89 2.62
N ASN B 460 15.28 -28.17 2.91
CA ASN B 460 15.43 -27.58 4.25
C ASN B 460 14.82 -26.18 4.34
N LEU B 461 13.90 -25.99 5.29
CA LEU B 461 13.22 -24.71 5.52
C LEU B 461 14.14 -23.49 5.68
N SER B 462 15.00 -23.53 6.70
CA SER B 462 15.99 -22.48 6.94
C SER B 462 16.87 -22.21 5.74
N ARG B 463 17.39 -23.26 5.12
CA ARG B 463 18.29 -23.08 4.00
C ARG B 463 17.66 -22.29 2.86
N ALA B 464 16.40 -22.59 2.53
CA ALA B 464 15.73 -21.96 1.40
C ALA B 464 15.70 -20.44 1.59
N HIS B 465 15.30 -19.99 2.76
CA HIS B 465 15.17 -18.56 3.01
C HIS B 465 16.53 -17.87 3.28
N ARG B 466 17.41 -18.57 3.98
CA ARG B 466 18.73 -18.01 4.34
C ARG B 466 19.55 -17.80 3.08
N VAL B 467 19.57 -18.83 2.22
CA VAL B 467 20.36 -18.77 1.00
C VAL B 467 19.75 -17.84 -0.05
N SER B 468 18.44 -17.94 -0.25
CA SER B 468 17.76 -17.12 -1.27
C SER B 468 18.01 -15.62 -1.17
N ARG B 469 17.93 -15.09 0.04
CA ARG B 469 18.11 -13.66 0.27
C ARG B 469 19.56 -13.20 0.02
N GLN B 470 20.50 -14.14 -0.05
CA GLN B 470 21.91 -13.79 -0.25
C GLN B 470 22.33 -13.82 -1.72
N ILE B 471 21.45 -14.33 -2.56
CA ILE B 471 21.75 -14.41 -3.98
C ILE B 471 21.47 -13.05 -4.66
N HIS B 472 22.49 -12.47 -5.27
CA HIS B 472 22.37 -11.14 -5.86
C HIS B 472 21.77 -11.21 -7.27
N VAL B 473 20.48 -11.54 -7.33
CA VAL B 473 19.73 -11.59 -8.60
C VAL B 473 18.35 -10.94 -8.41
N GLY B 474 17.66 -10.68 -9.52
CA GLY B 474 16.30 -10.18 -9.46
C GLY B 474 15.28 -11.23 -9.00
N LEU B 475 15.52 -12.49 -9.39
CA LEU B 475 14.55 -13.56 -9.18
C LEU B 475 15.20 -14.87 -8.72
N VAL B 476 14.82 -15.35 -7.54
CA VAL B 476 15.20 -16.67 -7.09
C VAL B 476 14.02 -17.64 -7.07
N TRP B 477 14.20 -18.84 -7.62
CA TRP B 477 13.24 -19.90 -7.42
C TRP B 477 13.78 -20.97 -6.48
N VAL B 478 12.92 -21.49 -5.60
CA VAL B 478 13.28 -22.63 -4.77
C VAL B 478 12.42 -23.85 -5.17
N ASN B 479 13.10 -24.92 -5.58
CA ASN B 479 12.44 -26.17 -5.98
C ASN B 479 11.53 -25.99 -7.18
N THR B 480 11.87 -25.04 -8.05
CA THR B 480 11.16 -24.84 -9.29
C THR B 480 11.98 -23.88 -10.16
N TRP B 481 11.41 -23.48 -11.28
CA TRP B 481 12.08 -22.57 -12.20
C TRP B 481 11.04 -21.89 -13.09
N TYR B 482 11.23 -20.61 -13.38
CA TYR B 482 10.35 -19.85 -14.26
C TYR B 482 8.85 -20.04 -13.94
N LEU B 483 8.54 -20.03 -12.65
CA LEU B 483 7.18 -20.03 -12.18
C LEU B 483 6.80 -18.55 -11.97
N ARG B 484 5.83 -18.05 -12.74
CA ARG B 484 5.53 -16.61 -12.77
C ARG B 484 4.20 -16.20 -12.13
N ASP B 485 4.27 -15.21 -11.24
CA ASP B 485 3.08 -14.49 -10.78
C ASP B 485 3.27 -13.08 -11.32
N LEU B 486 2.38 -12.65 -12.20
CA LEU B 486 2.55 -11.41 -12.96
C LEU B 486 2.55 -10.15 -12.11
N ARG B 487 2.15 -10.30 -10.84
CA ARG B 487 2.15 -9.19 -9.89
C ARG B 487 3.54 -8.88 -9.33
N THR B 488 4.47 -9.84 -9.39
CA THR B 488 5.77 -9.67 -8.77
C THR B 488 6.69 -8.73 -9.56
N PRO B 489 7.69 -8.14 -8.89
CA PRO B 489 8.72 -7.43 -9.64
C PRO B 489 9.57 -8.40 -10.46
N PHE B 490 9.88 -7.98 -11.68
CA PHE B 490 10.60 -8.81 -12.60
C PHE B 490 11.70 -7.97 -13.22
N GLY B 491 12.93 -8.47 -13.17
CA GLY B 491 14.09 -7.74 -13.64
C GLY B 491 15.37 -8.34 -13.10
N GLY B 492 16.51 -7.72 -13.43
CA GLY B 492 17.81 -8.21 -13.01
C GLY B 492 18.68 -7.12 -12.42
N VAL B 493 19.68 -7.51 -11.65
CA VAL B 493 20.64 -6.54 -11.12
C VAL B 493 21.89 -6.50 -12.00
N LYS B 494 22.74 -5.52 -11.75
CA LYS B 494 23.98 -5.36 -12.49
C LYS B 494 23.73 -5.25 -13.99
N LEU B 495 24.49 -6.00 -14.79
CA LEU B 495 24.40 -5.92 -16.25
C LEU B 495 23.13 -6.57 -16.77
N SER B 496 22.38 -7.22 -15.88
CA SER B 496 21.18 -7.95 -16.26
C SER B 496 19.92 -7.08 -16.37
N GLY B 497 20.04 -5.79 -16.08
CA GLY B 497 18.89 -4.93 -16.21
C GLY B 497 18.98 -3.52 -15.65
N LEU B 498 17.86 -2.82 -15.75
CA LEU B 498 17.74 -1.46 -15.26
C LEU B 498 16.25 -1.28 -14.97
N GLY B 499 15.92 -1.17 -13.70
CA GLY B 499 14.54 -1.06 -13.27
C GLY B 499 13.86 -2.40 -13.05
N ARG B 500 12.59 -2.34 -12.67
CA ARG B 500 11.77 -3.54 -12.54
C ARG B 500 10.46 -3.32 -13.25
N GLU B 501 9.91 -4.40 -13.79
CA GLU B 501 8.54 -4.37 -14.31
C GLU B 501 7.68 -5.41 -13.59
N GLY B 502 6.39 -5.46 -13.94
CA GLY B 502 5.45 -6.34 -13.28
C GLY B 502 4.66 -5.65 -12.18
N GLY B 503 3.37 -5.96 -12.06
CA GLY B 503 2.54 -5.39 -11.02
C GLY B 503 2.64 -3.87 -10.92
N ARG B 504 2.79 -3.39 -9.69
CA ARG B 504 2.86 -1.95 -9.43
C ARG B 504 4.10 -1.30 -10.07
N PHE B 505 5.12 -2.10 -10.33
CA PHE B 505 6.37 -1.58 -10.91
C PHE B 505 6.19 -1.21 -12.37
N SER B 506 5.41 -2.01 -13.10
CA SER B 506 4.97 -1.62 -14.44
C SER B 506 4.05 -0.39 -14.40
N MET B 507 3.05 -0.41 -13.50
CA MET B 507 2.15 0.72 -13.34
C MET B 507 2.90 2.03 -13.09
N ASP B 508 3.94 1.98 -12.24
CA ASP B 508 4.83 3.13 -12.04
C ASP B 508 5.66 3.50 -13.28
N PHE B 509 6.32 2.53 -13.92
CA PHE B 509 7.13 2.89 -15.08
C PHE B 509 6.34 3.47 -16.25
N TYR B 510 5.15 2.93 -16.51
CA TYR B 510 4.39 3.36 -17.68
C TYR B 510 3.48 4.57 -17.41
N SER B 511 3.52 5.10 -16.19
CA SER B 511 2.72 6.25 -15.83
C SER B 511 3.56 7.46 -15.48
N ASP B 512 3.00 8.64 -15.74
CA ASP B 512 3.47 9.88 -15.15
C ASP B 512 2.74 10.08 -13.81
N ILE B 513 3.43 9.89 -12.70
CA ILE B 513 2.84 10.16 -11.39
C ILE B 513 3.10 11.63 -11.03
N ALA B 514 2.03 12.43 -10.98
CA ALA B 514 2.15 13.88 -10.78
C ALA B 514 1.63 14.28 -9.40
N ASN B 515 2.34 15.22 -8.76
CA ASN B 515 1.95 15.73 -7.44
C ASN B 515 1.25 17.08 -7.52
N ILE B 516 0.10 17.18 -6.87
CA ILE B 516 -0.66 18.41 -6.83
C ILE B 516 -0.82 18.82 -5.37
N CYS B 517 -0.40 20.05 -5.06
CA CYS B 517 -0.47 20.57 -3.69
C CYS B 517 -1.48 21.72 -3.57
N ILE B 518 -2.48 21.53 -2.71
CA ILE B 518 -3.44 22.59 -2.40
C ILE B 518 -3.16 23.17 -1.02
N LYS B 519 -2.79 24.44 -0.98
CA LYS B 519 -2.75 25.17 0.28
C LYS B 519 -4.18 25.48 0.72
N ILE B 520 -4.55 25.10 1.92
CA ILE B 520 -5.87 25.42 2.43
C ILE B 520 -5.85 26.67 3.33
N SER C 38 41.96 28.66 5.61
CA SER C 38 41.29 27.40 5.92
C SER C 38 41.40 26.37 4.79
N GLN C 39 41.24 25.09 5.13
CA GLN C 39 41.25 24.04 4.11
C GLN C 39 40.14 23.01 4.25
N LEU C 40 39.66 22.54 3.11
CA LEU C 40 38.62 21.53 3.07
C LEU C 40 39.19 20.25 2.47
N LEU C 41 39.20 19.19 3.27
CA LEU C 41 39.74 17.90 2.82
C LEU C 41 38.67 16.92 2.35
N ASN C 42 39.10 15.93 1.57
CA ASN C 42 38.26 14.80 1.21
C ASN C 42 38.14 13.87 2.41
N TYR C 43 37.12 13.02 2.40
CA TYR C 43 36.95 12.04 3.47
C TYR C 43 36.76 10.68 2.82
N ILE C 44 37.81 9.86 2.88
CA ILE C 44 37.85 8.58 2.18
C ILE C 44 38.23 7.48 3.17
N ASP C 45 37.49 6.37 3.13
CA ASP C 45 37.66 5.23 4.04
C ASP C 45 37.95 5.65 5.50
N GLY C 46 37.14 6.56 6.03
CA GLY C 46 37.26 6.97 7.42
C GLY C 46 38.38 7.95 7.73
N ASN C 47 39.06 8.45 6.69
CA ASN C 47 40.16 9.39 6.88
C ASN C 47 40.02 10.68 6.08
N PHE C 48 40.24 11.82 6.74
CA PHE C 48 40.35 13.10 6.06
C PHE C 48 41.69 13.14 5.33
N VAL C 49 41.65 13.35 4.02
CA VAL C 49 42.86 13.34 3.20
C VAL C 49 42.97 14.52 2.23
N THR C 50 44.21 14.90 1.93
CA THR C 50 44.49 15.99 1.02
C THR C 50 44.65 15.45 -0.39
N SER C 51 44.95 16.34 -1.33
CA SER C 51 45.12 15.96 -2.73
C SER C 51 46.35 16.62 -3.32
N ALA C 52 46.66 16.26 -4.55
CA ALA C 52 47.79 16.83 -5.30
C ALA C 52 47.48 18.28 -5.66
N SER C 53 46.21 18.57 -5.85
CA SER C 53 45.78 19.89 -6.29
C SER C 53 44.66 20.46 -5.41
N SER C 54 44.64 21.78 -5.25
CA SER C 54 43.54 22.43 -4.55
C SER C 54 42.97 23.55 -5.42
N PHE C 55 41.76 23.99 -5.09
CA PHE C 55 41.15 25.11 -5.79
C PHE C 55 40.47 26.01 -4.80
N ALA C 56 40.18 27.24 -5.22
CA ALA C 56 39.71 28.28 -4.31
C ALA C 56 38.21 28.21 -4.10
N ASN C 57 37.81 28.39 -2.84
CA ASN C 57 36.43 28.56 -2.43
C ASN C 57 36.22 30.05 -2.14
N ILE C 58 35.46 30.74 -2.99
CA ILE C 58 35.33 32.22 -2.96
C ILE C 58 34.01 32.76 -2.41
N ASN C 59 34.06 33.67 -1.44
CA ASN C 59 32.84 34.28 -0.90
C ASN C 59 32.17 35.25 -1.89
N PRO C 60 30.95 34.92 -2.37
CA PRO C 60 30.31 35.72 -3.42
C PRO C 60 29.79 37.08 -2.94
N VAL C 61 29.79 37.30 -1.64
CA VAL C 61 29.42 38.59 -1.09
C VAL C 61 30.49 39.65 -1.38
N ASN C 62 31.76 39.22 -1.41
CA ASN C 62 32.87 40.17 -1.47
C ASN C 62 34.04 39.70 -2.31
N GLY C 63 33.94 38.50 -2.87
CA GLY C 63 35.01 37.96 -3.71
C GLY C 63 36.24 37.50 -2.97
N LYS C 64 36.21 37.52 -1.64
CA LYS C 64 37.34 37.06 -0.84
C LYS C 64 37.45 35.53 -0.76
N LEU C 65 38.67 35.05 -0.54
CA LEU C 65 38.94 33.62 -0.41
C LEU C 65 38.50 33.07 0.94
N ILE C 66 37.63 32.06 0.92
CA ILE C 66 37.18 31.38 2.13
C ILE C 66 38.15 30.26 2.50
N SER C 67 38.52 29.45 1.51
CA SER C 67 39.32 28.27 1.78
C SER C 67 39.89 27.67 0.50
N ASP C 68 40.89 26.80 0.67
CA ASP C 68 41.40 26.00 -0.43
C ASP C 68 40.77 24.62 -0.31
N VAL C 69 40.32 24.08 -1.44
CA VAL C 69 39.63 22.81 -1.46
C VAL C 69 40.44 21.80 -2.23
N PHE C 70 40.81 20.71 -1.57
CA PHE C 70 41.58 19.64 -2.21
C PHE C 70 40.79 18.81 -3.21
N GLU C 71 41.20 18.88 -4.48
CA GLU C 71 40.51 18.18 -5.55
C GLU C 71 40.93 16.71 -5.67
N ALA C 72 39.98 15.81 -5.43
CA ALA C 72 40.20 14.38 -5.58
C ALA C 72 40.60 13.99 -7.01
N ASP C 73 41.70 13.25 -7.15
CA ASP C 73 42.06 12.75 -8.47
C ASP C 73 41.40 11.39 -8.74
N ALA C 74 41.61 10.86 -9.95
CA ALA C 74 41.01 9.59 -10.35
C ALA C 74 41.35 8.46 -9.38
N LYS C 75 42.57 8.46 -8.87
CA LYS C 75 43.04 7.41 -7.98
C LYS C 75 42.32 7.46 -6.64
N GLN C 76 42.13 8.67 -6.12
CA GLN C 76 41.41 8.85 -4.88
C GLN C 76 39.91 8.51 -5.05
N VAL C 77 39.39 8.73 -6.26
CA VAL C 77 38.00 8.39 -6.52
C VAL C 77 37.86 6.87 -6.51
N ASN C 78 38.83 6.20 -7.10
CA ASN C 78 38.82 4.74 -7.08
C ASN C 78 38.90 4.22 -5.66
N GLU C 79 39.80 4.79 -4.88
CA GLU C 79 39.96 4.38 -3.50
C GLU C 79 38.64 4.50 -2.72
N ALA C 80 37.94 5.60 -2.97
CA ALA C 80 36.66 5.86 -2.32
C ALA C 80 35.60 4.83 -2.72
N VAL C 81 35.50 4.52 -4.00
CA VAL C 81 34.54 3.51 -4.46
C VAL C 81 34.86 2.12 -3.85
N VAL C 82 36.12 1.71 -3.95
CA VAL C 82 36.56 0.41 -3.41
C VAL C 82 36.29 0.33 -1.91
N ALA C 83 36.51 1.43 -1.20
CA ALA C 83 36.24 1.46 0.23
C ALA C 83 34.74 1.34 0.51
N ALA C 84 33.93 1.94 -0.35
CA ALA C 84 32.46 1.86 -0.22
C ALA C 84 31.98 0.44 -0.48
N GLN C 85 32.49 -0.18 -1.54
CA GLN C 85 32.28 -1.61 -1.78
C GLN C 85 32.62 -2.44 -0.56
N ASN C 86 33.80 -2.23 0.01
CA ASN C 86 34.22 -3.03 1.14
C ASN C 86 33.38 -2.81 2.39
N ALA C 87 32.89 -1.60 2.57
CA ALA C 87 32.11 -1.28 3.77
C ALA C 87 30.81 -2.06 3.81
N LEU C 88 30.29 -2.42 2.63
CA LEU C 88 29.08 -3.22 2.49
C LEU C 88 29.24 -4.61 3.12
N LYS C 89 30.48 -5.10 3.13
CA LYS C 89 30.79 -6.43 3.66
C LYS C 89 31.20 -6.38 5.12
N GLY C 90 31.16 -5.19 5.70
CA GLY C 90 31.59 -5.00 7.08
C GLY C 90 30.44 -4.82 8.06
N PRO C 91 30.74 -4.19 9.21
CA PRO C 91 29.80 -3.89 10.30
C PRO C 91 28.56 -3.12 9.83
N TRP C 92 28.73 -2.23 8.85
CA TRP C 92 27.60 -1.49 8.30
C TRP C 92 26.59 -2.48 7.74
N GLY C 93 27.09 -3.41 6.92
CA GLY C 93 26.24 -4.44 6.35
C GLY C 93 25.56 -5.34 7.37
N LYS C 94 26.01 -5.29 8.61
CA LYS C 94 25.48 -6.21 9.63
C LYS C 94 24.50 -5.53 10.58
N LEU C 95 24.37 -4.21 10.48
CA LEU C 95 23.41 -3.53 11.35
C LEU C 95 21.98 -3.97 11.00
N SER C 96 21.15 -4.11 12.03
CA SER C 96 19.74 -4.34 11.81
C SER C 96 19.16 -3.03 11.30
N VAL C 97 17.98 -3.09 10.71
CA VAL C 97 17.32 -1.88 10.21
C VAL C 97 17.06 -0.90 11.35
N GLN C 98 16.75 -1.42 12.55
CA GLN C 98 16.55 -0.58 13.72
C GLN C 98 17.83 0.13 14.15
N ASP C 99 18.95 -0.57 14.04
CA ASP C 99 20.24 -0.04 14.48
C ASP C 99 20.78 0.97 13.48
N ARG C 100 20.65 0.64 12.21
CA ARG C 100 21.03 1.56 11.15
C ARG C 100 20.24 2.87 11.26
N ALA C 101 18.94 2.75 11.52
CA ALA C 101 18.07 3.93 11.65
C ALA C 101 18.46 4.77 12.85
N ALA C 102 18.81 4.10 13.95
CA ALA C 102 19.23 4.75 15.18
C ALA C 102 20.50 5.56 14.95
N LEU C 103 21.41 5.00 14.15
CA LEU C 103 22.65 5.68 13.83
C LEU C 103 22.42 6.88 12.88
N ILE C 104 21.46 6.75 11.98
CA ILE C 104 21.14 7.85 11.06
C ILE C 104 20.54 9.00 11.85
N HIS C 105 19.74 8.66 12.87
CA HIS C 105 19.26 9.67 13.81
C HIS C 105 20.41 10.35 14.57
N LYS C 106 21.46 9.60 14.89
CA LYS C 106 22.63 10.22 15.52
C LYS C 106 23.31 11.22 14.60
N ILE C 107 23.41 10.89 13.30
CA ILE C 107 23.91 11.84 12.32
C ILE C 107 23.08 13.13 12.36
N ALA C 108 21.77 13.00 12.38
CA ALA C 108 20.90 14.17 12.45
C ALA C 108 21.14 14.93 13.75
N ASP C 109 21.39 14.19 14.83
CA ASP C 109 21.64 14.78 16.14
C ASP C 109 22.95 15.56 16.09
N GLY C 110 23.93 15.00 15.40
CA GLY C 110 25.22 15.64 15.25
C GLY C 110 25.16 16.96 14.49
N ILE C 111 24.28 17.05 13.50
CA ILE C 111 24.14 18.28 12.75
C ILE C 111 23.47 19.30 13.64
N GLN C 112 22.41 18.87 14.32
CA GLN C 112 21.68 19.71 15.24
C GLN C 112 22.60 20.29 16.33
N ALA C 113 23.54 19.48 16.80
CA ALA C 113 24.47 19.93 17.83
C ALA C 113 25.44 21.01 17.31
N ARG C 114 25.68 21.04 16.00
CA ARG C 114 26.58 22.04 15.43
C ARG C 114 25.83 23.02 14.52
N PHE C 115 24.58 23.27 14.88
CA PHE C 115 23.62 23.91 14.00
C PHE C 115 24.15 25.22 13.39
N GLU C 116 24.62 26.12 14.26
CA GLU C 116 25.10 27.43 13.82
C GLU C 116 26.38 27.35 12.97
N GLU C 117 27.21 26.35 13.22
CA GLU C 117 28.39 26.12 12.37
C GLU C 117 27.98 25.74 10.95
N PHE C 118 26.95 24.90 10.83
CA PHE C 118 26.44 24.56 9.51
C PHE C 118 25.86 25.79 8.84
N VAL C 119 25.12 26.58 9.59
CA VAL C 119 24.56 27.83 9.06
C VAL C 119 25.69 28.68 8.48
N ALA C 120 26.73 28.89 9.29
CA ALA C 120 27.86 29.72 8.88
C ALA C 120 28.52 29.18 7.62
N ALA C 121 28.72 27.87 7.56
CA ALA C 121 29.33 27.28 6.37
C ALA C 121 28.50 27.50 5.10
N GLU C 122 27.20 27.26 5.18
CA GLU C 122 26.30 27.46 4.03
C GLU C 122 26.30 28.91 3.58
N VAL C 123 26.15 29.80 4.53
CA VAL C 123 26.13 31.24 4.28
C VAL C 123 27.45 31.73 3.65
N ALA C 124 28.58 31.32 4.23
CA ALA C 124 29.89 31.74 3.74
C ALA C 124 30.07 31.37 2.26
N ASP C 125 29.71 30.14 1.91
CA ASP C 125 29.87 29.65 0.53
C ASP C 125 28.94 30.34 -0.47
N THR C 126 27.75 30.70 -0.04
CA THR C 126 26.73 31.04 -1.03
C THR C 126 26.22 32.48 -0.95
N GLY C 127 26.48 33.14 0.17
CA GLY C 127 25.95 34.47 0.37
C GLY C 127 24.47 34.49 0.72
N ARG C 128 23.87 33.32 0.95
CA ARG C 128 22.45 33.27 1.29
C ARG C 128 22.18 33.98 2.64
N PRO C 129 21.02 34.65 2.76
CA PRO C 129 20.62 35.29 4.01
C PRO C 129 20.65 34.31 5.17
N VAL C 130 21.17 34.75 6.33
CA VAL C 130 21.26 33.90 7.50
C VAL C 130 19.91 33.31 7.89
N HIS C 131 18.86 34.13 7.82
N HIS C 131 18.86 34.12 7.81
CA HIS C 131 17.53 33.66 8.19
CA HIS C 131 17.53 33.66 8.19
C HIS C 131 17.07 32.47 7.33
C HIS C 131 17.01 32.52 7.31
N GLN C 132 17.43 32.50 6.05
CA GLN C 132 17.07 31.42 5.13
C GLN C 132 17.78 30.12 5.51
N ALA C 133 19.08 30.21 5.76
CA ALA C 133 19.86 29.04 6.16
C ALA C 133 19.35 28.46 7.47
N ARG C 134 18.90 29.35 8.35
CA ARG C 134 18.40 28.93 9.66
C ARG C 134 17.04 28.26 9.62
N THR C 135 16.23 28.59 8.63
CA THR C 135 14.86 28.13 8.64
C THR C 135 14.59 27.11 7.54
N LEU C 136 15.31 27.23 6.43
CA LEU C 136 15.13 26.29 5.34
C LEU C 136 16.29 25.31 5.23
N ASP C 137 17.48 25.80 4.90
CA ASP C 137 18.59 24.92 4.49
C ASP C 137 19.02 23.89 5.53
N ILE C 138 19.44 24.37 6.70
CA ILE C 138 19.88 23.42 7.73
C ILE C 138 18.77 22.54 8.32
N PRO C 139 17.60 23.12 8.70
CA PRO C 139 16.59 22.21 9.24
C PRO C 139 16.12 21.13 8.27
N ARG C 140 16.15 21.40 6.96
CA ARG C 140 15.78 20.40 5.96
C ARG C 140 16.82 19.30 5.85
N ALA C 141 18.08 19.64 6.08
CA ALA C 141 19.14 18.64 6.01
C ALA C 141 18.94 17.66 7.15
N ILE C 142 18.59 18.20 8.32
CA ILE C 142 18.33 17.38 9.47
C ILE C 142 17.09 16.52 9.25
N ALA C 143 16.02 17.14 8.77
CA ALA C 143 14.77 16.43 8.50
C ALA C 143 14.91 15.34 7.42
N ASN C 144 15.77 15.57 6.42
CA ASN C 144 16.05 14.54 5.42
C ASN C 144 16.53 13.24 6.08
N PHE C 145 17.47 13.34 7.01
CA PHE C 145 18.00 12.17 7.70
C PHE C 145 16.95 11.50 8.57
N ARG C 146 16.16 12.31 9.28
CA ARG C 146 15.17 11.74 10.21
C ARG C 146 14.01 11.06 9.47
N THR C 147 13.62 11.65 8.34
CA THR C 147 12.47 11.14 7.59
C THR C 147 12.78 9.78 6.99
N PHE C 148 13.94 9.66 6.36
CA PHE C 148 14.30 8.39 5.75
C PHE C 148 14.72 7.32 6.74
N ALA C 149 15.25 7.73 7.89
CA ALA C 149 15.52 6.76 8.94
C ALA C 149 14.21 6.12 9.34
N ASP C 150 13.16 6.93 9.43
CA ASP C 150 11.86 6.48 9.91
C ASP C 150 11.19 5.60 8.87
N LEU C 151 11.28 6.02 7.60
CA LEU C 151 10.71 5.27 6.49
C LEU C 151 11.37 3.92 6.39
N ALA C 152 12.66 3.85 6.70
CA ALA C 152 13.39 2.59 6.63
C ALA C 152 12.90 1.64 7.73
N LYS C 153 12.62 2.20 8.89
CA LYS C 153 12.13 1.41 10.02
C LYS C 153 10.74 0.86 9.74
N THR C 154 9.89 1.66 9.11
CA THR C 154 8.51 1.24 8.91
C THR C 154 8.23 0.45 7.63
N SER C 155 9.10 0.58 6.63
CA SER C 155 8.79 0.01 5.31
C SER C 155 8.80 -1.52 5.34
N HIS C 156 7.86 -2.11 4.60
CA HIS C 156 7.85 -3.57 4.44
C HIS C 156 7.66 -3.89 2.98
N THR C 157 7.61 -5.19 2.67
CA THR C 157 7.49 -5.59 1.28
C THR C 157 6.24 -6.47 1.07
N ASP C 158 6.23 -7.25 -0.01
CA ASP C 158 4.99 -7.89 -0.48
C ASP C 158 4.98 -9.42 -0.41
N LEU C 159 3.78 -9.98 -0.21
CA LEU C 159 3.57 -11.42 -0.28
C LEU C 159 2.48 -11.72 -1.31
N PHE C 160 2.82 -12.56 -2.27
CA PHE C 160 1.88 -13.03 -3.29
C PHE C 160 1.69 -14.55 -3.19
N GLU C 161 0.45 -15.00 -3.02
CA GLU C 161 0.14 -16.43 -3.06
C GLU C 161 -0.32 -16.79 -4.47
N MET C 162 0.01 -18.00 -4.92
CA MET C 162 -0.48 -18.44 -6.23
C MET C 162 -0.79 -19.92 -6.24
N SER C 163 -1.69 -20.29 -7.13
CA SER C 163 -2.01 -21.70 -7.36
C SER C 163 -1.04 -22.28 -8.38
N THR C 164 -0.86 -23.58 -8.30
CA THR C 164 0.00 -24.29 -9.25
C THR C 164 -0.74 -25.51 -9.77
N SER C 165 -0.22 -26.10 -10.85
CA SER C 165 -0.86 -27.27 -11.46
C SER C 165 -1.04 -28.45 -10.51
N ASP C 166 -0.02 -28.71 -9.70
CA ASP C 166 -0.10 -29.85 -8.77
C ASP C 166 -0.99 -29.61 -7.54
N GLY C 167 -1.58 -28.42 -7.46
CA GLY C 167 -2.51 -28.13 -6.37
C GLY C 167 -1.89 -27.86 -5.01
N SER C 168 -0.56 -27.78 -4.95
CA SER C 168 0.15 -27.45 -3.70
C SER C 168 0.41 -25.95 -3.54
N GLY C 169 0.50 -25.23 -4.65
CA GLY C 169 0.68 -23.78 -4.63
C GLY C 169 2.13 -23.32 -4.50
N ALA C 170 2.33 -22.01 -4.51
CA ALA C 170 3.65 -21.41 -4.37
C ALA C 170 3.51 -20.07 -3.71
N LEU C 171 4.61 -19.58 -3.13
CA LEU C 171 4.66 -18.27 -2.50
C LEU C 171 5.71 -17.43 -3.19
N ASN C 172 5.35 -16.22 -3.55
CA ASN C 172 6.34 -15.22 -3.95
C ASN C 172 6.39 -14.13 -2.90
N TYR C 173 7.58 -13.80 -2.43
CA TYR C 173 7.73 -12.65 -1.56
C TYR C 173 8.91 -11.79 -1.97
N THR C 174 8.85 -10.50 -1.61
CA THR C 174 9.92 -9.59 -1.94
C THR C 174 10.68 -9.19 -0.69
N VAL C 175 11.94 -8.81 -0.87
CA VAL C 175 12.77 -8.32 0.21
C VAL C 175 13.50 -7.09 -0.29
N ARG C 176 13.91 -6.25 0.64
CA ARG C 176 14.53 -4.98 0.34
C ARG C 176 16.03 -5.11 0.65
N LYS C 177 16.86 -4.97 -0.35
CA LYS C 177 18.30 -5.01 -0.15
C LYS C 177 18.94 -3.69 -0.56
N PRO C 178 20.12 -3.39 0.00
CA PRO C 178 20.91 -2.28 -0.53
C PRO C 178 21.20 -2.49 -2.00
N LEU C 179 21.11 -1.44 -2.80
CA LEU C 179 21.51 -1.50 -4.21
C LEU C 179 23.03 -1.73 -4.35
N GLY C 180 23.80 -1.15 -3.46
CA GLY C 180 25.25 -1.23 -3.50
C GLY C 180 25.91 0.10 -3.16
N VAL C 181 26.82 0.54 -4.02
CA VAL C 181 27.44 1.85 -3.84
C VAL C 181 26.72 2.92 -4.65
N ILE C 182 26.30 3.98 -3.97
CA ILE C 182 25.59 5.07 -4.65
C ILE C 182 26.53 6.23 -4.90
N GLY C 183 26.66 6.62 -6.16
CA GLY C 183 27.37 7.83 -6.50
C GLY C 183 26.42 9.02 -6.46
N VAL C 184 26.79 10.03 -5.68
CA VAL C 184 25.96 11.21 -5.47
C VAL C 184 26.67 12.44 -6.02
N ILE C 185 26.01 13.15 -6.92
CA ILE C 185 26.55 14.41 -7.43
C ILE C 185 25.52 15.53 -7.21
N SER C 186 25.90 16.55 -6.43
CA SER C 186 24.93 17.59 -6.03
C SER C 186 25.28 18.99 -6.53
N PRO C 187 24.28 19.89 -6.59
CA PRO C 187 24.54 21.25 -7.08
C PRO C 187 24.72 22.29 -5.98
N TRP C 188 24.91 23.55 -6.38
CA TRP C 188 25.19 24.62 -5.41
C TRP C 188 23.99 25.46 -4.96
N ASP C 189 22.81 25.25 -5.53
CA ASP C 189 21.66 26.11 -5.19
C ASP C 189 21.12 25.93 -3.76
N LEU C 190 20.96 24.68 -3.34
CA LEU C 190 20.62 24.38 -1.95
C LEU C 190 21.60 23.27 -1.54
N PRO C 191 22.83 23.67 -1.16
CA PRO C 191 23.94 22.72 -1.05
C PRO C 191 23.66 21.57 -0.08
N LEU C 192 23.55 21.85 1.22
CA LEU C 192 23.36 20.77 2.19
C LEU C 192 21.99 20.08 2.04
N LEU C 193 20.96 20.86 1.74
CA LEU C 193 19.63 20.30 1.54
C LEU C 193 19.63 19.23 0.44
N LEU C 194 20.17 19.56 -0.73
CA LEU C 194 20.16 18.61 -1.85
C LEU C 194 21.16 17.48 -1.68
N PHE C 195 22.27 17.77 -1.01
CA PHE C 195 23.29 16.78 -0.74
C PHE C 195 22.70 15.69 0.17
N THR C 196 22.01 16.10 1.24
CA THR C 196 21.45 15.14 2.18
C THR C 196 20.14 14.54 1.65
N TRP C 197 19.52 15.23 0.70
CA TRP C 197 18.34 14.68 0.02
C TRP C 197 18.66 13.36 -0.69
N LYS C 198 19.91 13.21 -1.13
CA LYS C 198 20.35 12.00 -1.82
C LYS C 198 21.05 11.05 -0.85
N VAL C 199 21.89 11.60 0.00
CA VAL C 199 22.67 10.82 0.96
C VAL C 199 21.81 10.13 2.02
N ALA C 200 20.82 10.83 2.58
CA ALA C 200 19.95 10.24 3.62
C ALA C 200 19.21 8.98 3.16
N PRO C 201 18.48 9.04 2.03
CA PRO C 201 17.81 7.77 1.68
C PRO C 201 18.82 6.69 1.27
N ALA C 202 19.94 7.10 0.65
CA ALA C 202 20.97 6.13 0.27
C ALA C 202 21.46 5.34 1.47
N LEU C 203 21.85 6.05 2.53
CA LEU C 203 22.27 5.39 3.77
C LEU C 203 21.11 4.65 4.47
N ALA C 204 19.92 5.25 4.44
CA ALA C 204 18.78 4.62 5.11
C ALA C 204 18.43 3.22 4.55
N CYS C 205 18.62 3.03 3.24
CA CYS C 205 18.37 1.74 2.61
C CYS C 205 19.57 0.80 2.66
N GLY C 206 20.59 1.17 3.43
CA GLY C 206 21.73 0.29 3.66
C GLY C 206 22.86 0.39 2.65
N ASN C 207 22.80 1.36 1.75
CA ASN C 207 23.90 1.57 0.80
C ASN C 207 25.11 2.20 1.45
N THR C 208 26.21 2.22 0.70
CA THR C 208 27.37 3.03 1.02
C THR C 208 27.47 4.11 -0.07
N VAL C 209 28.16 5.20 0.25
CA VAL C 209 28.07 6.42 -0.56
C VAL C 209 29.41 7.01 -0.96
N VAL C 210 29.52 7.39 -2.22
CA VAL C 210 30.59 8.27 -2.65
C VAL C 210 29.94 9.52 -3.23
N ALA C 211 30.16 10.66 -2.56
CA ALA C 211 29.40 11.87 -2.83
C ALA C 211 30.30 13.07 -3.17
N LYS C 212 29.95 13.73 -4.26
CA LYS C 212 30.72 14.85 -4.78
C LYS C 212 29.88 16.15 -4.78
N PRO C 213 30.14 17.04 -3.82
CA PRO C 213 29.39 18.31 -3.81
C PRO C 213 29.92 19.30 -4.85
N SER C 214 29.10 20.28 -5.20
CA SER C 214 29.52 21.34 -6.10
C SER C 214 30.82 22.01 -5.65
N GLU C 215 31.73 22.22 -6.59
CA GLU C 215 32.93 23.02 -6.35
C GLU C 215 32.59 24.40 -5.76
N GLU C 216 31.40 24.89 -6.08
CA GLU C 216 30.97 26.20 -5.58
C GLU C 216 30.53 26.15 -4.13
N SER C 217 30.19 25.00 -3.59
CA SER C 217 29.71 25.03 -2.20
C SER C 217 30.13 23.80 -1.41
N PRO C 218 31.43 23.69 -1.14
CA PRO C 218 31.95 22.44 -0.56
C PRO C 218 31.94 22.40 0.97
N SER C 219 31.63 23.49 1.65
CA SER C 219 31.90 23.56 3.09
C SER C 219 30.97 22.73 3.98
N SER C 220 29.67 22.81 3.72
CA SER C 220 28.71 22.15 4.62
C SER C 220 28.82 20.63 4.49
N ALA C 221 29.13 20.15 3.29
CA ALA C 221 29.33 18.72 3.06
C ALA C 221 30.57 18.23 3.81
N THR C 222 31.58 19.09 3.90
CA THR C 222 32.79 18.73 4.62
C THR C 222 32.51 18.65 6.12
N LEU C 223 31.76 19.61 6.63
CA LEU C 223 31.30 19.55 8.03
C LEU C 223 30.49 18.27 8.31
N LEU C 224 29.69 17.84 7.33
CA LEU C 224 28.85 16.65 7.47
C LEU C 224 29.70 15.39 7.65
N ALA C 225 30.75 15.25 6.84
CA ALA C 225 31.74 14.19 7.04
C ALA C 225 32.30 14.18 8.47
N GLU C 226 32.50 15.37 9.05
CA GLU C 226 32.98 15.44 10.43
C GLU C 226 31.92 14.86 11.36
N VAL C 227 30.67 15.23 11.12
CA VAL C 227 29.54 14.71 11.90
C VAL C 227 29.44 13.18 11.77
N MET C 228 29.61 12.66 10.55
CA MET C 228 29.61 11.22 10.30
C MET C 228 30.70 10.55 11.11
N HIS C 229 31.90 11.10 11.02
CA HIS C 229 33.04 10.54 11.73
C HIS C 229 32.77 10.49 13.23
N ASP C 230 32.30 11.60 13.79
CA ASP C 230 32.07 11.69 15.22
C ASP C 230 30.91 10.83 15.71
N ALA C 231 30.02 10.48 14.79
CA ALA C 231 28.87 9.64 15.13
C ALA C 231 29.22 8.16 15.11
N GLY C 232 30.42 7.84 14.62
CA GLY C 232 30.86 6.46 14.52
C GLY C 232 30.31 5.71 13.32
N VAL C 233 30.02 6.43 12.24
CA VAL C 233 29.68 5.76 11.01
C VAL C 233 30.93 5.02 10.55
N PRO C 234 30.80 3.70 10.28
CA PRO C 234 31.96 2.88 9.91
C PRO C 234 32.68 3.40 8.68
N PRO C 235 34.02 3.22 8.64
CA PRO C 235 34.86 3.72 7.56
C PRO C 235 34.43 3.16 6.20
N GLY C 236 34.37 4.02 5.19
CA GLY C 236 34.01 3.60 3.85
C GLY C 236 32.52 3.66 3.56
N VAL C 237 31.69 3.79 4.59
CA VAL C 237 30.25 3.89 4.38
C VAL C 237 29.91 5.21 3.70
N PHE C 238 30.49 6.30 4.20
CA PHE C 238 30.30 7.60 3.57
C PHE C 238 31.62 8.22 3.09
N ASN C 239 31.71 8.48 1.80
CA ASN C 239 32.92 9.08 1.25
C ASN C 239 32.65 10.41 0.54
N LEU C 240 33.46 11.42 0.89
CA LEU C 240 33.33 12.75 0.32
C LEU C 240 34.51 13.06 -0.58
N ILE C 241 34.25 13.26 -1.86
CA ILE C 241 35.28 13.66 -2.81
C ILE C 241 34.95 15.07 -3.34
N HIS C 242 35.97 15.94 -3.36
CA HIS C 242 35.80 17.31 -3.89
C HIS C 242 36.30 17.42 -5.32
N GLY C 243 35.82 18.44 -6.03
CA GLY C 243 36.26 18.68 -7.39
C GLY C 243 35.21 19.18 -8.37
N PHE C 244 35.57 19.14 -9.65
CA PHE C 244 34.74 19.67 -10.73
C PHE C 244 34.00 18.53 -11.44
N GLY C 245 33.55 18.81 -12.66
CA GLY C 245 32.82 17.82 -13.44
C GLY C 245 33.75 17.12 -14.41
N LYS C 246 33.77 17.58 -15.67
CA LYS C 246 34.70 17.10 -16.67
C LYS C 246 36.14 17.06 -16.16
N ASP C 247 36.81 15.93 -16.42
CA ASP C 247 38.23 15.74 -16.12
C ASP C 247 38.57 15.91 -14.63
N SER C 248 37.59 15.61 -13.79
CA SER C 248 37.74 15.79 -12.37
C SER C 248 36.88 14.77 -11.64
N ALA C 249 36.75 14.95 -10.33
CA ALA C 249 36.06 14.02 -9.46
C ALA C 249 34.70 13.56 -9.98
N GLY C 250 33.91 14.52 -10.48
CA GLY C 250 32.58 14.24 -11.00
C GLY C 250 32.59 13.21 -12.11
N GLU C 251 33.33 13.49 -13.18
CA GLU C 251 33.52 12.54 -14.27
C GLU C 251 34.05 11.17 -13.81
N PHE C 252 35.11 11.17 -13.02
CA PHE C 252 35.69 9.91 -12.53
C PHE C 252 34.66 9.07 -11.78
N LEU C 253 33.81 9.72 -10.99
CA LEU C 253 32.79 8.99 -10.24
C LEU C 253 31.80 8.33 -11.19
N THR C 254 31.35 9.07 -12.19
CA THR C 254 30.31 8.56 -13.10
C THR C 254 30.78 7.38 -13.95
N GLN C 255 32.08 7.36 -14.26
CA GLN C 255 32.62 6.33 -15.15
C GLN C 255 33.16 5.13 -14.39
N HIS C 256 33.13 5.20 -13.07
CA HIS C 256 33.65 4.10 -12.26
C HIS C 256 32.70 2.89 -12.24
N PRO C 257 33.22 1.71 -12.60
CA PRO C 257 32.37 0.52 -12.76
C PRO C 257 31.91 -0.08 -11.43
N GLY C 258 32.47 0.43 -10.34
CA GLY C 258 32.15 -0.06 -9.01
C GLY C 258 30.88 0.48 -8.39
N ILE C 259 30.31 1.53 -8.96
CA ILE C 259 29.07 2.10 -8.39
C ILE C 259 27.88 1.33 -8.92
N SER C 260 26.79 1.26 -8.15
CA SER C 260 25.59 0.59 -8.64
C SER C 260 24.57 1.60 -9.22
N ALA C 261 24.72 2.88 -8.87
CA ALA C 261 23.74 3.89 -9.24
C ALA C 261 24.31 5.28 -9.16
N LEU C 262 23.73 6.18 -9.94
CA LEU C 262 24.13 7.58 -9.96
C LEU C 262 22.89 8.45 -9.79
N THR C 263 22.82 9.14 -8.65
CA THR C 263 21.79 10.13 -8.42
C THR C 263 22.37 11.54 -8.52
N PHE C 264 21.67 12.40 -9.24
CA PHE C 264 22.20 13.69 -9.68
C PHE C 264 21.13 14.77 -9.76
N THR C 265 21.46 15.95 -9.24
CA THR C 265 20.65 17.15 -9.45
C THR C 265 21.53 18.22 -10.07
N GLY C 266 21.04 18.85 -11.14
CA GLY C 266 21.77 19.92 -11.79
C GLY C 266 21.21 20.25 -13.15
N GLU C 267 22.08 20.68 -14.04
CA GLU C 267 21.69 21.10 -15.37
C GLU C 267 21.31 19.91 -16.26
N SER C 268 20.33 20.13 -17.13
CA SER C 268 19.82 19.10 -18.06
C SER C 268 20.89 18.42 -18.90
N LYS C 269 21.70 19.25 -19.56
CA LYS C 269 22.75 18.76 -20.46
C LYS C 269 23.76 17.90 -19.70
N THR C 270 23.99 18.23 -18.43
CA THR C 270 24.91 17.45 -17.60
C THR C 270 24.30 16.08 -17.30
N GLY C 271 22.97 16.05 -17.19
CA GLY C 271 22.24 14.80 -17.04
C GLY C 271 22.46 13.87 -18.22
N SER C 272 22.37 14.44 -19.43
CA SER C 272 22.63 13.69 -20.67
C SER C 272 24.04 13.11 -20.68
N THR C 273 25.02 13.95 -20.36
CA THR C 273 26.43 13.56 -20.24
C THR C 273 26.59 12.38 -19.29
N ILE C 274 25.99 12.50 -18.11
CA ILE C 274 26.06 11.45 -17.10
C ILE C 274 25.37 10.16 -17.53
N MET C 275 24.22 10.26 -18.20
CA MET C 275 23.50 9.08 -18.66
C MET C 275 24.36 8.26 -19.64
N LYS C 276 25.04 8.96 -20.56
CA LYS C 276 25.98 8.31 -21.48
C LYS C 276 27.14 7.64 -20.75
N ALA C 277 27.68 8.29 -19.73
CA ALA C 277 28.88 7.81 -19.03
C ALA C 277 28.66 6.47 -18.31
N VAL C 278 27.46 6.27 -17.74
CA VAL C 278 27.16 5.06 -16.97
C VAL C 278 26.51 3.98 -17.84
N ALA C 279 26.32 4.28 -19.12
CA ALA C 279 25.56 3.41 -20.00
C ALA C 279 26.21 2.03 -20.15
N ASP C 280 27.53 2.01 -20.36
CA ASP C 280 28.28 0.76 -20.49
C ASP C 280 28.10 -0.15 -19.27
N GLY C 281 27.79 0.43 -18.11
CA GLY C 281 27.52 -0.36 -16.92
C GLY C 281 26.04 -0.63 -16.63
N VAL C 282 25.15 -0.06 -17.44
CA VAL C 282 23.70 -0.08 -17.18
C VAL C 282 23.34 0.32 -15.72
N LYS C 283 24.02 1.33 -15.19
CA LYS C 283 23.76 1.79 -13.83
C LYS C 283 22.34 2.41 -13.75
N GLU C 284 21.68 2.21 -12.62
CA GLU C 284 20.44 2.92 -12.31
C GLU C 284 20.76 4.40 -12.21
N VAL C 285 19.86 5.23 -12.72
CA VAL C 285 20.03 6.68 -12.65
C VAL C 285 18.75 7.38 -12.17
N SER C 286 18.94 8.50 -11.50
CA SER C 286 17.85 9.31 -10.96
C SER C 286 18.23 10.79 -11.08
N PHE C 287 17.48 11.54 -11.89
CA PHE C 287 17.82 12.92 -12.23
C PHE C 287 16.73 13.93 -11.83
N GLU C 288 17.14 15.04 -11.25
CA GLU C 288 16.30 16.21 -11.11
C GLU C 288 17.07 17.31 -11.86
N LEU C 289 16.50 17.79 -12.96
CA LEU C 289 17.23 18.66 -13.88
C LEU C 289 16.67 20.10 -13.94
N GLY C 290 16.91 20.81 -15.03
CA GLY C 290 16.46 22.19 -15.09
C GLY C 290 14.94 22.35 -15.05
N GLY C 291 14.51 23.61 -15.02
CA GLY C 291 13.15 23.95 -15.35
C GLY C 291 13.06 25.33 -15.95
N LYS C 292 11.95 25.62 -16.62
CA LYS C 292 11.59 26.99 -16.90
C LYS C 292 10.15 27.13 -16.44
N ASN C 293 9.99 27.30 -15.13
CA ASN C 293 8.70 27.20 -14.47
C ASN C 293 7.81 28.42 -14.56
N ALA C 294 6.52 28.15 -14.73
CA ALA C 294 5.51 29.19 -14.79
C ALA C 294 4.77 29.34 -13.48
N ALA C 295 4.31 30.56 -13.24
CA ALA C 295 3.23 30.83 -12.30
C ALA C 295 2.04 31.40 -13.09
N VAL C 296 0.82 31.01 -12.72
CA VAL C 296 -0.38 31.49 -13.39
C VAL C 296 -1.34 32.09 -12.37
N VAL C 297 -1.76 33.32 -12.62
CA VAL C 297 -2.67 34.02 -11.72
C VAL C 297 -4.00 34.30 -12.42
N PHE C 298 -5.05 33.61 -11.98
CA PHE C 298 -6.39 33.79 -12.58
C PHE C 298 -7.05 35.01 -11.98
N ALA C 299 -8.06 35.53 -12.67
CA ALA C 299 -8.75 36.75 -12.22
C ALA C 299 -9.35 36.59 -10.82
N ASP C 300 -9.74 35.37 -10.46
CA ASP C 300 -10.35 35.12 -9.16
C ASP C 300 -9.37 34.84 -8.02
N ALA C 301 -8.08 35.03 -8.27
CA ALA C 301 -7.09 34.83 -7.21
C ALA C 301 -7.18 35.93 -6.17
N ASP C 302 -6.73 35.60 -4.95
CA ASP C 302 -6.40 36.61 -3.93
C ASP C 302 -5.18 37.38 -4.45
N LEU C 303 -5.41 38.58 -5.00
CA LEU C 303 -4.37 39.31 -5.72
C LEU C 303 -3.17 39.64 -4.86
N ASP C 304 -3.42 40.12 -3.64
CA ASP C 304 -2.34 40.43 -2.71
C ASP C 304 -1.49 39.21 -2.39
N ALA C 305 -2.14 38.08 -2.15
CA ALA C 305 -1.40 36.86 -1.83
C ALA C 305 -0.63 36.36 -3.04
N ALA C 306 -1.18 36.58 -4.24
CA ALA C 306 -0.55 36.14 -5.46
C ALA C 306 0.68 37.00 -5.80
N ILE C 307 0.58 38.29 -5.52
CA ILE C 307 1.74 39.18 -5.68
C ILE C 307 2.86 38.78 -4.75
N GLU C 308 2.54 38.59 -3.48
CA GLU C 308 3.52 38.12 -2.52
C GLU C 308 4.07 36.73 -2.89
N GLY C 309 3.19 35.82 -3.29
CA GLY C 309 3.58 34.49 -3.67
C GLY C 309 4.55 34.47 -4.85
N VAL C 310 4.28 35.27 -5.87
CA VAL C 310 5.15 35.32 -7.04
C VAL C 310 6.48 36.03 -6.74
N LEU C 311 6.44 37.01 -5.85
CA LEU C 311 7.67 37.65 -5.38
C LEU C 311 8.58 36.59 -4.74
N ARG C 312 8.00 35.75 -3.90
CA ARG C 312 8.74 34.69 -3.25
C ARG C 312 9.24 33.64 -4.25
N SER C 313 8.39 33.29 -5.23
CA SER C 313 8.74 32.23 -6.18
C SER C 313 9.75 32.70 -7.21
N SER C 314 9.81 34.01 -7.45
CA SER C 314 10.76 34.55 -8.41
C SER C 314 12.14 34.90 -7.82
N PHE C 315 12.15 35.34 -6.57
CA PHE C 315 13.36 35.93 -5.98
C PHE C 315 13.97 35.19 -4.78
N THR C 316 13.32 34.12 -4.30
CA THR C 316 13.93 33.30 -3.23
C THR C 316 15.30 32.82 -3.68
N ASN C 317 16.28 32.85 -2.76
CA ASN C 317 17.67 32.48 -3.03
C ASN C 317 18.22 33.22 -4.27
N SER C 318 17.78 34.47 -4.44
CA SER C 318 18.15 35.29 -5.59
C SER C 318 17.81 34.61 -6.91
N GLY C 319 16.64 33.96 -6.93
CA GLY C 319 16.18 33.26 -8.12
C GLY C 319 16.95 31.99 -8.48
N GLN C 320 17.84 31.56 -7.59
CA GLN C 320 18.68 30.37 -7.85
C GLN C 320 18.11 29.14 -7.17
N VAL C 321 16.92 28.74 -7.59
CA VAL C 321 16.34 27.45 -7.23
C VAL C 321 15.75 26.89 -8.51
N CYS C 322 15.88 25.58 -8.71
CA CYS C 322 15.32 24.92 -9.89
CA CYS C 322 15.32 24.94 -9.90
C CYS C 322 13.81 25.16 -9.99
N LEU C 323 13.18 25.40 -8.83
CA LEU C 323 11.73 25.55 -8.75
C LEU C 323 11.20 26.98 -8.94
N CYS C 324 12.10 27.94 -9.09
CA CYS C 324 11.68 29.32 -9.25
C CYS C 324 10.84 29.56 -10.50
N SER C 325 9.93 30.53 -10.42
CA SER C 325 9.14 30.94 -11.57
C SER C 325 9.86 32.04 -12.36
N GLU C 326 10.11 31.80 -13.63
CA GLU C 326 10.75 32.81 -14.48
C GLU C 326 9.78 33.30 -15.56
N ARG C 327 8.68 32.54 -15.74
CA ARG C 327 7.58 32.92 -16.63
C ARG C 327 6.35 33.07 -15.77
N VAL C 328 5.61 34.15 -15.95
CA VAL C 328 4.39 34.40 -15.20
C VAL C 328 3.25 34.79 -16.15
N TYR C 329 2.11 34.13 -16.01
CA TYR C 329 0.94 34.48 -16.80
C TYR C 329 -0.18 35.01 -15.91
N VAL C 330 -0.65 36.21 -16.23
CA VAL C 330 -1.62 36.89 -15.39
C VAL C 330 -2.83 37.25 -16.23
N HIS C 331 -4.02 37.02 -15.68
CA HIS C 331 -5.22 37.33 -16.44
C HIS C 331 -5.27 38.83 -16.72
N ARG C 332 -5.66 39.20 -17.94
CA ARG C 332 -5.56 40.59 -18.39
C ARG C 332 -6.33 41.59 -17.52
N SER C 333 -7.44 41.17 -16.91
CA SER C 333 -8.22 42.05 -16.05
C SER C 333 -7.43 42.55 -14.83
N ILE C 334 -6.37 41.85 -14.47
CA ILE C 334 -5.61 42.22 -13.27
C ILE C 334 -4.12 42.36 -13.58
N PHE C 335 -3.77 42.26 -14.85
CA PHE C 335 -2.37 42.30 -15.27
C PHE C 335 -1.66 43.58 -14.80
N ASP C 336 -2.25 44.73 -15.08
CA ASP C 336 -1.61 46.00 -14.75
C ASP C 336 -1.48 46.19 -13.26
N GLU C 337 -2.53 45.84 -12.53
CA GLU C 337 -2.46 45.95 -11.09
C GLU C 337 -1.43 44.96 -10.51
N PHE C 338 -1.36 43.76 -11.08
CA PHE C 338 -0.40 42.74 -10.60
C PHE C 338 1.03 43.24 -10.79
N VAL C 339 1.36 43.59 -12.03
CA VAL C 339 2.69 44.08 -12.38
C VAL C 339 3.12 45.30 -11.55
N SER C 340 2.18 46.23 -11.33
CA SER C 340 2.46 47.41 -10.51
C SER C 340 2.74 47.04 -9.06
N GLY C 341 1.93 46.14 -8.51
CA GLY C 341 2.14 45.68 -7.15
C GLY C 341 3.44 44.89 -7.02
N LEU C 342 3.78 44.10 -8.04
CA LEU C 342 5.00 43.30 -7.95
C LEU C 342 6.24 44.19 -8.02
N LYS C 343 6.17 45.21 -8.88
CA LYS C 343 7.23 46.20 -8.99
C LYS C 343 7.51 46.86 -7.63
N VAL C 344 6.45 47.27 -6.94
CA VAL C 344 6.58 47.88 -5.62
C VAL C 344 7.24 46.96 -4.59
N GLU C 345 6.81 45.71 -4.55
CA GLU C 345 7.33 44.75 -3.59
C GLU C 345 8.77 44.38 -3.91
N ALA C 346 9.09 44.27 -5.20
CA ALA C 346 10.43 43.93 -5.63
C ALA C 346 11.43 45.00 -5.24
N GLU C 347 11.01 46.26 -5.37
CA GLU C 347 11.87 47.40 -5.05
C GLU C 347 12.05 47.58 -3.55
N ARG C 348 11.12 47.05 -2.75
CA ARG C 348 11.28 47.00 -1.31
C ARG C 348 12.28 45.93 -0.88
N LEU C 349 12.58 44.98 -1.75
CA LEU C 349 13.54 43.92 -1.39
C LEU C 349 14.91 44.48 -1.01
N VAL C 350 15.39 44.10 0.17
CA VAL C 350 16.73 44.48 0.61
C VAL C 350 17.78 43.50 0.09
N VAL C 351 18.67 44.00 -0.75
CA VAL C 351 19.76 43.21 -1.31
C VAL C 351 21.05 43.55 -0.58
N GLY C 352 21.69 42.57 0.07
CA GLY C 352 22.88 42.87 0.83
C GLY C 352 23.55 41.73 1.59
N TYR C 353 24.10 42.07 2.76
CA TYR C 353 24.85 41.12 3.60
C TYR C 353 23.93 40.07 4.21
N PRO C 354 24.41 38.82 4.29
CA PRO C 354 23.61 37.72 4.86
C PRO C 354 23.07 38.00 6.25
N ASP C 355 23.86 38.71 7.07
CA ASP C 355 23.47 39.08 8.42
C ASP C 355 23.01 40.54 8.52
N GLN C 356 22.77 41.17 7.36
CA GLN C 356 22.21 42.53 7.34
C GLN C 356 20.79 42.53 7.90
N ASP C 357 20.45 43.59 8.62
CA ASP C 357 19.13 43.69 9.18
C ASP C 357 18.04 43.88 8.12
N GLY C 358 17.12 42.92 8.08
CA GLY C 358 16.02 42.94 7.12
C GLY C 358 16.38 42.48 5.71
N VAL C 359 17.48 41.75 5.58
CA VAL C 359 17.96 41.35 4.24
C VAL C 359 17.00 40.34 3.60
N ASN C 360 16.77 40.50 2.30
CA ASN C 360 15.93 39.57 1.56
C ASN C 360 16.71 38.74 0.56
N MET C 361 17.73 39.34 -0.03
CA MET C 361 18.50 38.70 -1.10
C MET C 361 19.98 38.90 -0.88
N GLY C 362 20.76 37.84 -1.06
CA GLY C 362 22.20 37.94 -1.15
C GLY C 362 22.64 37.94 -2.60
N PRO C 363 23.94 37.70 -2.84
CA PRO C 363 24.47 37.72 -4.21
C PRO C 363 24.13 36.44 -4.97
N LEU C 364 24.51 36.40 -6.24
CA LEU C 364 24.50 35.14 -7.00
C LEU C 364 25.70 34.30 -6.55
N ILE C 365 25.77 33.04 -7.00
CA ILE C 365 26.72 32.08 -6.45
C ILE C 365 28.18 32.46 -6.77
N SER C 366 28.42 33.05 -7.94
CA SER C 366 29.78 33.31 -8.41
C SER C 366 29.79 34.38 -9.48
N HIS C 367 30.97 34.96 -9.74
CA HIS C 367 31.12 35.93 -10.82
C HIS C 367 30.83 35.32 -12.18
N GLY C 368 31.22 34.06 -12.35
CA GLY C 368 30.96 33.35 -13.59
C GLY C 368 29.46 33.20 -13.81
N HIS C 369 28.71 32.91 -12.75
CA HIS C 369 27.27 32.78 -12.89
C HIS C 369 26.64 34.14 -13.14
N ARG C 370 27.15 35.18 -12.48
CA ARG C 370 26.64 36.52 -12.75
C ARG C 370 26.83 36.95 -14.21
N ASP C 371 27.94 36.53 -14.83
CA ASP C 371 28.19 36.90 -16.22
C ASP C 371 27.15 36.28 -17.15
N LYS C 372 26.75 35.05 -16.83
CA LYS C 372 25.70 34.37 -17.56
C LYS C 372 24.37 35.11 -17.39
N VAL C 373 24.00 35.39 -16.15
CA VAL C 373 22.74 36.05 -15.86
C VAL C 373 22.67 37.45 -16.50
N LEU C 374 23.78 38.19 -16.43
CA LEU C 374 23.85 39.50 -17.09
C LEU C 374 23.76 39.42 -18.61
N SER C 375 24.32 38.36 -19.20
CA SER C 375 24.21 38.18 -20.63
C SER C 375 22.74 37.99 -21.01
N TYR C 376 21.98 37.32 -20.15
CA TYR C 376 20.55 37.20 -20.36
C TYR C 376 19.83 38.54 -20.15
N TYR C 377 20.27 39.34 -19.17
CA TYR C 377 19.68 40.66 -18.96
C TYR C 377 19.82 41.53 -20.22
N ARG C 378 20.95 41.42 -20.91
CA ARG C 378 21.18 42.18 -22.14
C ARG C 378 20.36 41.60 -23.27
N LEU C 379 20.37 40.28 -23.38
CA LEU C 379 19.61 39.59 -24.40
C LEU C 379 18.13 39.98 -24.34
N ALA C 380 17.57 40.05 -23.13
CA ALA C 380 16.17 40.45 -22.96
C ALA C 380 15.90 41.82 -23.56
N VAL C 381 16.79 42.77 -23.29
CA VAL C 381 16.69 44.11 -23.86
C VAL C 381 16.74 44.04 -25.38
N ASP C 382 17.63 43.22 -25.91
CA ASP C 382 17.81 43.08 -27.36
C ASP C 382 16.60 42.48 -28.05
N GLU C 383 15.87 41.61 -27.35
CA GLU C 383 14.66 41.07 -27.97
C GLU C 383 13.40 41.91 -27.66
N GLY C 384 13.61 43.08 -27.09
CA GLY C 384 12.56 44.09 -27.02
C GLY C 384 11.81 44.22 -25.71
N ALA C 385 12.36 43.63 -24.66
CA ALA C 385 11.71 43.66 -23.36
C ALA C 385 11.59 45.07 -22.82
N THR C 386 10.51 45.31 -22.09
CA THR C 386 10.42 46.44 -21.20
C THR C 386 10.94 46.00 -19.84
N VAL C 387 11.91 46.74 -19.30
CA VAL C 387 12.42 46.46 -17.97
C VAL C 387 11.59 47.20 -16.94
N VAL C 388 10.74 46.46 -16.22
CA VAL C 388 9.84 47.05 -15.24
C VAL C 388 10.63 47.50 -14.01
N THR C 389 11.67 46.74 -13.69
CA THR C 389 12.58 47.08 -12.61
C THR C 389 13.84 46.21 -12.69
N GLY C 390 14.93 46.68 -12.09
CA GLY C 390 16.18 45.97 -12.14
C GLY C 390 16.87 46.08 -13.48
N GLY C 391 17.42 44.96 -13.95
CA GLY C 391 18.09 44.92 -15.24
C GLY C 391 19.60 45.11 -15.16
N GLY C 392 20.14 45.40 -13.98
CA GLY C 392 21.57 45.54 -13.83
C GLY C 392 22.14 45.01 -12.52
N VAL C 393 23.23 45.62 -12.07
CA VAL C 393 23.80 45.30 -10.77
C VAL C 393 23.71 46.52 -9.84
N PRO C 394 23.42 46.28 -8.55
CA PRO C 394 23.30 47.41 -7.62
C PRO C 394 24.67 48.01 -7.33
N LYS C 395 24.70 49.29 -7.01
CA LYS C 395 25.95 49.96 -6.66
C LYS C 395 25.98 50.13 -5.15
N PHE C 396 26.92 49.45 -4.50
CA PHE C 396 26.95 49.43 -3.04
C PHE C 396 27.96 50.42 -2.46
N ASN C 397 28.98 50.74 -3.26
CA ASN C 397 30.08 51.60 -2.79
C ASN C 397 30.78 51.04 -1.55
N ASP C 398 31.00 49.72 -1.55
CA ASP C 398 31.68 49.03 -0.47
C ASP C 398 32.17 47.68 -0.98
N GLU C 399 32.60 46.79 -0.08
CA GLU C 399 33.22 45.53 -0.48
C GLU C 399 32.30 44.64 -1.33
N ARG C 400 30.99 44.78 -1.12
CA ARG C 400 30.00 44.03 -1.90
C ARG C 400 30.11 44.27 -3.41
N ASP C 401 30.66 45.42 -3.82
CA ASP C 401 30.87 45.67 -5.24
C ASP C 401 31.88 44.71 -5.85
N GLN C 402 32.65 44.04 -5.00
CA GLN C 402 33.63 43.04 -5.44
C GLN C 402 33.01 41.64 -5.49
N GLY C 403 31.79 41.52 -4.96
CA GLY C 403 31.03 40.28 -4.97
C GLY C 403 30.28 40.05 -6.28
N ALA C 404 29.16 39.32 -6.20
CA ALA C 404 28.47 38.84 -7.40
C ALA C 404 26.97 39.13 -7.36
N TYR C 405 26.64 40.35 -6.95
CA TYR C 405 25.24 40.79 -6.87
C TYR C 405 24.65 41.18 -8.22
N VAL C 406 23.36 40.86 -8.39
CA VAL C 406 22.52 41.46 -9.45
C VAL C 406 21.22 41.96 -8.82
N GLN C 407 20.46 42.75 -9.58
CA GLN C 407 19.20 43.27 -9.08
C GLN C 407 18.08 42.30 -9.41
N PRO C 408 17.09 42.22 -8.52
CA PRO C 408 15.84 41.52 -8.88
C PRO C 408 15.22 42.26 -10.06
N THR C 409 14.82 41.50 -11.07
CA THR C 409 14.45 42.08 -12.37
C THR C 409 13.10 41.56 -12.86
N ILE C 410 12.31 42.44 -13.47
CA ILE C 410 11.03 42.08 -14.04
C ILE C 410 10.91 42.57 -15.49
N TRP C 411 10.53 41.66 -16.39
CA TRP C 411 10.31 42.00 -17.79
C TRP C 411 8.85 41.86 -18.18
N THR C 412 8.42 42.66 -19.15
CA THR C 412 7.19 42.45 -19.90
C THR C 412 7.52 42.68 -21.37
N GLY C 413 6.57 42.35 -22.25
CA GLY C 413 6.69 42.66 -23.67
C GLY C 413 7.33 41.64 -24.59
N LEU C 414 7.81 40.52 -24.02
CA LEU C 414 8.41 39.48 -24.85
C LEU C 414 7.33 38.52 -25.35
N SER C 415 7.58 37.91 -26.50
CA SER C 415 6.69 36.88 -27.01
C SER C 415 7.12 35.54 -26.45
N ASP C 416 6.27 34.53 -26.58
CA ASP C 416 6.53 33.21 -26.01
C ASP C 416 7.72 32.51 -26.66
N LYS C 417 8.16 33.04 -27.80
CA LYS C 417 9.28 32.41 -28.50
C LYS C 417 10.62 33.02 -28.14
N ALA C 418 10.61 34.16 -27.43
CA ALA C 418 11.84 34.81 -26.98
C ALA C 418 12.73 33.89 -26.14
N ARG C 419 14.04 33.94 -26.36
CA ARG C 419 14.97 33.05 -25.67
C ARG C 419 14.92 33.24 -24.15
N CYS C 420 14.66 34.48 -23.75
CA CYS C 420 14.62 34.82 -22.33
C CYS C 420 13.35 34.30 -21.65
N VAL C 421 12.42 33.84 -22.48
CA VAL C 421 11.16 33.31 -21.98
C VAL C 421 11.21 31.78 -22.04
N THR C 422 12.21 31.24 -22.73
CA THR C 422 12.26 29.80 -22.93
C THR C 422 13.45 29.10 -22.31
N GLU C 423 14.56 29.82 -22.15
CA GLU C 423 15.77 29.21 -21.59
C GLU C 423 15.94 29.58 -20.12
N GLU C 424 16.38 28.60 -19.34
CA GLU C 424 16.57 28.77 -17.91
C GLU C 424 17.71 29.75 -17.63
N ILE C 425 17.41 30.79 -16.84
CA ILE C 425 18.38 31.83 -16.56
C ILE C 425 19.04 31.58 -15.21
N PHE C 426 18.23 31.17 -14.23
CA PHE C 426 18.69 30.83 -12.90
C PHE C 426 19.18 32.07 -12.16
N GLY C 427 18.50 33.19 -12.40
CA GLY C 427 18.73 34.43 -11.68
C GLY C 427 17.45 35.04 -11.15
N PRO C 428 17.54 36.19 -10.45
CA PRO C 428 16.34 36.74 -9.80
C PRO C 428 15.51 37.52 -10.80
N VAL C 429 14.77 36.80 -11.63
CA VAL C 429 14.11 37.43 -12.73
C VAL C 429 12.82 36.70 -13.11
N CYS C 430 11.84 37.48 -13.53
CA CYS C 430 10.65 36.91 -14.14
C CYS C 430 10.07 37.82 -15.19
N HIS C 431 9.54 37.19 -16.23
CA HIS C 431 8.78 37.87 -17.25
C HIS C 431 7.30 37.66 -16.94
N ILE C 432 6.51 38.70 -17.16
CA ILE C 432 5.09 38.62 -16.91
C ILE C 432 4.35 38.90 -18.21
N SER C 433 3.46 37.98 -18.57
CA SER C 433 2.67 38.12 -19.77
C SER C 433 1.18 38.00 -19.43
N PRO C 434 0.32 38.75 -20.14
CA PRO C 434 -1.12 38.60 -19.90
C PRO C 434 -1.69 37.36 -20.63
N PHE C 435 -2.85 36.87 -20.19
CA PHE C 435 -3.56 35.83 -20.93
C PHE C 435 -5.06 36.06 -20.87
N ASP C 436 -5.80 35.46 -21.80
CA ASP C 436 -7.24 35.66 -21.87
C ASP C 436 -8.04 34.43 -21.45
N ASP C 437 -7.67 33.26 -21.98
CA ASP C 437 -8.45 32.04 -21.76
C ASP C 437 -7.71 30.99 -20.95
N GLU C 438 -8.48 30.20 -20.20
CA GLU C 438 -7.94 29.09 -19.45
C GLU C 438 -7.21 28.06 -20.32
N ASP C 439 -7.83 27.63 -21.42
CA ASP C 439 -7.18 26.63 -22.26
C ASP C 439 -5.93 27.21 -22.93
N GLU C 440 -5.98 28.49 -23.26
CA GLU C 440 -4.85 29.20 -23.86
C GLU C 440 -3.65 29.16 -22.92
N VAL C 441 -3.86 29.53 -21.67
CA VAL C 441 -2.74 29.63 -20.74
C VAL C 441 -2.14 28.24 -20.39
N ILE C 442 -3.01 27.23 -20.32
CA ILE C 442 -2.54 25.85 -20.14
C ILE C 442 -1.62 25.40 -21.29
N ASN C 443 -2.01 25.68 -22.54
CA ASN C 443 -1.12 25.39 -23.67
C ASN C 443 0.20 26.14 -23.61
N ARG C 444 0.15 27.38 -23.17
CA ARG C 444 1.37 28.19 -23.08
C ARG C 444 2.32 27.72 -21.96
N VAL C 445 1.77 27.35 -20.82
CA VAL C 445 2.58 26.71 -19.77
C VAL C 445 3.21 25.40 -20.26
N ASN C 446 2.45 24.59 -20.99
CA ASN C 446 2.95 23.28 -21.44
C ASN C 446 3.89 23.34 -22.65
N ASP C 447 3.92 24.50 -23.32
CA ASP C 447 4.76 24.70 -24.50
C ASP C 447 6.23 24.91 -24.12
N SER C 448 6.87 23.84 -23.68
CA SER C 448 8.17 23.90 -23.05
C SER C 448 8.86 22.55 -23.13
N ASN C 449 10.18 22.55 -23.31
CA ASN C 449 10.93 21.29 -23.30
C ASN C 449 11.11 20.80 -21.88
N TYR C 450 10.85 21.69 -20.93
CA TYR C 450 10.95 21.38 -19.51
C TYR C 450 9.57 21.12 -18.94
N GLY C 451 9.55 20.60 -17.72
CA GLY C 451 8.32 20.47 -16.97
C GLY C 451 8.61 20.05 -15.55
N LEU C 452 9.18 20.95 -14.75
CA LEU C 452 9.49 20.63 -13.35
C LEU C 452 8.30 20.95 -12.44
N ALA C 453 7.95 22.23 -12.41
CA ALA C 453 6.94 22.71 -11.48
C ALA C 453 6.14 23.89 -12.02
N CYS C 454 4.96 24.09 -11.45
CA CYS C 454 4.11 25.21 -11.80
C CYS C 454 3.32 25.64 -10.57
N ALA C 455 3.06 26.93 -10.46
CA ALA C 455 2.23 27.43 -9.38
C ALA C 455 1.00 28.12 -9.96
N ILE C 456 -0.13 27.92 -9.34
CA ILE C 456 -1.36 28.46 -9.88
C ILE C 456 -2.11 29.19 -8.78
N TRP C 457 -2.61 30.39 -9.09
CA TRP C 457 -3.38 31.17 -8.12
C TRP C 457 -4.85 31.33 -8.52
N THR C 458 -5.74 30.71 -7.73
CA THR C 458 -7.17 30.79 -7.95
C THR C 458 -7.93 30.45 -6.68
N THR C 459 -9.09 31.06 -6.47
CA THR C 459 -9.94 30.70 -5.34
C THR C 459 -11.08 29.77 -5.74
N ASN C 460 -11.20 29.48 -7.03
CA ASN C 460 -12.29 28.65 -7.53
C ASN C 460 -11.97 27.15 -7.38
N LEU C 461 -12.87 26.42 -6.72
CA LEU C 461 -12.68 24.99 -6.45
C LEU C 461 -12.46 24.10 -7.71
N SER C 462 -13.40 24.18 -8.65
CA SER C 462 -13.32 23.42 -9.90
C SER C 462 -12.07 23.76 -10.69
N ARG C 463 -11.85 25.05 -10.89
CA ARG C 463 -10.69 25.48 -11.65
C ARG C 463 -9.37 24.95 -11.07
N ALA C 464 -9.26 24.92 -9.75
CA ALA C 464 -8.02 24.53 -9.13
C ALA C 464 -7.68 23.09 -9.55
N HIS C 465 -8.63 22.19 -9.39
CA HIS C 465 -8.41 20.79 -9.68
C HIS C 465 -8.40 20.51 -11.19
N ARG C 466 -9.24 21.24 -11.92
CA ARG C 466 -9.38 21.03 -13.35
C ARG C 466 -8.11 21.47 -14.10
N VAL C 467 -7.62 22.65 -13.77
CA VAL C 467 -6.37 23.15 -14.36
C VAL C 467 -5.10 22.40 -13.91
N SER C 468 -5.00 22.10 -12.62
CA SER C 468 -3.79 21.48 -12.07
C SER C 468 -3.43 20.18 -12.77
N ARG C 469 -4.44 19.36 -13.03
CA ARG C 469 -4.22 18.04 -13.62
C ARG C 469 -3.80 18.16 -15.08
N GLN C 470 -3.96 19.34 -15.67
CA GLN C 470 -3.62 19.53 -17.09
C GLN C 470 -2.21 20.10 -17.31
N ILE C 471 -1.54 20.51 -16.24
CA ILE C 471 -0.20 21.08 -16.39
C ILE C 471 0.79 19.93 -16.41
N HIS C 472 1.59 19.86 -17.46
CA HIS C 472 2.50 18.73 -17.65
C HIS C 472 3.83 18.96 -16.93
N VAL C 473 3.79 18.88 -15.59
CA VAL C 473 4.98 19.06 -14.77
C VAL C 473 4.94 18.00 -13.67
N GLY C 474 6.02 17.90 -12.88
CA GLY C 474 6.05 16.97 -11.77
C GLY C 474 5.31 17.45 -10.52
N LEU C 475 5.29 18.76 -10.34
CA LEU C 475 4.76 19.39 -9.14
C LEU C 475 3.93 20.65 -9.46
N VAL C 476 2.67 20.65 -9.05
CA VAL C 476 1.84 21.85 -9.12
C VAL C 476 1.54 22.35 -7.70
N TRP C 477 1.74 23.64 -7.44
CA TRP C 477 1.25 24.25 -6.20
C TRP C 477 0.06 25.15 -6.51
N VAL C 478 -0.97 25.09 -5.67
CA VAL C 478 -2.10 25.99 -5.83
C VAL C 478 -2.12 26.93 -4.64
N ASN C 479 -2.06 28.23 -4.90
CA ASN C 479 -2.03 29.27 -3.85
C ASN C 479 -0.87 29.15 -2.87
N THR C 480 0.26 28.67 -3.37
CA THR C 480 1.48 28.61 -2.59
C THR C 480 2.60 28.27 -3.54
N TRP C 481 3.80 28.11 -2.99
CA TRP C 481 4.96 27.70 -3.78
C TRP C 481 5.99 27.03 -2.90
N TYR C 482 6.63 25.99 -3.42
CA TYR C 482 7.66 25.27 -2.70
C TYR C 482 7.26 24.89 -1.26
N LEU C 483 6.03 24.40 -1.11
CA LEU C 483 5.59 23.81 0.16
C LEU C 483 5.89 22.32 0.04
N ARG C 484 6.66 21.77 0.97
CA ARG C 484 7.17 20.41 0.79
C ARG C 484 6.71 19.38 1.83
N ASP C 485 6.11 18.29 1.36
CA ASP C 485 5.87 17.12 2.20
C ASP C 485 6.86 16.07 1.69
N LEU C 486 7.77 15.64 2.55
CA LEU C 486 8.87 14.79 2.11
C LEU C 486 8.42 13.40 1.61
N ARG C 487 7.16 13.04 1.88
CA ARG C 487 6.59 11.77 1.44
C ARG C 487 6.17 11.78 -0.03
N THR C 488 5.97 12.96 -0.61
CA THR C 488 5.42 13.00 -1.97
C THR C 488 6.48 12.69 -3.04
N PRO C 489 6.05 12.21 -4.21
CA PRO C 489 7.02 12.07 -5.32
C PRO C 489 7.54 13.45 -5.73
N PHE C 490 8.83 13.51 -6.03
CA PHE C 490 9.48 14.77 -6.36
C PHE C 490 10.38 14.61 -7.59
N GLY C 491 10.12 15.41 -8.61
CA GLY C 491 10.90 15.40 -9.82
C GLY C 491 10.19 16.08 -10.96
N GLY C 492 10.74 15.95 -12.16
CA GLY C 492 10.16 16.58 -13.34
C GLY C 492 9.89 15.62 -14.48
N VAL C 493 9.11 16.08 -15.45
CA VAL C 493 8.93 15.34 -16.70
C VAL C 493 9.80 15.97 -17.80
N LYS C 494 9.78 15.33 -18.97
CA LYS C 494 10.50 15.82 -20.14
C LYS C 494 11.99 16.04 -19.81
N LEU C 495 12.55 17.19 -20.20
CA LEU C 495 13.97 17.44 -19.91
C LEU C 495 14.29 17.74 -18.44
N SER C 496 13.25 17.92 -17.62
CA SER C 496 13.42 18.32 -16.23
C SER C 496 13.78 17.18 -15.28
N GLY C 497 13.81 15.96 -15.79
CA GLY C 497 14.13 14.86 -14.92
C GLY C 497 14.05 13.46 -15.49
N LEU C 498 14.33 12.50 -14.61
CA LEU C 498 14.29 11.10 -14.93
C LEU C 498 14.05 10.38 -13.60
N GLY C 499 12.91 9.71 -13.47
CA GLY C 499 12.54 9.06 -12.21
C GLY C 499 11.93 10.00 -11.20
N ARG C 500 11.57 9.46 -10.04
CA ARG C 500 11.06 10.26 -8.92
C ARG C 500 11.78 9.91 -7.64
N GLU C 501 11.90 10.91 -6.76
CA GLU C 501 12.43 10.68 -5.42
C GLU C 501 11.43 11.17 -4.38
N GLY C 502 11.74 10.94 -3.10
CA GLY C 502 10.83 11.26 -2.02
C GLY C 502 9.93 10.08 -1.66
N GLY C 503 9.62 9.93 -0.38
CA GLY C 503 8.79 8.84 0.11
C GLY C 503 9.20 7.45 -0.36
N ARG C 504 8.21 6.65 -0.73
CA ARG C 504 8.44 5.31 -1.25
C ARG C 504 9.19 5.32 -2.59
N PHE C 505 9.18 6.45 -3.28
CA PHE C 505 9.92 6.57 -4.53
C PHE C 505 11.43 6.55 -4.29
N SER C 506 11.87 7.27 -3.26
CA SER C 506 13.25 7.12 -2.82
C SER C 506 13.53 5.69 -2.35
N MET C 507 12.64 5.15 -1.50
CA MET C 507 12.85 3.81 -0.96
C MET C 507 13.01 2.78 -2.08
N ASP C 508 12.25 2.96 -3.16
CA ASP C 508 12.36 2.11 -4.34
C ASP C 508 13.69 2.28 -5.07
N PHE C 509 14.06 3.53 -5.36
CA PHE C 509 15.29 3.79 -6.11
C PHE C 509 16.55 3.37 -5.36
N TYR C 510 16.61 3.64 -4.06
CA TYR C 510 17.82 3.31 -3.32
C TYR C 510 17.86 1.85 -2.84
N SER C 511 16.81 1.09 -3.17
CA SER C 511 16.78 -0.32 -2.77
C SER C 511 16.80 -1.25 -3.95
N ASP C 512 17.41 -2.41 -3.74
CA ASP C 512 17.22 -3.53 -4.65
C ASP C 512 16.04 -4.34 -4.09
N ILE C 513 14.92 -4.34 -4.82
CA ILE C 513 13.75 -5.14 -4.45
C ILE C 513 13.87 -6.49 -5.16
N ALA C 514 14.10 -7.55 -4.40
CA ALA C 514 14.33 -8.88 -4.96
C ALA C 514 13.13 -9.80 -4.73
N ASN C 515 12.81 -10.62 -5.74
CA ASN C 515 11.73 -11.61 -5.60
C ASN C 515 12.25 -13.03 -5.27
N ILE C 516 11.66 -13.66 -4.27
CA ILE C 516 11.94 -15.04 -3.95
C ILE C 516 10.65 -15.86 -4.10
N CYS C 517 10.74 -16.95 -4.86
CA CYS C 517 9.58 -17.80 -5.09
C CYS C 517 9.76 -19.21 -4.49
N ILE C 518 8.95 -19.54 -3.50
CA ILE C 518 8.99 -20.87 -2.88
C ILE C 518 7.89 -21.77 -3.45
N LYS C 519 8.28 -22.84 -4.14
CA LYS C 519 7.31 -23.86 -4.56
C LYS C 519 7.02 -24.75 -3.35
N ILE C 520 5.75 -24.90 -3.01
CA ILE C 520 5.37 -25.70 -1.83
C ILE C 520 5.13 -27.17 -2.17
N SER D 38 2.75 2.94 48.71
CA SER D 38 1.75 2.44 49.63
C SER D 38 0.32 2.86 49.24
N GLN D 39 0.18 3.88 48.40
CA GLN D 39 -1.13 4.25 47.85
C GLN D 39 -1.07 4.68 46.37
N LEU D 40 -1.96 4.12 45.56
CA LEU D 40 -2.02 4.41 44.13
C LEU D 40 -3.26 5.22 43.77
N LEU D 41 -3.03 6.38 43.16
CA LEU D 41 -4.11 7.30 42.80
C LEU D 41 -4.56 7.21 41.34
N ASN D 42 -5.79 7.66 41.09
CA ASN D 42 -6.28 7.87 39.73
C ASN D 42 -5.64 9.10 39.11
N TYR D 43 -5.64 9.18 37.79
CA TYR D 43 -5.12 10.35 37.12
C TYR D 43 -6.17 10.88 36.15
N ILE D 44 -6.82 11.96 36.55
CA ILE D 44 -7.99 12.50 35.84
C ILE D 44 -7.84 13.99 35.55
N ASP D 45 -7.96 14.35 34.27
CA ASP D 45 -7.88 15.76 33.84
C ASP D 45 -6.64 16.49 34.39
N GLY D 46 -5.48 15.85 34.30
CA GLY D 46 -4.23 16.44 34.75
C GLY D 46 -3.90 16.32 36.23
N ASN D 47 -4.83 15.77 37.02
CA ASN D 47 -4.64 15.67 38.47
C ASN D 47 -4.62 14.23 39.01
N PHE D 48 -3.71 13.96 39.93
CA PHE D 48 -3.80 12.73 40.70
C PHE D 48 -4.85 12.89 41.78
N VAL D 49 -5.79 11.94 41.83
CA VAL D 49 -6.94 12.04 42.73
C VAL D 49 -7.22 10.74 43.47
N THR D 50 -7.66 10.89 44.73
CA THR D 50 -8.05 9.75 45.54
C THR D 50 -9.52 9.42 45.26
N SER D 51 -10.05 8.44 45.98
CA SER D 51 -11.43 8.02 45.83
C SER D 51 -12.05 7.74 47.20
N ALA D 52 -13.36 7.54 47.22
CA ALA D 52 -14.07 7.19 48.44
C ALA D 52 -13.66 5.81 48.97
N SER D 53 -13.33 4.88 48.07
CA SER D 53 -12.91 3.55 48.50
C SER D 53 -11.55 3.15 47.94
N SER D 54 -10.92 2.19 48.59
CA SER D 54 -9.66 1.63 48.12
C SER D 54 -9.63 0.13 48.31
N PHE D 55 -8.78 -0.54 47.52
CA PHE D 55 -8.64 -1.99 47.62
C PHE D 55 -7.18 -2.34 47.69
N ALA D 56 -6.91 -3.52 48.23
CA ALA D 56 -5.55 -4.01 48.45
C ALA D 56 -4.85 -4.47 47.18
N ASN D 57 -3.58 -4.11 47.07
CA ASN D 57 -2.68 -4.56 46.02
C ASN D 57 -1.68 -5.50 46.70
N ILE D 58 -1.79 -6.81 46.42
CA ILE D 58 -1.04 -7.84 47.17
C ILE D 58 0.13 -8.50 46.44
N ASN D 59 1.34 -8.38 46.96
CA ASN D 59 2.49 -9.10 46.39
C ASN D 59 2.26 -10.62 46.42
N PRO D 60 2.24 -11.26 45.23
CA PRO D 60 2.00 -12.72 45.22
C PRO D 60 3.22 -13.54 45.60
N VAL D 61 4.37 -12.91 45.78
CA VAL D 61 5.54 -13.64 46.24
C VAL D 61 5.33 -14.11 47.69
N ASN D 62 4.62 -13.32 48.48
CA ASN D 62 4.56 -13.57 49.92
C ASN D 62 3.27 -13.14 50.58
N GLY D 63 2.24 -12.83 49.78
CA GLY D 63 0.95 -12.44 50.30
C GLY D 63 0.89 -11.11 51.05
N LYS D 64 1.99 -10.35 51.02
CA LYS D 64 2.05 -9.05 51.72
C LYS D 64 1.40 -7.92 50.93
N LEU D 65 0.82 -6.97 51.66
CA LEU D 65 0.23 -5.76 51.08
C LEU D 65 1.31 -4.83 50.52
N ILE D 66 1.21 -4.54 49.22
CA ILE D 66 2.12 -3.60 48.56
C ILE D 66 1.59 -2.18 48.70
N SER D 67 0.29 -2.04 48.46
CA SER D 67 -0.32 -0.71 48.46
C SER D 67 -1.84 -0.78 48.49
N ASP D 68 -2.46 0.33 48.83
CA ASP D 68 -3.89 0.47 48.67
C ASP D 68 -4.20 1.28 47.41
N VAL D 69 -5.25 0.87 46.70
CA VAL D 69 -5.54 1.44 45.39
C VAL D 69 -6.90 2.12 45.41
N PHE D 70 -6.92 3.41 45.14
CA PHE D 70 -8.19 4.12 45.11
C PHE D 70 -9.06 3.73 43.92
N GLU D 71 -10.25 3.23 44.20
CA GLU D 71 -11.17 2.78 43.16
C GLU D 71 -12.02 3.94 42.62
N ALA D 72 -11.89 4.23 41.33
CA ALA D 72 -12.72 5.27 40.71
C ALA D 72 -14.18 4.83 40.72
N ASP D 73 -15.07 5.75 41.11
CA ASP D 73 -16.51 5.49 41.01
C ASP D 73 -17.09 6.08 39.71
N ALA D 74 -18.38 5.85 39.49
CA ALA D 74 -19.05 6.26 38.25
C ALA D 74 -18.87 7.75 37.96
N LYS D 75 -18.96 8.58 39.00
CA LYS D 75 -18.78 10.01 38.85
C LYS D 75 -17.38 10.35 38.34
N GLN D 76 -16.40 9.63 38.85
CA GLN D 76 -15.02 9.88 38.47
C GLN D 76 -14.74 9.38 37.04
N VAL D 77 -15.35 8.26 36.68
CA VAL D 77 -15.28 7.76 35.30
C VAL D 77 -15.86 8.77 34.31
N ASN D 78 -17.08 9.23 34.57
CA ASN D 78 -17.67 10.30 33.78
C ASN D 78 -16.72 11.50 33.69
N GLU D 79 -16.15 11.88 34.82
CA GLU D 79 -15.28 13.05 34.85
C GLU D 79 -14.09 12.82 33.92
N ALA D 80 -13.59 11.58 33.91
CA ALA D 80 -12.48 11.22 33.05
C ALA D 80 -12.85 11.31 31.57
N VAL D 81 -14.00 10.72 31.21
CA VAL D 81 -14.47 10.72 29.84
C VAL D 81 -14.76 12.14 29.34
N VAL D 82 -15.51 12.91 30.11
CA VAL D 82 -15.77 14.30 29.77
C VAL D 82 -14.46 15.10 29.59
N ALA D 83 -13.49 14.87 30.46
CA ALA D 83 -12.20 15.53 30.33
C ALA D 83 -11.49 15.13 29.01
N ALA D 84 -11.61 13.85 28.64
CA ALA D 84 -10.99 13.37 27.40
C ALA D 84 -11.67 13.97 26.17
N GLN D 85 -13.00 14.06 26.21
CA GLN D 85 -13.75 14.71 25.14
C GLN D 85 -13.28 16.15 24.95
N ASN D 86 -13.11 16.85 26.07
CA ASN D 86 -12.71 18.25 26.02
C ASN D 86 -11.27 18.44 25.58
N ALA D 87 -10.42 17.47 25.92
CA ALA D 87 -9.02 17.53 25.54
C ALA D 87 -8.85 17.46 24.02
N LEU D 88 -9.81 16.85 23.35
CA LEU D 88 -9.80 16.75 21.88
C LEU D 88 -9.91 18.12 21.20
N LYS D 89 -10.59 19.06 21.87
CA LYS D 89 -10.79 20.41 21.35
C LYS D 89 -9.71 21.36 21.83
N GLY D 90 -8.76 20.83 22.60
CA GLY D 90 -7.74 21.67 23.19
C GLY D 90 -6.45 21.62 22.42
N PRO D 91 -5.34 22.03 23.06
CA PRO D 91 -4.00 22.03 22.47
C PRO D 91 -3.57 20.68 21.87
N TRP D 92 -4.02 19.57 22.44
CA TRP D 92 -3.69 18.24 21.90
C TRP D 92 -4.23 18.09 20.48
N GLY D 93 -5.45 18.57 20.27
CA GLY D 93 -6.07 18.55 18.95
C GLY D 93 -5.40 19.43 17.90
N LYS D 94 -4.58 20.37 18.34
CA LYS D 94 -3.96 21.31 17.40
C LYS D 94 -2.54 20.92 17.04
N LEU D 95 -1.96 19.95 17.76
CA LEU D 95 -0.61 19.51 17.45
C LEU D 95 -0.57 18.95 16.03
N SER D 96 0.49 19.27 15.30
CA SER D 96 0.76 18.61 14.04
C SER D 96 1.14 17.15 14.34
N VAL D 97 1.09 16.30 13.32
CA VAL D 97 1.47 14.91 13.49
C VAL D 97 2.95 14.77 13.90
N GLN D 98 3.82 15.61 13.35
CA GLN D 98 5.23 15.60 13.74
C GLN D 98 5.43 15.96 15.21
N ASP D 99 4.66 16.93 15.70
CA ASP D 99 4.77 17.38 17.08
C ASP D 99 4.15 16.39 18.06
N ARG D 100 3.02 15.81 17.66
CA ARG D 100 2.39 14.76 18.45
C ARG D 100 3.36 13.58 18.59
N ALA D 101 4.00 13.23 17.48
CA ALA D 101 4.92 12.12 17.46
C ALA D 101 6.14 12.37 18.34
N ALA D 102 6.63 13.63 18.33
CA ALA D 102 7.76 14.00 19.15
C ALA D 102 7.39 13.86 20.61
N LEU D 103 6.19 14.31 20.95
CA LEU D 103 5.71 14.24 22.32
C LEU D 103 5.58 12.79 22.79
N ILE D 104 5.05 11.93 21.93
CA ILE D 104 4.98 10.50 22.24
C ILE D 104 6.36 9.91 22.44
N HIS D 105 7.33 10.36 21.64
CA HIS D 105 8.71 9.93 21.84
C HIS D 105 9.26 10.38 23.20
N LYS D 106 8.75 11.52 23.68
CA LYS D 106 9.09 12.01 25.01
C LYS D 106 8.49 11.15 26.13
N ILE D 107 7.32 10.56 25.89
CA ILE D 107 6.76 9.60 26.83
C ILE D 107 7.67 8.38 26.93
N ALA D 108 8.09 7.87 25.78
CA ALA D 108 9.00 6.74 25.72
C ALA D 108 10.31 7.06 26.43
N ASP D 109 10.84 8.26 26.21
CA ASP D 109 12.05 8.72 26.86
C ASP D 109 11.85 8.75 28.36
N GLY D 110 10.69 9.22 28.79
CA GLY D 110 10.39 9.32 30.20
C GLY D 110 10.37 7.96 30.90
N ILE D 111 9.87 6.95 30.20
CA ILE D 111 9.90 5.60 30.75
C ILE D 111 11.32 5.07 30.86
N GLN D 112 12.10 5.28 29.80
CA GLN D 112 13.50 4.87 29.78
C GLN D 112 14.28 5.53 30.93
N ALA D 113 13.99 6.81 31.18
CA ALA D 113 14.66 7.55 32.23
C ALA D 113 14.35 6.97 33.60
N ARG D 114 13.23 6.28 33.72
CA ARG D 114 12.87 5.67 35.00
C ARG D 114 12.80 4.15 34.87
N PHE D 115 13.64 3.59 34.00
CA PHE D 115 13.56 2.18 33.64
C PHE D 115 13.48 1.23 34.85
N GLU D 116 14.38 1.38 35.81
CA GLU D 116 14.43 0.46 36.94
C GLU D 116 13.24 0.60 37.91
N GLU D 117 12.70 1.81 38.04
CA GLU D 117 11.46 1.98 38.80
C GLU D 117 10.30 1.21 38.19
N PHE D 118 10.26 1.18 36.85
CA PHE D 118 9.19 0.47 36.16
C PHE D 118 9.35 -1.03 36.35
N VAL D 119 10.58 -1.50 36.25
CA VAL D 119 10.88 -2.91 36.47
C VAL D 119 10.40 -3.35 37.86
N ALA D 120 10.80 -2.61 38.90
CA ALA D 120 10.41 -2.90 40.27
C ALA D 120 8.89 -2.90 40.44
N ALA D 121 8.22 -1.95 39.80
CA ALA D 121 6.77 -1.86 39.89
C ALA D 121 6.06 -3.08 39.31
N GLU D 122 6.44 -3.46 38.09
CA GLU D 122 5.89 -4.66 37.45
C GLU D 122 6.15 -5.92 38.28
N VAL D 123 7.40 -6.04 38.75
CA VAL D 123 7.84 -7.20 39.54
C VAL D 123 7.03 -7.35 40.83
N ALA D 124 6.89 -6.25 41.57
CA ALA D 124 6.18 -6.26 42.84
C ALA D 124 4.73 -6.71 42.68
N ASP D 125 4.04 -6.18 41.68
CA ASP D 125 2.63 -6.49 41.47
C ASP D 125 2.43 -7.96 41.09
N THR D 126 3.37 -8.54 40.36
CA THR D 126 3.07 -9.79 39.70
C THR D 126 3.94 -10.97 40.09
N GLY D 127 5.10 -10.70 40.67
CA GLY D 127 6.04 -11.75 41.01
C GLY D 127 6.88 -12.21 39.84
N ARG D 128 6.78 -11.53 38.69
CA ARG D 128 7.54 -11.99 37.52
C ARG D 128 9.04 -11.82 37.76
N PRO D 129 9.87 -12.70 37.19
CA PRO D 129 11.33 -12.59 37.28
C PRO D 129 11.87 -11.25 36.81
N VAL D 130 12.81 -10.69 37.56
CA VAL D 130 13.36 -9.37 37.28
C VAL D 130 13.93 -9.31 35.88
N HIS D 131 14.60 -10.40 35.49
CA HIS D 131 15.18 -10.46 34.15
C HIS D 131 14.12 -10.35 33.03
N GLN D 132 12.96 -10.97 33.23
CA GLN D 132 11.90 -10.91 32.22
C GLN D 132 11.35 -9.49 32.12
N ALA D 133 11.15 -8.85 33.28
CA ALA D 133 10.68 -7.47 33.30
C ALA D 133 11.67 -6.56 32.60
N ARG D 134 12.96 -6.83 32.77
CA ARG D 134 14.00 -6.02 32.16
C ARG D 134 14.17 -6.24 30.68
N THR D 135 13.84 -7.44 30.19
CA THR D 135 14.15 -7.75 28.80
C THR D 135 12.88 -7.76 27.93
N LEU D 136 11.76 -8.16 28.52
CA LEU D 136 10.51 -8.24 27.79
C LEU D 136 9.55 -7.11 28.12
N ASP D 137 9.12 -7.02 29.38
CA ASP D 137 7.98 -6.18 29.73
C ASP D 137 8.20 -4.69 29.52
N ILE D 138 9.23 -4.15 30.16
CA ILE D 138 9.49 -2.73 30.09
C ILE D 138 10.01 -2.26 28.74
N PRO D 139 11.00 -2.96 28.15
CA PRO D 139 11.43 -2.46 26.84
C PRO D 139 10.31 -2.54 25.76
N ARG D 140 9.42 -3.52 25.84
CA ARG D 140 8.30 -3.57 24.90
C ARG D 140 7.35 -2.37 25.04
N ALA D 141 7.22 -1.85 26.26
CA ALA D 141 6.32 -0.72 26.49
C ALA D 141 6.92 0.55 25.88
N ILE D 142 8.23 0.68 25.99
CA ILE D 142 8.94 1.79 25.38
C ILE D 142 8.87 1.68 23.84
N ALA D 143 9.02 0.45 23.34
CA ALA D 143 8.93 0.19 21.90
C ALA D 143 7.52 0.42 21.33
N ASN D 144 6.49 0.15 22.13
CA ASN D 144 5.12 0.37 21.71
C ASN D 144 4.91 1.83 21.39
N PHE D 145 5.39 2.72 22.25
CA PHE D 145 5.23 4.14 22.00
C PHE D 145 6.03 4.57 20.78
N ARG D 146 7.28 4.12 20.67
CA ARG D 146 8.15 4.58 19.60
C ARG D 146 7.68 4.09 18.23
N THR D 147 7.15 2.88 18.18
CA THR D 147 6.70 2.31 16.93
C THR D 147 5.46 3.00 16.38
N PHE D 148 4.49 3.27 17.24
CA PHE D 148 3.30 3.95 16.75
C PHE D 148 3.53 5.43 16.49
N ALA D 149 4.44 6.05 17.24
CA ALA D 149 4.84 7.40 16.89
C ALA D 149 5.43 7.47 15.49
N ASP D 150 6.27 6.48 15.16
CA ASP D 150 6.89 6.41 13.84
C ASP D 150 5.86 6.12 12.73
N LEU D 151 4.94 5.19 13.00
CA LEU D 151 3.85 4.88 12.07
C LEU D 151 2.95 6.09 11.82
N ALA D 152 2.58 6.78 12.89
CA ALA D 152 1.75 7.98 12.76
C ALA D 152 2.38 8.99 11.81
N LYS D 153 3.70 9.14 11.91
CA LYS D 153 4.45 10.09 11.11
C LYS D 153 4.52 9.76 9.62
N THR D 154 4.56 8.47 9.28
CA THR D 154 4.78 8.07 7.90
C THR D 154 3.49 7.63 7.18
N SER D 155 2.41 7.50 7.93
CA SER D 155 1.17 6.99 7.36
C SER D 155 0.51 8.03 6.47
N HIS D 156 -0.13 7.58 5.42
CA HIS D 156 -0.87 8.51 4.57
C HIS D 156 -2.14 7.82 4.14
N THR D 157 -2.93 8.48 3.31
CA THR D 157 -4.21 7.93 2.88
C THR D 157 -4.28 7.88 1.35
N ASP D 158 -5.50 7.84 0.80
CA ASP D 158 -5.70 7.44 -0.59
C ASP D 158 -6.37 8.50 -1.49
N LEU D 159 -6.01 8.47 -2.77
CA LEU D 159 -6.64 9.31 -3.79
C LEU D 159 -7.24 8.43 -4.91
N PHE D 160 -8.53 8.59 -5.14
CA PHE D 160 -9.24 7.87 -6.20
C PHE D 160 -9.80 8.85 -7.23
N GLU D 161 -9.41 8.68 -8.50
CA GLU D 161 -9.96 9.54 -9.54
C GLU D 161 -11.06 8.77 -10.25
N MET D 162 -12.08 9.49 -10.72
CA MET D 162 -13.18 8.86 -11.44
C MET D 162 -13.76 9.77 -12.51
N SER D 163 -14.32 9.15 -13.55
CA SER D 163 -14.99 9.88 -14.62
C SER D 163 -16.44 10.09 -14.23
N THR D 164 -17.06 11.11 -14.79
CA THR D 164 -18.48 11.36 -14.58
C THR D 164 -19.20 11.60 -15.91
N SER D 165 -20.52 11.51 -15.90
CA SER D 165 -21.38 11.77 -17.07
C SER D 165 -21.01 13.02 -17.87
N ASP D 166 -20.76 14.12 -17.16
CA ASP D 166 -20.51 15.39 -17.83
C ASP D 166 -19.08 15.55 -18.35
N GLY D 167 -18.26 14.53 -18.13
CA GLY D 167 -16.88 14.56 -18.60
C GLY D 167 -15.89 15.38 -17.77
N SER D 168 -16.34 15.96 -16.67
CA SER D 168 -15.45 16.77 -15.82
C SER D 168 -14.71 15.97 -14.74
N GLY D 169 -15.26 14.82 -14.39
CA GLY D 169 -14.65 13.95 -13.39
C GLY D 169 -14.93 14.37 -11.95
N ALA D 170 -14.43 13.55 -11.02
CA ALA D 170 -14.52 13.83 -9.60
C ALA D 170 -13.29 13.23 -8.92
N LEU D 171 -13.00 13.72 -7.72
CA LEU D 171 -11.92 13.19 -6.89
C LEU D 171 -12.47 12.70 -5.56
N ASN D 172 -12.07 11.50 -5.16
CA ASN D 172 -12.32 11.01 -3.81
C ASN D 172 -11.01 10.89 -3.07
N TYR D 173 -10.93 11.48 -1.89
CA TYR D 173 -9.76 11.25 -1.05
C TYR D 173 -10.13 10.93 0.37
N THR D 174 -9.23 10.23 1.06
CA THR D 174 -9.54 9.87 2.41
C THR D 174 -8.63 10.63 3.35
N VAL D 175 -9.12 10.91 4.55
CA VAL D 175 -8.30 11.53 5.58
C VAL D 175 -8.41 10.71 6.86
N ARG D 176 -7.41 10.88 7.73
CA ARG D 176 -7.30 10.12 8.97
C ARG D 176 -7.61 11.05 10.13
N LYS D 177 -8.70 10.77 10.82
CA LYS D 177 -9.08 11.60 11.96
C LYS D 177 -9.02 10.74 13.21
N PRO D 178 -8.78 11.38 14.37
CA PRO D 178 -8.94 10.61 15.60
C PRO D 178 -10.36 10.09 15.69
N LEU D 179 -10.50 8.88 16.19
CA LEU D 179 -11.81 8.30 16.48
C LEU D 179 -12.53 9.09 17.57
N GLY D 180 -11.78 9.56 18.57
CA GLY D 180 -12.35 10.29 19.68
C GLY D 180 -11.77 9.83 21.01
N VAL D 181 -12.64 9.44 21.93
CA VAL D 181 -12.19 8.96 23.23
C VAL D 181 -12.13 7.44 23.21
N ILE D 182 -10.93 6.92 23.41
CA ILE D 182 -10.75 5.48 23.43
C ILE D 182 -10.80 4.99 24.88
N GLY D 183 -11.72 4.07 25.16
CA GLY D 183 -11.72 3.38 26.43
C GLY D 183 -10.81 2.16 26.35
N VAL D 184 -9.89 2.06 27.30
CA VAL D 184 -8.92 0.96 27.35
C VAL D 184 -9.09 0.12 28.63
N ILE D 185 -9.31 -1.18 28.46
CA ILE D 185 -9.37 -2.11 29.59
C ILE D 185 -8.34 -3.24 29.40
N SER D 186 -7.39 -3.35 30.32
CA SER D 186 -6.24 -4.25 30.16
C SER D 186 -6.09 -5.31 31.28
N PRO D 187 -5.46 -6.47 30.95
CA PRO D 187 -5.32 -7.59 31.88
C PRO D 187 -4.00 -7.56 32.67
N TRP D 188 -3.75 -8.61 33.44
CA TRP D 188 -2.66 -8.60 34.40
C TRP D 188 -1.47 -9.45 33.98
N ASP D 189 -1.59 -10.19 32.87
CA ASP D 189 -0.52 -11.10 32.48
C ASP D 189 0.76 -10.38 32.06
N LEU D 190 0.62 -9.38 31.19
CA LEU D 190 1.72 -8.52 30.81
C LEU D 190 1.20 -7.11 30.97
N PRO D 191 1.29 -6.57 32.19
CA PRO D 191 0.55 -5.35 32.55
C PRO D 191 0.94 -4.13 31.71
N LEU D 192 2.17 -3.63 31.85
CA LEU D 192 2.56 -2.46 31.09
C LEU D 192 2.57 -2.70 29.57
N LEU D 193 3.06 -3.86 29.14
CA LEU D 193 3.13 -4.20 27.73
C LEU D 193 1.78 -4.07 27.06
N LEU D 194 0.77 -4.70 27.65
CA LEU D 194 -0.57 -4.74 27.05
C LEU D 194 -1.31 -3.42 27.19
N PHE D 195 -1.07 -2.75 28.31
CA PHE D 195 -1.63 -1.43 28.56
C PHE D 195 -1.14 -0.47 27.49
N THR D 196 0.17 -0.46 27.24
CA THR D 196 0.73 0.50 26.29
C THR D 196 0.54 0.04 24.84
N TRP D 197 0.30 -1.25 24.66
CA TRP D 197 -0.01 -1.79 23.34
C TRP D 197 -1.29 -1.13 22.80
N LYS D 198 -2.21 -0.79 23.69
CA LYS D 198 -3.46 -0.14 23.34
C LYS D 198 -3.34 1.39 23.43
N VAL D 199 -2.65 1.85 24.47
CA VAL D 199 -2.55 3.27 24.70
C VAL D 199 -1.71 4.01 23.65
N ALA D 200 -0.57 3.42 23.27
CA ALA D 200 0.30 4.05 22.26
C ALA D 200 -0.36 4.33 20.88
N PRO D 201 -0.98 3.31 20.23
CA PRO D 201 -1.62 3.65 18.95
C PRO D 201 -2.79 4.62 19.11
N ALA D 202 -3.51 4.53 20.22
CA ALA D 202 -4.60 5.45 20.49
C ALA D 202 -4.08 6.88 20.48
N LEU D 203 -3.02 7.13 21.23
CA LEU D 203 -2.48 8.49 21.27
C LEU D 203 -1.84 8.87 19.93
N ALA D 204 -1.15 7.93 19.29
CA ALA D 204 -0.46 8.21 18.04
C ALA D 204 -1.45 8.69 16.97
N CYS D 205 -2.66 8.13 17.00
CA CYS D 205 -3.70 8.52 16.06
C CYS D 205 -4.46 9.76 16.51
N GLY D 206 -4.00 10.40 17.59
CA GLY D 206 -4.56 11.68 18.02
C GLY D 206 -5.81 11.58 18.88
N ASN D 207 -6.17 10.37 19.29
CA ASN D 207 -7.27 10.17 20.23
C ASN D 207 -6.92 10.62 21.65
N THR D 208 -7.93 10.72 22.50
CA THR D 208 -7.72 10.83 23.95
C THR D 208 -8.18 9.53 24.60
N VAL D 209 -7.71 9.27 25.82
CA VAL D 209 -7.76 7.93 26.42
C VAL D 209 -8.29 7.92 27.85
N VAL D 210 -9.20 7.00 28.12
CA VAL D 210 -9.54 6.67 29.50
C VAL D 210 -9.19 5.20 29.70
N ALA D 211 -8.22 4.93 30.58
CA ALA D 211 -7.64 3.59 30.67
C ALA D 211 -7.72 2.99 32.07
N LYS D 212 -8.11 1.72 32.10
CA LYS D 212 -8.40 1.02 33.34
C LYS D 212 -7.58 -0.26 33.41
N PRO D 213 -6.43 -0.22 34.10
CA PRO D 213 -5.57 -1.39 34.19
C PRO D 213 -6.18 -2.46 35.10
N SER D 214 -5.60 -3.65 35.11
CA SER D 214 -6.13 -4.70 35.97
C SER D 214 -5.96 -4.36 37.45
N GLU D 215 -7.00 -4.64 38.24
CA GLU D 215 -6.91 -4.49 39.69
C GLU D 215 -5.70 -5.25 40.28
N GLU D 216 -5.31 -6.35 39.64
CA GLU D 216 -4.15 -7.13 40.07
C GLU D 216 -2.81 -6.52 39.67
N SER D 217 -2.79 -5.57 38.76
CA SER D 217 -1.49 -4.98 38.39
C SER D 217 -1.57 -3.48 38.09
N PRO D 218 -1.85 -2.68 39.11
CA PRO D 218 -2.14 -1.26 38.91
C PRO D 218 -0.91 -0.34 38.95
N SER D 219 0.24 -0.86 39.37
CA SER D 219 1.38 0.00 39.70
C SER D 219 2.12 0.63 38.52
N SER D 220 2.47 -0.17 37.51
CA SER D 220 3.22 0.39 36.39
C SER D 220 2.36 1.38 35.59
N ALA D 221 1.04 1.17 35.55
CA ALA D 221 0.15 2.10 34.88
C ALA D 221 0.16 3.45 35.61
N THR D 222 0.23 3.42 36.94
CA THR D 222 0.26 4.65 37.71
C THR D 222 1.57 5.41 37.48
N LEU D 223 2.67 4.68 37.38
CA LEU D 223 3.96 5.30 37.05
C LEU D 223 3.92 5.96 35.67
N LEU D 224 3.23 5.31 34.73
CA LEU D 224 3.14 5.82 33.37
C LEU D 224 2.40 7.16 33.37
N ALA D 225 1.33 7.23 34.14
CA ALA D 225 0.63 8.49 34.33
C ALA D 225 1.54 9.62 34.84
N GLU D 226 2.51 9.31 35.71
CA GLU D 226 3.48 10.30 36.17
C GLU D 226 4.40 10.70 35.02
N VAL D 227 4.80 9.73 34.21
CA VAL D 227 5.61 10.03 33.04
C VAL D 227 4.86 10.96 32.07
N MET D 228 3.57 10.71 31.90
CA MET D 228 2.76 11.52 30.99
C MET D 228 2.69 12.95 31.50
N HIS D 229 2.41 13.09 32.78
CA HIS D 229 2.34 14.40 33.41
C HIS D 229 3.66 15.14 33.27
N ASP D 230 4.75 14.46 33.61
CA ASP D 230 6.07 15.08 33.55
C ASP D 230 6.51 15.41 32.13
N ALA D 231 5.98 14.68 31.15
CA ALA D 231 6.32 14.91 29.76
C ALA D 231 5.54 16.10 29.18
N GLY D 232 4.56 16.58 29.96
CA GLY D 232 3.74 17.71 29.54
C GLY D 232 2.62 17.34 28.59
N VAL D 233 2.19 16.08 28.65
CA VAL D 233 0.98 15.66 27.94
C VAL D 233 -0.19 16.46 28.52
N PRO D 234 -0.97 17.15 27.66
CA PRO D 234 -2.03 18.07 28.11
C PRO D 234 -3.10 17.36 28.95
N PRO D 235 -3.65 18.07 29.96
CA PRO D 235 -4.68 17.55 30.86
C PRO D 235 -5.87 16.97 30.09
N GLY D 236 -6.30 15.78 30.47
CA GLY D 236 -7.43 15.14 29.81
C GLY D 236 -7.07 14.22 28.65
N VAL D 237 -5.87 14.34 28.12
CA VAL D 237 -5.46 13.48 27.00
C VAL D 237 -5.34 12.02 27.45
N PHE D 238 -4.70 11.83 28.60
CA PHE D 238 -4.54 10.49 29.16
C PHE D 238 -5.12 10.42 30.57
N ASN D 239 -6.11 9.56 30.76
CA ASN D 239 -6.74 9.42 32.06
C ASN D 239 -6.66 7.97 32.54
N LEU D 240 -6.28 7.81 33.80
CA LEU D 240 -6.08 6.51 34.41
C LEU D 240 -7.12 6.34 35.51
N ILE D 241 -7.92 5.30 35.41
CA ILE D 241 -8.92 5.01 36.45
C ILE D 241 -8.66 3.61 37.01
N HIS D 242 -8.70 3.47 38.33
CA HIS D 242 -8.47 2.18 38.98
C HIS D 242 -9.78 1.55 39.38
N GLY D 243 -9.79 0.23 39.46
CA GLY D 243 -10.98 -0.50 39.86
C GLY D 243 -11.08 -1.90 39.30
N PHE D 244 -12.27 -2.45 39.41
CA PHE D 244 -12.55 -3.81 38.98
C PHE D 244 -13.39 -3.77 37.72
N GLY D 245 -13.98 -4.90 37.35
CA GLY D 245 -14.80 -4.98 36.16
C GLY D 245 -16.26 -4.72 36.50
N LYS D 246 -16.95 -5.80 36.82
CA LYS D 246 -18.38 -5.81 37.21
C LYS D 246 -18.68 -4.82 38.32
N ASP D 247 -19.65 -3.93 38.08
CA ASP D 247 -20.08 -2.95 39.08
C ASP D 247 -18.94 -2.06 39.60
N SER D 248 -17.94 -1.83 38.75
CA SER D 248 -16.83 -0.98 39.12
C SER D 248 -16.39 -0.14 37.90
N ALA D 249 -15.23 0.50 38.02
CA ALA D 249 -14.73 1.40 36.97
C ALA D 249 -14.75 0.76 35.56
N GLY D 250 -14.45 -0.52 35.47
CA GLY D 250 -14.39 -1.23 34.19
C GLY D 250 -15.72 -1.19 33.48
N GLU D 251 -16.75 -1.65 34.17
CA GLU D 251 -18.12 -1.60 33.66
C GLU D 251 -18.60 -0.17 33.36
N PHE D 252 -18.34 0.78 34.27
CA PHE D 252 -18.76 2.16 34.09
C PHE D 252 -18.16 2.78 32.81
N LEU D 253 -16.93 2.41 32.50
CA LEU D 253 -16.29 2.87 31.27
C LEU D 253 -17.07 2.35 30.06
N THR D 254 -17.29 1.04 30.02
CA THR D 254 -17.97 0.40 28.87
C THR D 254 -19.40 0.92 28.66
N GLN D 255 -20.03 1.40 29.73
CA GLN D 255 -21.38 1.92 29.66
C GLN D 255 -21.44 3.41 29.29
N HIS D 256 -20.30 4.08 29.36
CA HIS D 256 -20.31 5.52 29.12
C HIS D 256 -20.51 5.85 27.63
N PRO D 257 -21.54 6.64 27.32
CA PRO D 257 -21.87 6.99 25.93
C PRO D 257 -20.85 7.94 25.29
N GLY D 258 -20.03 8.59 26.11
CA GLY D 258 -19.01 9.50 25.63
C GLY D 258 -17.78 8.89 24.95
N ILE D 259 -17.56 7.58 25.11
CA ILE D 259 -16.43 6.93 24.44
C ILE D 259 -16.79 6.62 22.99
N SER D 260 -15.79 6.55 22.13
CA SER D 260 -16.05 6.20 20.72
C SER D 260 -15.71 4.74 20.40
N ALA D 261 -14.88 4.12 21.22
CA ALA D 261 -14.43 2.76 20.98
C ALA D 261 -13.96 2.12 22.26
N LEU D 262 -14.03 0.80 22.33
CA LEU D 262 -13.50 0.05 23.47
C LEU D 262 -12.54 -1.03 22.99
N THR D 263 -11.28 -0.91 23.41
CA THR D 263 -10.30 -1.96 23.14
C THR D 263 -9.96 -2.73 24.42
N PHE D 264 -9.99 -4.06 24.31
CA PHE D 264 -9.92 -4.93 25.47
C PHE D 264 -9.07 -6.18 25.21
N THR D 265 -8.24 -6.52 26.19
CA THR D 265 -7.56 -7.81 26.19
C THR D 265 -7.89 -8.53 27.49
N GLY D 266 -8.28 -9.80 27.39
CA GLY D 266 -8.64 -10.56 28.57
C GLY D 266 -9.39 -11.84 28.27
N GLU D 267 -10.32 -12.18 29.16
CA GLU D 267 -11.09 -13.42 29.06
C GLU D 267 -12.17 -13.34 27.98
N SER D 268 -12.37 -14.44 27.23
CA SER D 268 -13.41 -14.47 26.19
C SER D 268 -14.80 -14.07 26.68
N LYS D 269 -15.23 -14.66 27.80
CA LYS D 269 -16.56 -14.35 28.31
C LYS D 269 -16.69 -12.88 28.71
N THR D 270 -15.59 -12.27 29.15
CA THR D 270 -15.60 -10.85 29.47
C THR D 270 -15.80 -10.03 28.19
N GLY D 271 -15.19 -10.47 27.09
CA GLY D 271 -15.38 -9.85 25.78
C GLY D 271 -16.84 -9.83 25.32
N SER D 272 -17.53 -10.94 25.53
CA SER D 272 -18.95 -11.02 25.21
C SER D 272 -19.76 -10.01 26.02
N THR D 273 -19.49 -9.97 27.33
CA THR D 273 -20.10 -8.98 28.22
C THR D 273 -19.91 -7.53 27.75
N ILE D 274 -18.68 -7.20 27.35
CA ILE D 274 -18.36 -5.84 26.93
C ILE D 274 -19.06 -5.48 25.61
N MET D 275 -19.07 -6.42 24.68
CA MET D 275 -19.75 -6.24 23.40
C MET D 275 -21.24 -5.92 23.61
N LYS D 276 -21.87 -6.62 24.55
CA LYS D 276 -23.26 -6.35 24.93
C LYS D 276 -23.42 -4.97 25.55
N ALA D 277 -22.45 -4.58 26.37
CA ALA D 277 -22.50 -3.29 27.08
C ALA D 277 -22.39 -2.08 26.14
N VAL D 278 -21.57 -2.18 25.10
CA VAL D 278 -21.36 -1.07 24.18
C VAL D 278 -22.34 -1.09 22.98
N ALA D 279 -23.19 -2.11 22.93
CA ALA D 279 -24.02 -2.35 21.74
C ALA D 279 -25.03 -1.23 21.43
N ASP D 280 -25.57 -0.60 22.46
CA ASP D 280 -26.56 0.48 22.27
C ASP D 280 -25.95 1.75 21.67
N GLY D 281 -24.66 1.96 21.87
CA GLY D 281 -23.98 3.10 21.28
C GLY D 281 -23.30 2.70 19.98
N VAL D 282 -23.50 1.44 19.58
CA VAL D 282 -22.79 0.83 18.45
C VAL D 282 -21.30 1.21 18.37
N LYS D 283 -20.62 1.16 19.52
CA LYS D 283 -19.23 1.54 19.61
C LYS D 283 -18.34 0.53 18.91
N GLU D 284 -17.25 0.99 18.32
CA GLU D 284 -16.27 0.07 17.74
C GLU D 284 -15.55 -0.68 18.86
N VAL D 285 -15.27 -1.95 18.62
CA VAL D 285 -14.59 -2.78 19.61
C VAL D 285 -13.44 -3.57 18.99
N SER D 286 -12.37 -3.72 19.75
CA SER D 286 -11.22 -4.52 19.32
C SER D 286 -10.86 -5.45 20.48
N PHE D 287 -10.96 -6.76 20.23
CA PHE D 287 -10.75 -7.77 21.28
C PHE D 287 -9.60 -8.74 21.02
N GLU D 288 -8.78 -8.98 22.04
CA GLU D 288 -7.84 -10.09 22.07
C GLU D 288 -8.20 -10.94 23.28
N LEU D 289 -8.72 -12.14 23.03
CA LEU D 289 -9.32 -12.92 24.10
C LEU D 289 -8.51 -14.17 24.43
N GLY D 290 -9.17 -15.20 24.94
CA GLY D 290 -8.46 -16.39 25.34
C GLY D 290 -7.87 -17.20 24.21
N GLY D 291 -7.15 -18.26 24.57
CA GLY D 291 -6.79 -19.31 23.65
C GLY D 291 -6.67 -20.64 24.37
N LYS D 292 -6.54 -21.71 23.61
CA LYS D 292 -6.05 -22.96 24.16
C LYS D 292 -5.06 -23.43 23.12
N ASN D 293 -3.88 -22.82 23.14
CA ASN D 293 -2.96 -22.92 22.01
C ASN D 293 -2.17 -24.21 21.96
N ALA D 294 -1.88 -24.65 20.75
CA ALA D 294 -1.14 -25.89 20.55
C ALA D 294 0.31 -25.63 20.12
N ALA D 295 1.19 -26.56 20.47
CA ALA D 295 2.49 -26.66 19.83
C ALA D 295 2.50 -28.03 19.14
N VAL D 296 3.06 -28.09 17.94
CA VAL D 296 3.13 -29.32 17.19
C VAL D 296 4.57 -29.59 16.84
N VAL D 297 5.07 -30.77 17.21
CA VAL D 297 6.44 -31.17 16.91
C VAL D 297 6.44 -32.36 15.94
N PHE D 298 6.91 -32.11 14.72
CA PHE D 298 6.98 -33.16 13.71
C PHE D 298 8.25 -33.99 13.87
N ALA D 299 8.22 -35.21 13.32
CA ALA D 299 9.34 -36.13 13.45
C ALA D 299 10.63 -35.48 12.93
N ASP D 300 10.52 -34.60 11.95
CA ASP D 300 11.73 -33.97 11.37
C ASP D 300 12.19 -32.67 12.06
N ALA D 301 11.67 -32.42 13.26
CA ALA D 301 12.08 -31.24 14.02
C ALA D 301 13.48 -31.42 14.58
N ASP D 302 14.16 -30.30 14.79
CA ASP D 302 15.33 -30.27 15.64
C ASP D 302 14.80 -30.54 17.03
N LEU D 303 14.98 -31.76 17.51
CA LEU D 303 14.35 -32.21 18.75
C LEU D 303 14.74 -31.41 20.01
N ASP D 304 16.03 -31.14 20.19
CA ASP D 304 16.48 -30.40 21.36
C ASP D 304 15.95 -28.97 21.35
N ALA D 305 15.91 -28.37 20.16
CA ALA D 305 15.35 -27.03 20.00
C ALA D 305 13.86 -27.03 20.33
N ALA D 306 13.16 -28.06 19.88
CA ALA D 306 11.72 -28.19 20.12
C ALA D 306 11.40 -28.35 21.60
N ILE D 307 12.16 -29.20 22.29
CA ILE D 307 12.01 -29.38 23.72
C ILE D 307 12.24 -28.05 24.45
N GLU D 308 13.30 -27.38 24.07
CA GLU D 308 13.61 -26.07 24.62
C GLU D 308 12.48 -25.06 24.30
N GLY D 309 11.99 -25.10 23.06
CA GLY D 309 10.95 -24.17 22.63
C GLY D 309 9.64 -24.35 23.36
N VAL D 310 9.24 -25.60 23.54
CA VAL D 310 7.99 -25.92 24.23
C VAL D 310 8.08 -25.61 25.71
N LEU D 311 9.29 -25.75 26.25
CA LEU D 311 9.53 -25.35 27.63
C LEU D 311 9.18 -23.87 27.85
N ARG D 312 9.76 -22.99 27.04
CA ARG D 312 9.46 -21.57 27.19
C ARG D 312 8.00 -21.25 26.83
N SER D 313 7.45 -21.92 25.82
CA SER D 313 6.08 -21.62 25.41
C SER D 313 5.03 -22.09 26.43
N SER D 314 5.41 -23.04 27.29
CA SER D 314 4.49 -23.54 28.30
C SER D 314 4.64 -22.85 29.65
N PHE D 315 5.87 -22.42 29.96
CA PHE D 315 6.17 -22.01 31.34
C PHE D 315 6.64 -20.57 31.50
N THR D 316 6.79 -19.85 30.38
CA THR D 316 7.14 -18.43 30.45
C THR D 316 6.08 -17.69 31.26
N ASN D 317 6.52 -16.75 32.09
CA ASN D 317 5.64 -16.01 32.99
C ASN D 317 4.76 -16.96 33.82
N SER D 318 5.31 -18.12 34.15
CA SER D 318 4.57 -19.19 34.84
C SER D 318 3.30 -19.63 34.09
N GLY D 319 3.39 -19.65 32.76
CA GLY D 319 2.30 -20.12 31.93
C GLY D 319 1.14 -19.16 31.82
N GLN D 320 1.34 -17.94 32.33
CA GLN D 320 0.29 -16.95 32.38
C GLN D 320 0.43 -15.95 31.22
N VAL D 321 0.42 -16.45 30.00
CA VAL D 321 0.35 -15.61 28.81
C VAL D 321 -0.72 -16.21 27.92
N CYS D 322 -1.56 -15.36 27.30
CA CYS D 322 -2.60 -15.82 26.38
CA CYS D 322 -2.60 -15.85 26.40
C CYS D 322 -2.00 -16.70 25.28
N LEU D 323 -0.75 -16.42 24.95
CA LEU D 323 -0.05 -17.10 23.87
C LEU D 323 0.59 -18.46 24.23
N CYS D 324 0.57 -18.84 25.51
CA CYS D 324 1.19 -20.10 25.93
C CYS D 324 0.60 -21.37 25.32
N SER D 325 1.44 -22.38 25.13
CA SER D 325 0.97 -23.68 24.65
C SER D 325 0.55 -24.57 25.80
N GLU D 326 -0.75 -24.86 25.89
CA GLU D 326 -1.25 -25.80 26.90
C GLU D 326 -1.59 -27.18 26.31
N ARG D 327 -1.60 -27.28 24.98
CA ARG D 327 -1.69 -28.57 24.31
C ARG D 327 -0.47 -28.74 23.45
N VAL D 328 0.10 -29.94 23.46
CA VAL D 328 1.28 -30.24 22.67
C VAL D 328 1.07 -31.56 21.93
N TYR D 329 1.32 -31.55 20.64
CA TYR D 329 1.21 -32.76 19.84
C TYR D 329 2.60 -33.10 19.31
N VAL D 330 3.06 -34.32 19.59
CA VAL D 330 4.39 -34.75 19.17
C VAL D 330 4.27 -36.05 18.37
N HIS D 331 5.02 -36.16 17.27
CA HIS D 331 4.89 -37.35 16.46
C HIS D 331 5.24 -38.59 17.28
N ARG D 332 4.55 -39.69 17.02
CA ARG D 332 4.70 -40.91 17.82
C ARG D 332 6.15 -41.37 17.93
N SER D 333 6.90 -41.30 16.83
CA SER D 333 8.25 -41.83 16.79
C SER D 333 9.24 -41.12 17.72
N ILE D 334 8.85 -39.97 18.24
CA ILE D 334 9.75 -39.19 19.08
C ILE D 334 9.08 -38.80 20.39
N PHE D 335 7.83 -39.23 20.55
CA PHE D 335 7.04 -38.87 21.72
C PHE D 335 7.71 -39.15 23.09
N ASP D 336 8.23 -40.36 23.27
CA ASP D 336 8.81 -40.73 24.56
C ASP D 336 10.06 -39.94 24.89
N GLU D 337 10.93 -39.78 23.90
CA GLU D 337 12.13 -38.99 24.06
C GLU D 337 11.81 -37.51 24.30
N PHE D 338 10.77 -37.01 23.64
CA PHE D 338 10.35 -35.63 23.88
C PHE D 338 9.88 -35.42 25.32
N VAL D 339 8.97 -36.28 25.76
CA VAL D 339 8.42 -36.18 27.11
C VAL D 339 9.54 -36.32 28.16
N SER D 340 10.49 -37.22 27.91
CA SER D 340 11.61 -37.43 28.82
C SER D 340 12.50 -36.19 28.92
N GLY D 341 12.83 -35.63 27.76
CA GLY D 341 13.66 -34.45 27.71
C GLY D 341 12.97 -33.26 28.35
N LEU D 342 11.68 -33.13 28.11
CA LEU D 342 10.93 -31.99 28.65
C LEU D 342 10.86 -32.09 30.15
N LYS D 343 10.55 -33.29 30.65
CA LYS D 343 10.50 -33.58 32.08
C LYS D 343 11.77 -33.08 32.76
N VAL D 344 12.90 -33.48 32.20
CA VAL D 344 14.21 -33.10 32.73
C VAL D 344 14.40 -31.58 32.79
N GLU D 345 14.13 -30.90 31.67
CA GLU D 345 14.28 -29.44 31.61
C GLU D 345 13.30 -28.77 32.55
N ALA D 346 12.07 -29.27 32.60
CA ALA D 346 11.03 -28.68 33.44
C ALA D 346 11.43 -28.74 34.92
N GLU D 347 12.03 -29.85 35.32
CA GLU D 347 12.41 -30.07 36.71
C GLU D 347 13.63 -29.24 37.10
N ARG D 348 14.41 -28.82 36.11
CA ARG D 348 15.54 -27.91 36.34
C ARG D 348 15.10 -26.45 36.51
N LEU D 349 13.84 -26.14 36.20
CA LEU D 349 13.35 -24.77 36.34
C LEU D 349 13.38 -24.31 37.79
N VAL D 350 14.06 -23.19 38.02
CA VAL D 350 14.15 -22.58 39.34
C VAL D 350 12.90 -21.73 39.68
N VAL D 351 12.12 -22.19 40.65
CA VAL D 351 10.92 -21.49 41.10
C VAL D 351 11.22 -20.74 42.41
N GLY D 352 11.22 -19.41 42.37
CA GLY D 352 11.56 -18.63 43.56
C GLY D 352 11.33 -17.14 43.50
N TYR D 353 12.18 -16.39 44.21
CA TYR D 353 12.11 -14.93 44.20
C TYR D 353 12.41 -14.36 42.82
N PRO D 354 11.74 -13.25 42.46
CA PRO D 354 11.97 -12.58 41.18
C PRO D 354 13.44 -12.21 40.95
N ASP D 355 14.14 -11.91 42.04
CA ASP D 355 15.52 -11.42 41.97
C ASP D 355 16.53 -12.53 42.29
N GLN D 356 16.02 -13.72 42.61
CA GLN D 356 16.86 -14.86 42.93
C GLN D 356 17.75 -15.25 41.75
N ASP D 357 19.01 -15.59 42.02
CA ASP D 357 19.94 -15.98 40.97
C ASP D 357 19.46 -17.23 40.23
N GLY D 358 19.34 -17.11 38.91
CA GLY D 358 18.95 -18.22 38.07
C GLY D 358 17.47 -18.56 38.14
N VAL D 359 16.67 -17.71 38.76
CA VAL D 359 15.21 -17.94 38.82
C VAL D 359 14.59 -18.01 37.41
N ASN D 360 13.67 -18.94 37.21
CA ASN D 360 12.98 -19.12 35.94
C ASN D 360 11.48 -18.79 36.05
N MET D 361 10.90 -19.08 37.21
CA MET D 361 9.48 -18.85 37.47
C MET D 361 9.23 -18.14 38.79
N GLY D 362 8.30 -17.19 38.77
CA GLY D 362 7.81 -16.59 40.00
C GLY D 362 6.50 -17.29 40.29
N PRO D 363 5.71 -16.72 41.21
CA PRO D 363 4.38 -17.27 41.54
C PRO D 363 3.35 -16.96 40.47
N LEU D 364 2.13 -17.46 40.68
CA LEU D 364 0.96 -17.02 39.93
C LEU D 364 0.60 -15.63 40.43
N ILE D 365 -0.28 -14.95 39.69
CA ILE D 365 -0.64 -13.56 40.00
C ILE D 365 -1.30 -13.41 41.38
N SER D 366 -2.06 -14.41 41.81
CA SER D 366 -2.82 -14.27 43.05
C SER D 366 -3.27 -15.60 43.63
N HIS D 367 -3.75 -15.56 44.87
CA HIS D 367 -4.26 -16.76 45.53
C HIS D 367 -5.51 -17.28 44.85
N GLY D 368 -6.42 -16.37 44.52
CA GLY D 368 -7.64 -16.73 43.81
C GLY D 368 -7.33 -17.42 42.51
N HIS D 369 -6.34 -16.90 41.78
CA HIS D 369 -5.94 -17.55 40.54
C HIS D 369 -5.26 -18.89 40.82
N ARG D 370 -4.51 -18.97 41.91
CA ARG D 370 -3.90 -20.25 42.26
C ARG D 370 -4.98 -21.27 42.57
N ASP D 371 -6.06 -20.83 43.21
CA ASP D 371 -7.16 -21.74 43.50
C ASP D 371 -7.76 -22.32 42.22
N LYS D 372 -7.88 -21.48 41.19
CA LYS D 372 -8.41 -21.95 39.91
C LYS D 372 -7.46 -22.97 39.30
N VAL D 373 -6.18 -22.63 39.23
CA VAL D 373 -5.20 -23.53 38.63
C VAL D 373 -5.11 -24.86 39.38
N LEU D 374 -5.11 -24.81 40.71
CA LEU D 374 -5.04 -26.03 41.50
C LEU D 374 -6.27 -26.91 41.30
N SER D 375 -7.43 -26.28 41.13
CA SER D 375 -8.64 -27.04 40.84
C SER D 375 -8.58 -27.73 39.47
N TYR D 376 -7.77 -27.20 38.56
CA TYR D 376 -7.51 -27.89 37.30
C TYR D 376 -6.50 -29.03 37.49
N TYR D 377 -5.52 -28.83 38.36
CA TYR D 377 -4.58 -29.91 38.66
C TYR D 377 -5.34 -31.15 39.18
N ARG D 378 -6.28 -30.92 40.10
CA ARG D 378 -7.15 -31.98 40.61
C ARG D 378 -8.01 -32.56 39.50
N LEU D 379 -8.65 -31.70 38.71
CA LEU D 379 -9.52 -32.16 37.63
C LEU D 379 -8.77 -33.05 36.64
N ALA D 380 -7.48 -32.78 36.45
CA ALA D 380 -6.69 -33.57 35.52
C ALA D 380 -6.53 -35.02 36.00
N VAL D 381 -6.28 -35.16 37.30
CA VAL D 381 -6.12 -36.46 37.92
C VAL D 381 -7.42 -37.24 37.82
N ASP D 382 -8.51 -36.61 38.26
CA ASP D 382 -9.83 -37.22 38.18
C ASP D 382 -10.17 -37.63 36.74
N GLU D 383 -9.64 -36.90 35.76
CA GLU D 383 -9.92 -37.22 34.36
C GLU D 383 -9.03 -38.35 33.84
N GLY D 384 -8.05 -38.76 34.64
CA GLY D 384 -7.22 -39.91 34.29
C GLY D 384 -5.83 -39.57 33.79
N ALA D 385 -5.40 -38.33 33.99
CA ALA D 385 -4.11 -37.90 33.48
C ALA D 385 -2.96 -38.57 34.23
N THR D 386 -1.87 -38.81 33.51
CA THR D 386 -0.60 -39.20 34.12
C THR D 386 0.22 -37.94 34.43
N VAL D 387 0.54 -37.72 35.70
CA VAL D 387 1.35 -36.55 36.08
C VAL D 387 2.83 -36.83 35.91
N VAL D 388 3.37 -36.39 34.78
CA VAL D 388 4.77 -36.58 34.45
C VAL D 388 5.65 -35.79 35.41
N THR D 389 5.22 -34.58 35.75
CA THR D 389 5.95 -33.74 36.69
C THR D 389 5.06 -32.66 37.30
N GLY D 390 5.49 -32.13 38.45
CA GLY D 390 4.73 -31.11 39.15
C GLY D 390 3.38 -31.57 39.66
N GLY D 391 2.36 -30.74 39.50
CA GLY D 391 1.02 -31.11 39.90
C GLY D 391 0.67 -30.66 41.31
N GLY D 392 1.55 -29.88 41.93
CA GLY D 392 1.30 -29.37 43.26
C GLY D 392 1.91 -27.99 43.46
N VAL D 393 2.19 -27.63 44.71
CA VAL D 393 2.87 -26.37 44.99
C VAL D 393 4.20 -26.63 45.68
N PRO D 394 5.23 -25.84 45.34
CA PRO D 394 6.52 -26.03 46.00
C PRO D 394 6.46 -25.67 47.48
N LYS D 395 7.39 -26.21 48.27
CA LYS D 395 7.50 -25.86 49.68
C LYS D 395 8.79 -25.09 49.90
N PHE D 396 8.68 -23.89 50.48
CA PHE D 396 9.87 -23.05 50.65
C PHE D 396 10.35 -22.99 52.10
N ASN D 397 9.42 -23.18 53.03
CA ASN D 397 9.68 -22.95 54.45
C ASN D 397 10.17 -21.53 54.73
N ASP D 398 9.54 -20.56 54.08
CA ASP D 398 9.74 -19.14 54.37
C ASP D 398 8.49 -18.33 53.94
N GLU D 399 8.66 -17.01 53.78
CA GLU D 399 7.55 -16.12 53.43
C GLU D 399 6.79 -16.56 52.16
N ARG D 400 7.53 -17.14 51.20
CA ARG D 400 6.95 -17.59 49.93
C ARG D 400 5.83 -18.62 50.08
N ASP D 401 5.74 -19.28 51.23
CA ASP D 401 4.65 -20.22 51.45
C ASP D 401 3.33 -19.47 51.67
N GLN D 402 3.42 -18.19 51.99
CA GLN D 402 2.23 -17.34 52.04
C GLN D 402 1.91 -16.73 50.66
N GLY D 403 2.73 -17.06 49.67
CA GLY D 403 2.54 -16.56 48.31
C GLY D 403 1.61 -17.43 47.49
N ALA D 404 1.66 -17.29 46.17
CA ALA D 404 0.79 -18.04 45.29
C ALA D 404 1.56 -18.85 44.25
N TYR D 405 2.57 -19.58 44.70
CA TYR D 405 3.33 -20.45 43.80
C TYR D 405 2.62 -21.78 43.50
N VAL D 406 2.80 -22.25 42.26
CA VAL D 406 2.55 -23.64 41.89
C VAL D 406 3.78 -24.13 41.14
N GLN D 407 3.80 -25.44 40.87
CA GLN D 407 4.90 -26.06 40.16
C GLN D 407 4.61 -26.16 38.66
N PRO D 408 5.66 -26.10 37.82
CA PRO D 408 5.49 -26.47 36.41
C PRO D 408 5.01 -27.91 36.26
N THR D 409 3.96 -28.11 35.46
CA THR D 409 3.28 -29.40 35.39
C THR D 409 3.17 -29.89 33.94
N ILE D 410 3.40 -31.19 33.75
CA ILE D 410 3.18 -31.86 32.47
C ILE D 410 2.24 -33.03 32.70
N TRP D 411 1.20 -33.13 31.87
CA TRP D 411 0.31 -34.28 31.87
C TRP D 411 0.46 -35.05 30.58
N THR D 412 0.16 -36.35 30.62
CA THR D 412 -0.10 -37.13 29.41
C THR D 412 -1.35 -37.95 29.67
N GLY D 413 -1.83 -38.66 28.64
CA GLY D 413 -2.85 -39.67 28.83
C GLY D 413 -4.29 -39.21 28.73
N LEU D 414 -4.52 -37.96 28.36
CA LEU D 414 -5.88 -37.46 28.27
C LEU D 414 -6.44 -37.54 26.85
N SER D 415 -7.76 -37.64 26.76
CA SER D 415 -8.45 -37.63 25.49
C SER D 415 -8.57 -36.20 24.95
N ASP D 416 -8.73 -36.07 23.64
CA ASP D 416 -8.86 -34.77 23.01
C ASP D 416 -10.09 -34.02 23.51
N LYS D 417 -11.04 -34.75 24.09
CA LYS D 417 -12.28 -34.16 24.62
C LYS D 417 -12.25 -33.80 26.11
N ALA D 418 -11.25 -34.29 26.83
CA ALA D 418 -11.06 -33.93 28.25
C ALA D 418 -11.11 -32.41 28.50
N ARG D 419 -11.67 -32.00 29.62
CA ARG D 419 -11.81 -30.57 29.95
C ARG D 419 -10.44 -29.92 30.11
N CYS D 420 -9.46 -30.69 30.58
CA CYS D 420 -8.13 -30.16 30.81
C CYS D 420 -7.35 -29.88 29.54
N VAL D 421 -7.82 -30.44 28.44
CA VAL D 421 -7.15 -30.22 27.16
C VAL D 421 -7.99 -29.27 26.29
N THR D 422 -9.19 -28.93 26.73
CA THR D 422 -10.03 -28.03 25.95
C THR D 422 -10.17 -26.65 26.58
N GLU D 423 -10.19 -26.59 27.90
CA GLU D 423 -10.37 -25.32 28.61
C GLU D 423 -9.05 -24.64 29.03
N GLU D 424 -9.02 -23.32 28.92
CA GLU D 424 -7.85 -22.51 29.26
C GLU D 424 -7.60 -22.48 30.77
N ILE D 425 -6.45 -22.99 31.18
CA ILE D 425 -6.07 -23.02 32.59
C ILE D 425 -5.32 -21.75 33.02
N PHE D 426 -4.40 -21.29 32.15
CA PHE D 426 -3.61 -20.10 32.41
C PHE D 426 -2.65 -20.30 33.59
N GLY D 427 -2.05 -21.48 33.63
CA GLY D 427 -1.04 -21.82 34.60
C GLY D 427 0.15 -22.46 33.89
N PRO D 428 1.21 -22.79 34.64
CA PRO D 428 2.40 -23.34 33.99
C PRO D 428 2.22 -24.84 33.76
N VAL D 429 1.42 -25.17 32.75
CA VAL D 429 1.03 -26.55 32.53
C VAL D 429 0.92 -26.83 31.04
N CYS D 430 1.23 -28.07 30.65
CA CYS D 430 0.88 -28.53 29.32
C CYS D 430 0.56 -30.02 29.31
N HIS D 431 -0.32 -30.41 28.39
CA HIS D 431 -0.59 -31.80 28.14
C HIS D 431 0.05 -32.19 26.81
N ILE D 432 0.72 -33.33 26.81
CA ILE D 432 1.39 -33.82 25.61
C ILE D 432 0.71 -35.07 25.10
N SER D 433 0.51 -35.12 23.79
CA SER D 433 -0.23 -36.18 23.14
C SER D 433 0.52 -36.62 21.89
N PRO D 434 0.57 -37.94 21.63
CA PRO D 434 1.17 -38.38 20.37
C PRO D 434 0.23 -38.18 19.17
N PHE D 435 0.78 -38.05 17.96
CA PHE D 435 0.01 -38.08 16.71
C PHE D 435 0.78 -38.83 15.62
N ASP D 436 0.12 -39.15 14.53
CA ASP D 436 0.73 -39.94 13.47
C ASP D 436 0.82 -39.24 12.13
N ASP D 437 -0.28 -38.61 11.73
CA ASP D 437 -0.40 -38.06 10.40
C ASP D 437 -0.54 -36.55 10.40
N GLU D 438 -0.06 -35.93 9.33
CA GLU D 438 -0.11 -34.48 9.20
C GLU D 438 -1.55 -33.94 9.22
N ASP D 439 -2.42 -34.48 8.38
CA ASP D 439 -3.80 -34.04 8.34
C ASP D 439 -4.55 -34.31 9.66
N GLU D 440 -4.20 -35.40 10.33
CA GLU D 440 -4.80 -35.75 11.61
C GLU D 440 -4.53 -34.65 12.64
N VAL D 441 -3.25 -34.33 12.81
CA VAL D 441 -2.85 -33.33 13.79
C VAL D 441 -3.39 -31.93 13.46
N ILE D 442 -3.46 -31.58 12.17
CA ILE D 442 -4.06 -30.33 11.74
C ILE D 442 -5.51 -30.25 12.21
N ASN D 443 -6.27 -31.32 11.97
CA ASN D 443 -7.66 -31.37 12.41
C ASN D 443 -7.78 -31.28 13.93
N ARG D 444 -6.84 -31.89 14.65
CA ARG D 444 -6.86 -31.86 16.12
C ARG D 444 -6.50 -30.47 16.70
N VAL D 445 -5.54 -29.79 16.08
CA VAL D 445 -5.24 -28.42 16.48
C VAL D 445 -6.47 -27.54 16.27
N ASN D 446 -7.13 -27.71 15.13
CA ASN D 446 -8.28 -26.89 14.75
C ASN D 446 -9.59 -27.22 15.46
N ASP D 447 -9.64 -28.39 16.11
CA ASP D 447 -10.82 -28.83 16.84
C ASP D 447 -10.89 -28.10 18.19
N SER D 448 -11.29 -26.85 18.13
CA SER D 448 -11.27 -25.96 19.29
C SER D 448 -12.18 -24.74 19.04
N ASN D 449 -12.77 -24.21 20.10
CA ASN D 449 -13.57 -23.00 19.99
C ASN D 449 -12.68 -21.76 20.00
N TYR D 450 -11.39 -21.98 20.28
CA TYR D 450 -10.40 -20.91 20.31
C TYR D 450 -9.52 -20.99 19.07
N GLY D 451 -8.78 -19.92 18.81
CA GLY D 451 -7.81 -19.92 17.73
C GLY D 451 -6.91 -18.69 17.78
N LEU D 452 -6.11 -18.57 18.85
CA LEU D 452 -5.21 -17.44 18.97
C LEU D 452 -3.89 -17.67 18.24
N ALA D 453 -3.16 -18.71 18.64
CA ALA D 453 -1.82 -18.92 18.13
C ALA D 453 -1.43 -20.38 18.13
N CYS D 454 -0.37 -20.71 17.40
CA CYS D 454 0.09 -22.07 17.34
C CYS D 454 1.58 -22.05 16.99
N ALA D 455 2.34 -23.01 17.53
CA ALA D 455 3.75 -23.13 17.21
C ALA D 455 4.02 -24.49 16.58
N ILE D 456 4.82 -24.52 15.53
CA ILE D 456 5.06 -25.74 14.77
C ILE D 456 6.55 -25.96 14.68
N TRP D 457 7.00 -27.20 14.86
CA TRP D 457 8.42 -27.50 14.74
C TRP D 457 8.69 -28.52 13.64
N THR D 458 9.41 -28.07 12.61
CA THR D 458 9.80 -28.92 11.48
C THR D 458 10.96 -28.27 10.74
N THR D 459 11.84 -29.10 10.18
CA THR D 459 12.96 -28.60 9.39
C THR D 459 12.65 -28.60 7.90
N ASN D 460 11.49 -29.13 7.56
CA ASN D 460 11.10 -29.34 6.17
C ASN D 460 10.41 -28.10 5.57
N LEU D 461 10.94 -27.62 4.45
CA LEU D 461 10.42 -26.42 3.78
C LEU D 461 8.93 -26.50 3.39
N SER D 462 8.58 -27.53 2.63
CA SER D 462 7.21 -27.68 2.19
C SER D 462 6.25 -27.85 3.34
N ARG D 463 6.62 -28.69 4.28
CA ARG D 463 5.75 -28.93 5.43
C ARG D 463 5.49 -27.66 6.23
N ALA D 464 6.54 -26.84 6.41
CA ALA D 464 6.35 -25.63 7.17
C ALA D 464 5.27 -24.73 6.56
N HIS D 465 5.34 -24.48 5.26
CA HIS D 465 4.40 -23.56 4.61
C HIS D 465 3.02 -24.19 4.36
N ARG D 466 3.02 -25.47 4.07
CA ARG D 466 1.79 -26.22 3.80
C ARG D 466 0.93 -26.33 5.06
N VAL D 467 1.56 -26.65 6.17
CA VAL D 467 0.83 -26.85 7.42
C VAL D 467 0.44 -25.54 8.09
N SER D 468 1.34 -24.57 8.07
CA SER D 468 1.07 -23.26 8.68
C SER D 468 -0.23 -22.65 8.19
N ARG D 469 -0.40 -22.63 6.87
CA ARG D 469 -1.56 -21.99 6.26
C ARG D 469 -2.87 -22.71 6.59
N GLN D 470 -2.80 -23.95 7.07
CA GLN D 470 -4.01 -24.70 7.37
C GLN D 470 -4.43 -24.61 8.83
N ILE D 471 -3.62 -23.98 9.65
CA ILE D 471 -3.95 -23.83 11.07
C ILE D 471 -4.85 -22.62 11.25
N HIS D 472 -5.99 -22.85 11.87
CA HIS D 472 -7.00 -21.79 11.98
C HIS D 472 -6.77 -20.93 13.23
N VAL D 473 -5.70 -20.13 13.20
CA VAL D 473 -5.37 -19.19 14.29
C VAL D 473 -4.93 -17.86 13.70
N GLY D 474 -4.78 -16.85 14.55
CA GLY D 474 -4.26 -15.56 14.14
C GLY D 474 -2.76 -15.55 13.87
N LEU D 475 -1.99 -16.27 14.71
CA LEU D 475 -0.52 -16.28 14.65
C LEU D 475 0.06 -17.71 14.64
N VAL D 476 0.85 -18.03 13.62
CA VAL D 476 1.60 -19.28 13.61
C VAL D 476 3.09 -18.96 13.72
N TRP D 477 3.81 -19.63 14.62
CA TRP D 477 5.27 -19.54 14.67
C TRP D 477 5.87 -20.86 14.21
N VAL D 478 6.90 -20.79 13.38
CA VAL D 478 7.61 -21.99 12.97
C VAL D 478 9.02 -21.98 13.56
N ASN D 479 9.33 -22.99 14.38
CA ASN D 479 10.62 -23.13 15.06
C ASN D 479 10.94 -21.98 16.03
N THR D 480 9.90 -21.41 16.61
CA THR D 480 10.06 -20.37 17.61
C THR D 480 8.70 -20.16 18.27
N TRP D 481 8.63 -19.15 19.13
CA TRP D 481 7.39 -18.82 19.81
C TRP D 481 7.45 -17.40 20.33
N TYR D 482 6.31 -16.72 20.30
CA TYR D 482 6.20 -15.35 20.78
C TYR D 482 7.34 -14.47 20.29
N LEU D 483 7.67 -14.60 19.01
CA LEU D 483 8.63 -13.75 18.35
C LEU D 483 7.82 -12.65 17.67
N ARG D 484 8.07 -11.39 18.05
CA ARG D 484 7.18 -10.29 17.66
C ARG D 484 7.80 -9.18 16.81
N ASP D 485 7.22 -8.99 15.63
CA ASP D 485 7.42 -7.80 14.80
C ASP D 485 6.14 -6.95 14.98
N LEU D 486 6.28 -5.77 15.56
CA LEU D 486 5.13 -4.94 15.91
C LEU D 486 4.33 -4.40 14.71
N ARG D 487 4.85 -4.59 13.50
CA ARG D 487 4.11 -4.22 12.28
C ARG D 487 3.05 -5.24 11.86
N THR D 488 3.20 -6.50 12.26
CA THR D 488 2.31 -7.56 11.79
C THR D 488 0.90 -7.47 12.41
N PRO D 489 -0.11 -8.04 11.71
CA PRO D 489 -1.43 -8.17 12.34
C PRO D 489 -1.36 -9.10 13.53
N PHE D 490 -2.03 -8.71 14.59
CA PHE D 490 -2.01 -9.49 15.80
C PHE D 490 -3.44 -9.63 16.33
N GLY D 491 -3.82 -10.87 16.62
CA GLY D 491 -5.16 -11.16 17.09
C GLY D 491 -5.53 -12.61 16.92
N GLY D 492 -6.77 -12.96 17.28
CA GLY D 492 -7.22 -14.33 17.19
C GLY D 492 -8.54 -14.49 16.45
N VAL D 493 -8.79 -15.71 15.97
CA VAL D 493 -10.04 -16.01 15.30
C VAL D 493 -11.02 -16.68 16.29
N LYS D 494 -12.26 -16.83 15.86
CA LYS D 494 -13.27 -17.53 16.66
C LYS D 494 -13.41 -16.87 18.03
N LEU D 495 -13.45 -17.67 19.10
CA LEU D 495 -13.61 -17.08 20.44
C LEU D 495 -12.36 -16.35 20.94
N SER D 496 -11.29 -16.39 20.16
CA SER D 496 -10.01 -15.84 20.62
C SER D 496 -9.85 -14.37 20.33
N GLY D 497 -10.81 -13.78 19.64
CA GLY D 497 -10.73 -12.35 19.37
C GLY D 497 -11.68 -11.77 18.37
N LEU D 498 -11.55 -10.46 18.22
CA LEU D 498 -12.37 -9.71 17.28
C LEU D 498 -11.51 -8.56 16.78
N GLY D 499 -11.34 -8.49 15.46
CA GLY D 499 -10.47 -7.49 14.84
C GLY D 499 -9.01 -7.89 14.88
N ARG D 500 -8.15 -7.02 14.36
CA ARG D 500 -6.70 -7.18 14.47
C ARG D 500 -6.10 -5.87 14.94
N GLU D 501 -4.98 -5.96 15.65
CA GLU D 501 -4.21 -4.78 15.97
C GLU D 501 -2.76 -4.96 15.49
N GLY D 502 -1.95 -3.92 15.62
CA GLY D 502 -0.58 -3.97 15.13
C GLY D 502 -0.44 -3.35 13.75
N GLY D 503 0.70 -2.70 13.52
CA GLY D 503 0.96 -2.02 12.25
C GLY D 503 -0.21 -1.18 11.76
N ARG D 504 -0.51 -1.30 10.47
CA ARG D 504 -1.61 -0.55 9.85
C ARG D 504 -3.00 -0.95 10.40
N PHE D 505 -3.12 -2.15 10.97
CA PHE D 505 -4.40 -2.58 11.53
C PHE D 505 -4.78 -1.76 12.77
N SER D 506 -3.78 -1.41 13.57
CA SER D 506 -3.99 -0.49 14.68
C SER D 506 -4.24 0.93 14.16
N MET D 507 -3.48 1.36 13.15
CA MET D 507 -3.71 2.70 12.59
C MET D 507 -5.13 2.81 12.06
N ASP D 508 -5.67 1.71 11.51
CA ASP D 508 -7.06 1.67 11.05
C ASP D 508 -8.07 1.71 12.19
N PHE D 509 -7.86 0.88 13.21
CA PHE D 509 -8.85 0.82 14.29
C PHE D 509 -8.92 2.10 15.11
N TYR D 510 -7.76 2.66 15.47
CA TYR D 510 -7.72 3.86 16.29
C TYR D 510 -7.98 5.16 15.52
N SER D 511 -8.29 5.03 14.24
CA SER D 511 -8.55 6.20 13.40
C SER D 511 -9.92 6.13 12.76
N ASP D 512 -10.52 7.30 12.59
CA ASP D 512 -11.67 7.46 11.74
C ASP D 512 -11.14 7.79 10.33
N ILE D 513 -11.36 6.87 9.39
CA ILE D 513 -11.00 7.13 8.01
C ILE D 513 -12.24 7.70 7.33
N ALA D 514 -12.17 8.94 6.88
CA ALA D 514 -13.35 9.58 6.29
C ALA D 514 -13.12 9.89 4.82
N ASN D 515 -14.16 9.68 4.01
CA ASN D 515 -14.06 9.91 2.58
C ASN D 515 -14.65 11.27 2.14
N ILE D 516 -13.87 12.04 1.38
CA ILE D 516 -14.33 13.31 0.83
C ILE D 516 -14.37 13.25 -0.70
N CYS D 517 -15.54 13.51 -1.27
CA CYS D 517 -15.71 13.52 -2.71
C CYS D 517 -15.90 14.93 -3.31
N ILE D 518 -14.98 15.35 -4.16
CA ILE D 518 -15.09 16.64 -4.86
C ILE D 518 -15.58 16.45 -6.28
N LYS D 519 -16.78 16.92 -6.59
CA LYS D 519 -17.23 16.98 -7.98
C LYS D 519 -16.52 18.14 -8.64
N ILE D 520 -15.87 17.90 -9.77
CA ILE D 520 -15.08 18.96 -10.39
C ILE D 520 -15.86 19.81 -11.41
#